data_4Z85
# 
_entry.id   4Z85 
# 
_audit_conform.dict_name       mmcif_pdbx.dic 
_audit_conform.dict_version    5.380 
_audit_conform.dict_location   http://mmcif.pdb.org/dictionaries/ascii/mmcif_pdbx.dic 
# 
loop_
_database_2.database_id 
_database_2.database_code 
_database_2.pdbx_database_accession 
_database_2.pdbx_DOI 
PDB   4Z85         pdb_00004z85 10.2210/pdb4z85/pdb 
WWPDB D_1000208796 ?            ?                   
# 
_pdbx_database_status.status_code                     REL 
_pdbx_database_status.status_code_sf                  REL 
_pdbx_database_status.status_code_mr                  ? 
_pdbx_database_status.entry_id                        4Z85 
_pdbx_database_status.recvd_initial_deposition_date   2015-04-08 
_pdbx_database_status.SG_entry                        N 
_pdbx_database_status.deposit_site                    RCSB 
_pdbx_database_status.process_site                    PDBJ 
_pdbx_database_status.status_code_cs                  ? 
_pdbx_database_status.methods_development_category    ? 
_pdbx_database_status.pdb_format_compatible           Y 
_pdbx_database_status.status_code_nmr_data            ? 
# 
loop_
_audit_author.name 
_audit_author.pdbx_ordinal 
'Ha, N.C.'  1 
'Jiao, L.'  2 
'Kim, J.S.' 3 
# 
_citation.abstract                  ? 
_citation.abstract_id_CAS           ? 
_citation.book_id_ISBN              ? 
_citation.book_publisher            ? 
_citation.book_publisher_city       ? 
_citation.book_title                ? 
_citation.coordinate_linkage        ? 
_citation.country                   US 
_citation.database_id_Medline       ? 
_citation.details                   ? 
_citation.id                        primary 
_citation.journal_abbrev            Appl.Environ.Microbiol. 
_citation.journal_id_ASTM           AEMIDF 
_citation.journal_id_CSD            2106 
_citation.journal_id_ISSN           1098-5336 
_citation.journal_full              ? 
_citation.journal_issue             ? 
_citation.journal_volume            81 
_citation.language                  ? 
_citation.page_first                5266 
_citation.page_last                 5277 
_citation.title                     
'Structural and Mechanistic Insights into the Pseudomonas fluorescens 2-Nitrobenzoate 2-Nitroreductase NbaA' 
_citation.year                      2015 
_citation.database_id_CSD           ? 
_citation.pdbx_database_id_DOI      10.1128/AEM.01289-15 
_citation.pdbx_database_id_PubMed   26025888 
_citation.unpublished_flag          ? 
# 
loop_
_citation_author.citation_id 
_citation_author.name 
_citation_author.ordinal 
_citation_author.identifier_ORCID 
primary 'Kim, Y.H.' 1 ? 
primary 'Song, W.'  2 ? 
primary 'Kim, J.S.' 3 ? 
primary 'Jiao, L.'  4 ? 
primary 'Lee, K.'   5 ? 
primary 'Ha, N.C.'  6 ? 
# 
_cell.angle_alpha                  90.00 
_cell.angle_alpha_esd              ? 
_cell.angle_beta                   90.00 
_cell.angle_beta_esd               ? 
_cell.angle_gamma                  120.00 
_cell.angle_gamma_esd              ? 
_cell.entry_id                     4Z85 
_cell.details                      ? 
_cell.formula_units_Z              ? 
_cell.length_a                     70.508 
_cell.length_a_esd                 ? 
_cell.length_b                     70.508 
_cell.length_b_esd                 ? 
_cell.length_c                     80.412 
_cell.length_c_esd                 ? 
_cell.volume                       ? 
_cell.volume_esd                   ? 
_cell.Z_PDB                        6 
_cell.reciprocal_angle_alpha       ? 
_cell.reciprocal_angle_beta        ? 
_cell.reciprocal_angle_gamma       ? 
_cell.reciprocal_angle_alpha_esd   ? 
_cell.reciprocal_angle_beta_esd    ? 
_cell.reciprocal_angle_gamma_esd   ? 
_cell.reciprocal_length_a          ? 
_cell.reciprocal_length_b          ? 
_cell.reciprocal_length_c          ? 
_cell.reciprocal_length_a_esd      ? 
_cell.reciprocal_length_b_esd      ? 
_cell.reciprocal_length_c_esd      ? 
_cell.pdbx_unique_axis             ? 
# 
_symmetry.entry_id                         4Z85 
_symmetry.cell_setting                     ? 
_symmetry.Int_Tables_number                172 
_symmetry.space_group_name_Hall            ? 
_symmetry.space_group_name_H-M             'P 64' 
_symmetry.pdbx_full_space_group_name_H-M   ? 
# 
loop_
_entity.id 
_entity.type 
_entity.src_method 
_entity.pdbx_description 
_entity.formula_weight 
_entity.pdbx_number_of_molecules 
_entity.pdbx_ec 
_entity.pdbx_mutation 
_entity.pdbx_fragment 
_entity.details 
1 polymer man '2-nitrobenzoate nitroreductase' 24437.932 1   ? ? ? ? 
2 water   nat water                            18.015    111 ? ? ? ? 
# 
_entity_poly.entity_id                      1 
_entity_poly.type                           'polypeptide(L)' 
_entity_poly.nstd_linkage                   no 
_entity_poly.nstd_monomer                   no 
_entity_poly.pdbx_seq_one_letter_code       
;MTHIAMSGLTNMQKYWLITGSVGPRPIALVTSLNSEGLCNAAPYSAFNYMGEDPPLFVIAVDHYGEESHRPGEQKDTLKN
IIEREQFVVNMVDERIAERMVLCGSDFPSHISEAEAVGFDLTPSTTIDVPRITDAPIAWECKLYKIIDFSKQRSMVFGEI
VAMYFREELIDEEKLRVRVDLFQPYGRLGGPNYCRTTDRVRLTVPTFLPSAGKPRE
;
_entity_poly.pdbx_seq_one_letter_code_can   
;MTHIAMSGLTNMQKYWLITGSVGPRPIALVTSLNSEGLCNAAPYSAFNYMGEDPPLFVIAVDHYGEESHRPGEQKDTLKN
IIEREQFVVNMVDERIAERMVLCGSDFPSHISEAEAVGFDLTPSTTIDVPRITDAPIAWECKLYKIIDFSKQRSMVFGEI
VAMYFREELIDEEKLRVRVDLFQPYGRLGGPNYCRTTDRVRLTVPTFLPSAGKPRE
;
_entity_poly.pdbx_strand_id                 A 
_entity_poly.pdbx_target_identifier         ? 
# 
loop_
_entity_poly_seq.entity_id 
_entity_poly_seq.num 
_entity_poly_seq.mon_id 
_entity_poly_seq.hetero 
1 1   MET n 
1 2   THR n 
1 3   HIS n 
1 4   ILE n 
1 5   ALA n 
1 6   MET n 
1 7   SER n 
1 8   GLY n 
1 9   LEU n 
1 10  THR n 
1 11  ASN n 
1 12  MET n 
1 13  GLN n 
1 14  LYS n 
1 15  TYR n 
1 16  TRP n 
1 17  LEU n 
1 18  ILE n 
1 19  THR n 
1 20  GLY n 
1 21  SER n 
1 22  VAL n 
1 23  GLY n 
1 24  PRO n 
1 25  ARG n 
1 26  PRO n 
1 27  ILE n 
1 28  ALA n 
1 29  LEU n 
1 30  VAL n 
1 31  THR n 
1 32  SER n 
1 33  LEU n 
1 34  ASN n 
1 35  SER n 
1 36  GLU n 
1 37  GLY n 
1 38  LEU n 
1 39  CYS n 
1 40  ASN n 
1 41  ALA n 
1 42  ALA n 
1 43  PRO n 
1 44  TYR n 
1 45  SER n 
1 46  ALA n 
1 47  PHE n 
1 48  ASN n 
1 49  TYR n 
1 50  MET n 
1 51  GLY n 
1 52  GLU n 
1 53  ASP n 
1 54  PRO n 
1 55  PRO n 
1 56  LEU n 
1 57  PHE n 
1 58  VAL n 
1 59  ILE n 
1 60  ALA n 
1 61  VAL n 
1 62  ASP n 
1 63  HIS n 
1 64  TYR n 
1 65  GLY n 
1 66  GLU n 
1 67  GLU n 
1 68  SER n 
1 69  HIS n 
1 70  ARG n 
1 71  PRO n 
1 72  GLY n 
1 73  GLU n 
1 74  GLN n 
1 75  LYS n 
1 76  ASP n 
1 77  THR n 
1 78  LEU n 
1 79  LYS n 
1 80  ASN n 
1 81  ILE n 
1 82  ILE n 
1 83  GLU n 
1 84  ARG n 
1 85  GLU n 
1 86  GLN n 
1 87  PHE n 
1 88  VAL n 
1 89  VAL n 
1 90  ASN n 
1 91  MET n 
1 92  VAL n 
1 93  ASP n 
1 94  GLU n 
1 95  ARG n 
1 96  ILE n 
1 97  ALA n 
1 98  GLU n 
1 99  ARG n 
1 100 MET n 
1 101 VAL n 
1 102 LEU n 
1 103 CYS n 
1 104 GLY n 
1 105 SER n 
1 106 ASP n 
1 107 PHE n 
1 108 PRO n 
1 109 SER n 
1 110 HIS n 
1 111 ILE n 
1 112 SER n 
1 113 GLU n 
1 114 ALA n 
1 115 GLU n 
1 116 ALA n 
1 117 VAL n 
1 118 GLY n 
1 119 PHE n 
1 120 ASP n 
1 121 LEU n 
1 122 THR n 
1 123 PRO n 
1 124 SER n 
1 125 THR n 
1 126 THR n 
1 127 ILE n 
1 128 ASP n 
1 129 VAL n 
1 130 PRO n 
1 131 ARG n 
1 132 ILE n 
1 133 THR n 
1 134 ASP n 
1 135 ALA n 
1 136 PRO n 
1 137 ILE n 
1 138 ALA n 
1 139 TRP n 
1 140 GLU n 
1 141 CYS n 
1 142 LYS n 
1 143 LEU n 
1 144 TYR n 
1 145 LYS n 
1 146 ILE n 
1 147 ILE n 
1 148 ASP n 
1 149 PHE n 
1 150 SER n 
1 151 LYS n 
1 152 GLN n 
1 153 ARG n 
1 154 SER n 
1 155 MET n 
1 156 VAL n 
1 157 PHE n 
1 158 GLY n 
1 159 GLU n 
1 160 ILE n 
1 161 VAL n 
1 162 ALA n 
1 163 MET n 
1 164 TYR n 
1 165 PHE n 
1 166 ARG n 
1 167 GLU n 
1 168 GLU n 
1 169 LEU n 
1 170 ILE n 
1 171 ASP n 
1 172 GLU n 
1 173 GLU n 
1 174 LYS n 
1 175 LEU n 
1 176 ARG n 
1 177 VAL n 
1 178 ARG n 
1 179 VAL n 
1 180 ASP n 
1 181 LEU n 
1 182 PHE n 
1 183 GLN n 
1 184 PRO n 
1 185 TYR n 
1 186 GLY n 
1 187 ARG n 
1 188 LEU n 
1 189 GLY n 
1 190 GLY n 
1 191 PRO n 
1 192 ASN n 
1 193 TYR n 
1 194 CYS n 
1 195 ARG n 
1 196 THR n 
1 197 THR n 
1 198 ASP n 
1 199 ARG n 
1 200 VAL n 
1 201 ARG n 
1 202 LEU n 
1 203 THR n 
1 204 VAL n 
1 205 PRO n 
1 206 THR n 
1 207 PHE n 
1 208 LEU n 
1 209 PRO n 
1 210 SER n 
1 211 ALA n 
1 212 GLY n 
1 213 LYS n 
1 214 PRO n 
1 215 ARG n 
1 216 GLU n 
# 
_entity_src_gen.entity_id                          1 
_entity_src_gen.pdbx_src_id                        1 
_entity_src_gen.pdbx_alt_source_flag               sample 
_entity_src_gen.pdbx_seq_type                      'Biological sequence' 
_entity_src_gen.pdbx_beg_seq_num                   1 
_entity_src_gen.pdbx_end_seq_num                   216 
_entity_src_gen.gene_src_common_name               ? 
_entity_src_gen.gene_src_genus                     ? 
_entity_src_gen.pdbx_gene_src_gene                 nbaA 
_entity_src_gen.gene_src_species                   ? 
_entity_src_gen.gene_src_strain                    ? 
_entity_src_gen.gene_src_tissue                    ? 
_entity_src_gen.gene_src_tissue_fraction           ? 
_entity_src_gen.gene_src_details                   ? 
_entity_src_gen.pdbx_gene_src_fragment             ? 
_entity_src_gen.pdbx_gene_src_scientific_name      'Pseudomonas fluorescens' 
_entity_src_gen.pdbx_gene_src_ncbi_taxonomy_id     294 
_entity_src_gen.pdbx_gene_src_variant              ? 
_entity_src_gen.pdbx_gene_src_cell_line            ? 
_entity_src_gen.pdbx_gene_src_atcc                 ? 
_entity_src_gen.pdbx_gene_src_organ                ? 
_entity_src_gen.pdbx_gene_src_organelle            ? 
_entity_src_gen.pdbx_gene_src_cell                 ? 
_entity_src_gen.pdbx_gene_src_cellular_location    ? 
_entity_src_gen.host_org_common_name               ? 
_entity_src_gen.pdbx_host_org_scientific_name      'Escherichia coli' 
_entity_src_gen.pdbx_host_org_ncbi_taxonomy_id     562 
_entity_src_gen.host_org_genus                     ? 
_entity_src_gen.pdbx_host_org_gene                 ? 
_entity_src_gen.pdbx_host_org_organ                ? 
_entity_src_gen.host_org_species                   ? 
_entity_src_gen.pdbx_host_org_tissue               ? 
_entity_src_gen.pdbx_host_org_tissue_fraction      ? 
_entity_src_gen.pdbx_host_org_strain               ? 
_entity_src_gen.pdbx_host_org_variant              ? 
_entity_src_gen.pdbx_host_org_cell_line            ? 
_entity_src_gen.pdbx_host_org_atcc                 ? 
_entity_src_gen.pdbx_host_org_culture_collection   ? 
_entity_src_gen.pdbx_host_org_cell                 ? 
_entity_src_gen.pdbx_host_org_organelle            ? 
_entity_src_gen.pdbx_host_org_cellular_location    ? 
_entity_src_gen.pdbx_host_org_vector_type          PLASMID 
_entity_src_gen.pdbx_host_org_vector               ? 
_entity_src_gen.host_org_details                   ? 
_entity_src_gen.expression_system_id               ? 
_entity_src_gen.plasmid_name                       ? 
_entity_src_gen.plasmid_details                    ? 
_entity_src_gen.pdbx_description                   ? 
# 
_struct_ref.id                         1 
_struct_ref.db_name                    UNP 
_struct_ref.db_code                    A4UVY1_PSEFL 
_struct_ref.pdbx_db_accession          A4UVY1 
_struct_ref.pdbx_db_isoform            ? 
_struct_ref.entity_id                  1 
_struct_ref.pdbx_seq_one_letter_code   
;MTHIAMSGLTNMQKYWLITGSVGPRPIALVTSLNSEGLCNAAPYSAFNYMGEDPPLFVIAVDHYGEESHRPGEQKDTLKN
IIEREQFVVNMVDERIAERMVLCGSDFPSHISEAEAVGFDLTPSTTIDVPRITDAPIAWECKLYKIIDFSKQRSMVFGEI
VAMYFREELIDEEKLRVRVDLFQPYGRLGGPNYCRTTDRVRLTVPTFLPSAGKPRE
;
_struct_ref.pdbx_align_begin           1 
# 
_struct_ref_seq.align_id                      1 
_struct_ref_seq.ref_id                        1 
_struct_ref_seq.pdbx_PDB_id_code              4Z85 
_struct_ref_seq.pdbx_strand_id                A 
_struct_ref_seq.seq_align_beg                 1 
_struct_ref_seq.pdbx_seq_align_beg_ins_code   ? 
_struct_ref_seq.seq_align_end                 216 
_struct_ref_seq.pdbx_seq_align_end_ins_code   ? 
_struct_ref_seq.pdbx_db_accession             A4UVY1 
_struct_ref_seq.db_align_beg                  1 
_struct_ref_seq.pdbx_db_align_beg_ins_code    ? 
_struct_ref_seq.db_align_end                  216 
_struct_ref_seq.pdbx_db_align_end_ins_code    ? 
_struct_ref_seq.pdbx_auth_seq_align_beg       1 
_struct_ref_seq.pdbx_auth_seq_align_end       216 
# 
loop_
_chem_comp.id 
_chem_comp.type 
_chem_comp.mon_nstd_flag 
_chem_comp.name 
_chem_comp.pdbx_synonyms 
_chem_comp.formula 
_chem_comp.formula_weight 
ALA 'L-peptide linking' y ALANINE         ? 'C3 H7 N O2'     89.093  
ARG 'L-peptide linking' y ARGININE        ? 'C6 H15 N4 O2 1' 175.209 
ASN 'L-peptide linking' y ASPARAGINE      ? 'C4 H8 N2 O3'    132.118 
ASP 'L-peptide linking' y 'ASPARTIC ACID' ? 'C4 H7 N O4'     133.103 
CYS 'L-peptide linking' y CYSTEINE        ? 'C3 H7 N O2 S'   121.158 
GLN 'L-peptide linking' y GLUTAMINE       ? 'C5 H10 N2 O3'   146.144 
GLU 'L-peptide linking' y 'GLUTAMIC ACID' ? 'C5 H9 N O4'     147.129 
GLY 'peptide linking'   y GLYCINE         ? 'C2 H5 N O2'     75.067  
HIS 'L-peptide linking' y HISTIDINE       ? 'C6 H10 N3 O2 1' 156.162 
HOH non-polymer         . WATER           ? 'H2 O'           18.015  
ILE 'L-peptide linking' y ISOLEUCINE      ? 'C6 H13 N O2'    131.173 
LEU 'L-peptide linking' y LEUCINE         ? 'C6 H13 N O2'    131.173 
LYS 'L-peptide linking' y LYSINE          ? 'C6 H15 N2 O2 1' 147.195 
MET 'L-peptide linking' y METHIONINE      ? 'C5 H11 N O2 S'  149.211 
PHE 'L-peptide linking' y PHENYLALANINE   ? 'C9 H11 N O2'    165.189 
PRO 'L-peptide linking' y PROLINE         ? 'C5 H9 N O2'     115.130 
SER 'L-peptide linking' y SERINE          ? 'C3 H7 N O3'     105.093 
THR 'L-peptide linking' y THREONINE       ? 'C4 H9 N O3'     119.119 
TRP 'L-peptide linking' y TRYPTOPHAN      ? 'C11 H12 N2 O2'  204.225 
TYR 'L-peptide linking' y TYROSINE        ? 'C9 H11 N O3'    181.189 
VAL 'L-peptide linking' y VALINE          ? 'C5 H11 N O2'    117.146 
# 
_exptl.absorpt_coefficient_mu     ? 
_exptl.absorpt_correction_T_max   ? 
_exptl.absorpt_correction_T_min   ? 
_exptl.absorpt_correction_type    ? 
_exptl.absorpt_process_details    ? 
_exptl.entry_id                   4Z85 
_exptl.crystals_number            1 
_exptl.details                    ? 
_exptl.method                     'X-RAY DIFFRACTION' 
_exptl.method_details             ? 
# 
_exptl_crystal.colour                      ? 
_exptl_crystal.density_diffrn              ? 
_exptl_crystal.density_Matthews            2.36 
_exptl_crystal.density_method              ? 
_exptl_crystal.density_percent_sol         47.91 
_exptl_crystal.description                 ? 
_exptl_crystal.F_000                       ? 
_exptl_crystal.id                          1 
_exptl_crystal.preparation                 ? 
_exptl_crystal.size_max                    ? 
_exptl_crystal.size_mid                    ? 
_exptl_crystal.size_min                    ? 
_exptl_crystal.size_rad                    ? 
_exptl_crystal.colour_lustre               ? 
_exptl_crystal.colour_modifier             ? 
_exptl_crystal.colour_primary              ? 
_exptl_crystal.density_meas                ? 
_exptl_crystal.density_meas_esd            ? 
_exptl_crystal.density_meas_gt             ? 
_exptl_crystal.density_meas_lt             ? 
_exptl_crystal.density_meas_temp           ? 
_exptl_crystal.density_meas_temp_esd       ? 
_exptl_crystal.density_meas_temp_gt        ? 
_exptl_crystal.density_meas_temp_lt        ? 
_exptl_crystal.pdbx_crystal_image_url      ? 
_exptl_crystal.pdbx_crystal_image_format   ? 
_exptl_crystal.pdbx_mosaicity              ? 
_exptl_crystal.pdbx_mosaicity_esd          ? 
# 
_exptl_crystal_grow.apparatus       ? 
_exptl_crystal_grow.atmosphere      ? 
_exptl_crystal_grow.crystal_id      1 
_exptl_crystal_grow.details         ? 
_exptl_crystal_grow.method          'VAPOR DIFFUSION, HANGING DROP' 
_exptl_crystal_grow.method_ref      ? 
_exptl_crystal_grow.pH              4.6 
_exptl_crystal_grow.pressure        ? 
_exptl_crystal_grow.pressure_esd    ? 
_exptl_crystal_grow.seeding         ? 
_exptl_crystal_grow.seeding_ref     ? 
_exptl_crystal_grow.temp            287 
_exptl_crystal_grow.temp_details    ? 
_exptl_crystal_grow.temp_esd        ? 
_exptl_crystal_grow.time            ? 
_exptl_crystal_grow.pdbx_details    '0.1 M sodium acetate (pH 4.6), 1 mM FMN, 1 mM MnCl2, 30% v/v PEG 4000' 
_exptl_crystal_grow.pdbx_pH_range   ? 
# 
_diffrn.ambient_environment    ? 
_diffrn.ambient_temp           100 
_diffrn.ambient_temp_details   ? 
_diffrn.ambient_temp_esd       ? 
_diffrn.crystal_id             1 
_diffrn.crystal_support        ? 
_diffrn.crystal_treatment      ? 
_diffrn.details                ? 
_diffrn.id                     1 
_diffrn.ambient_pressure       ? 
_diffrn.ambient_pressure_esd   ? 
_diffrn.ambient_pressure_gt    ? 
_diffrn.ambient_pressure_lt    ? 
_diffrn.ambient_temp_gt        ? 
_diffrn.ambient_temp_lt        ? 
# 
_diffrn_detector.details                      ? 
_diffrn_detector.detector                     CCD 
_diffrn_detector.diffrn_id                    1 
_diffrn_detector.type                         'ADSC QUANTUM 315r' 
_diffrn_detector.area_resol_mean              ? 
_diffrn_detector.dtime                        ? 
_diffrn_detector.pdbx_frames_total            ? 
_diffrn_detector.pdbx_collection_time_total   ? 
_diffrn_detector.pdbx_collection_date         2013-06-26 
# 
_diffrn_radiation.collimation                      ? 
_diffrn_radiation.diffrn_id                        1 
_diffrn_radiation.filter_edge                      ? 
_diffrn_radiation.inhomogeneity                    ? 
_diffrn_radiation.monochromator                    ? 
_diffrn_radiation.polarisn_norm                    ? 
_diffrn_radiation.polarisn_ratio                   ? 
_diffrn_radiation.probe                            ? 
_diffrn_radiation.type                             ? 
_diffrn_radiation.xray_symbol                      ? 
_diffrn_radiation.wavelength_id                    1 
_diffrn_radiation.pdbx_monochromatic_or_laue_m_l   M 
_diffrn_radiation.pdbx_wavelength_list             ? 
_diffrn_radiation.pdbx_wavelength                  ? 
_diffrn_radiation.pdbx_diffrn_protocol             'SINGLE WAVELENGTH' 
_diffrn_radiation.pdbx_analyzer                    ? 
_diffrn_radiation.pdbx_scattering_type             x-ray 
# 
_diffrn_radiation_wavelength.id           1 
_diffrn_radiation_wavelength.wavelength   0.97188 
_diffrn_radiation_wavelength.wt           1.0 
# 
_diffrn_source.current                     ? 
_diffrn_source.details                     ? 
_diffrn_source.diffrn_id                   1 
_diffrn_source.power                       ? 
_diffrn_source.size                        ? 
_diffrn_source.source                      SYNCHROTRON 
_diffrn_source.target                      ? 
_diffrn_source.type                        'PAL/PLS BEAMLINE 5C (4A)' 
_diffrn_source.voltage                     ? 
_diffrn_source.take-off_angle              ? 
_diffrn_source.pdbx_wavelength_list        0.97188 
_diffrn_source.pdbx_wavelength             ? 
_diffrn_source.pdbx_synchrotron_beamline   '5C (4A)' 
_diffrn_source.pdbx_synchrotron_site       PAL/PLS 
# 
_reflns.B_iso_Wilson_estimate            ? 
_reflns.entry_id                         4Z85 
_reflns.data_reduction_details           ? 
_reflns.data_reduction_method            ? 
_reflns.d_resolution_high                1.70 
_reflns.d_resolution_low                 20.00 
_reflns.details                          ? 
_reflns.limit_h_max                      ? 
_reflns.limit_h_min                      ? 
_reflns.limit_k_max                      ? 
_reflns.limit_k_min                      ? 
_reflns.limit_l_max                      ? 
_reflns.limit_l_min                      ? 
_reflns.number_all                       ? 
_reflns.number_obs                       24944 
_reflns.observed_criterion               ? 
_reflns.observed_criterion_F_max         ? 
_reflns.observed_criterion_F_min         ? 
_reflns.observed_criterion_I_max         ? 
_reflns.observed_criterion_I_min         ? 
_reflns.observed_criterion_sigma_F       ? 
_reflns.observed_criterion_sigma_I       ? 
_reflns.percent_possible_obs             99.5 
_reflns.R_free_details                   ? 
_reflns.Rmerge_F_all                     ? 
_reflns.Rmerge_F_obs                     ? 
_reflns.Friedel_coverage                 ? 
_reflns.number_gt                        ? 
_reflns.threshold_expression             ? 
_reflns.pdbx_redundancy                  21.6 
_reflns.pdbx_Rmerge_I_obs                ? 
_reflns.pdbx_Rmerge_I_all                ? 
_reflns.pdbx_Rsym_value                  ? 
_reflns.pdbx_netI_over_av_sigmaI         ? 
_reflns.pdbx_netI_over_sigmaI            92.4 
_reflns.pdbx_res_netI_over_av_sigmaI_2   ? 
_reflns.pdbx_res_netI_over_sigmaI_2      ? 
_reflns.pdbx_chi_squared                 ? 
_reflns.pdbx_scaling_rejects             ? 
_reflns.pdbx_d_res_high_opt              ? 
_reflns.pdbx_d_res_low_opt               ? 
_reflns.pdbx_d_res_opt_method            ? 
_reflns.phase_calculation_details        ? 
_reflns.pdbx_Rrim_I_all                  ? 
_reflns.pdbx_Rpim_I_all                  ? 
_reflns.pdbx_d_opt                       ? 
_reflns.pdbx_number_measured_all         ? 
_reflns.pdbx_diffrn_id                   1 
_reflns.pdbx_ordinal                     1 
_reflns.pdbx_CC_half                     ? 
_reflns.pdbx_R_split                     ? 
# 
_refine.aniso_B[1][1]                            ? 
_refine.aniso_B[1][2]                            ? 
_refine.aniso_B[1][3]                            ? 
_refine.aniso_B[2][2]                            ? 
_refine.aniso_B[2][3]                            ? 
_refine.aniso_B[3][3]                            ? 
_refine.B_iso_max                                ? 
_refine.B_iso_mean                               ? 
_refine.B_iso_min                                ? 
_refine.correlation_coeff_Fo_to_Fc               ? 
_refine.correlation_coeff_Fo_to_Fc_free          ? 
_refine.details                                  ? 
_refine.diff_density_max                         ? 
_refine.diff_density_max_esd                     ? 
_refine.diff_density_min                         ? 
_refine.diff_density_min_esd                     ? 
_refine.diff_density_rms                         ? 
_refine.diff_density_rms_esd                     ? 
_refine.entry_id                                 4Z85 
_refine.pdbx_refine_id                           'X-RAY DIFFRACTION' 
_refine.ls_abs_structure_details                 ? 
_refine.ls_abs_structure_Flack                   ? 
_refine.ls_abs_structure_Flack_esd               ? 
_refine.ls_abs_structure_Rogers                  ? 
_refine.ls_abs_structure_Rogers_esd              ? 
_refine.ls_d_res_high                            1.700 
_refine.ls_d_res_low                             19.095 
_refine.ls_extinction_coef                       ? 
_refine.ls_extinction_coef_esd                   ? 
_refine.ls_extinction_expression                 ? 
_refine.ls_extinction_method                     ? 
_refine.ls_goodness_of_fit_all                   ? 
_refine.ls_goodness_of_fit_all_esd               ? 
_refine.ls_goodness_of_fit_obs                   ? 
_refine.ls_goodness_of_fit_obs_esd               ? 
_refine.ls_hydrogen_treatment                    ? 
_refine.ls_matrix_type                           ? 
_refine.ls_number_constraints                    ? 
_refine.ls_number_parameters                     ? 
_refine.ls_number_reflns_all                     ? 
_refine.ls_number_reflns_obs                     24861 
_refine.ls_number_reflns_R_free                  1264 
_refine.ls_number_reflns_R_work                  ? 
_refine.ls_number_restraints                     ? 
_refine.ls_percent_reflns_obs                    99.56 
_refine.ls_percent_reflns_R_free                 5.08 
_refine.ls_R_factor_all                          ? 
_refine.ls_R_factor_obs                          0.1890 
_refine.ls_R_factor_R_free                       0.2161 
_refine.ls_R_factor_R_free_error                 ? 
_refine.ls_R_factor_R_free_error_details         ? 
_refine.ls_R_factor_R_work                       0.1876 
_refine.ls_R_Fsqd_factor_obs                     ? 
_refine.ls_R_I_factor_obs                        ? 
_refine.ls_redundancy_reflns_all                 ? 
_refine.ls_redundancy_reflns_obs                 ? 
_refine.ls_restrained_S_all                      ? 
_refine.ls_restrained_S_obs                      ? 
_refine.ls_shift_over_esd_max                    ? 
_refine.ls_shift_over_esd_mean                   ? 
_refine.ls_structure_factor_coef                 ? 
_refine.ls_weighting_details                     ? 
_refine.ls_weighting_scheme                      ? 
_refine.ls_wR_factor_all                         ? 
_refine.ls_wR_factor_obs                         ? 
_refine.ls_wR_factor_R_free                      ? 
_refine.ls_wR_factor_R_work                      ? 
_refine.occupancy_max                            ? 
_refine.occupancy_min                            ? 
_refine.solvent_model_details                    'FLAT BULK SOLVENT MODEL' 
_refine.solvent_model_param_bsol                 ? 
_refine.solvent_model_param_ksol                 ? 
_refine.ls_R_factor_gt                           ? 
_refine.ls_goodness_of_fit_gt                    ? 
_refine.ls_goodness_of_fit_ref                   ? 
_refine.ls_shift_over_su_max                     ? 
_refine.ls_shift_over_su_max_lt                  ? 
_refine.ls_shift_over_su_mean                    ? 
_refine.ls_shift_over_su_mean_lt                 ? 
_refine.pdbx_ls_sigma_I                          ? 
_refine.pdbx_ls_sigma_F                          1.35 
_refine.pdbx_ls_sigma_Fsqd                       ? 
_refine.pdbx_data_cutoff_high_absF               ? 
_refine.pdbx_data_cutoff_high_rms_absF           ? 
_refine.pdbx_data_cutoff_low_absF                ? 
_refine.pdbx_isotropic_thermal_model             ? 
_refine.pdbx_ls_cross_valid_method               'FREE R-VALUE' 
_refine.pdbx_method_to_determine_struct          'MOLECULAR REPLACEMENT' 
_refine.pdbx_starting_model                      1EJE 
_refine.pdbx_stereochemistry_target_values       ML 
_refine.pdbx_R_Free_selection_details            ? 
_refine.pdbx_stereochem_target_val_spec_case     ? 
_refine.pdbx_overall_ESU_R                       ? 
_refine.pdbx_overall_ESU_R_Free                  ? 
_refine.pdbx_solvent_vdw_probe_radii             1.11 
_refine.pdbx_solvent_ion_probe_radii             ? 
_refine.pdbx_solvent_shrinkage_radii             0.90 
_refine.pdbx_real_space_R                        ? 
_refine.pdbx_density_correlation                 ? 
_refine.pdbx_pd_number_of_powder_patterns        ? 
_refine.pdbx_pd_number_of_points                 ? 
_refine.pdbx_pd_meas_number_of_points            ? 
_refine.pdbx_pd_proc_ls_prof_R_factor            ? 
_refine.pdbx_pd_proc_ls_prof_wR_factor           ? 
_refine.pdbx_pd_Marquardt_correlation_coeff      ? 
_refine.pdbx_pd_Fsqrd_R_factor                   ? 
_refine.pdbx_pd_ls_matrix_band_width             ? 
_refine.pdbx_overall_phase_error                 22.77 
_refine.pdbx_overall_SU_R_free_Cruickshank_DPI   ? 
_refine.pdbx_overall_SU_R_free_Blow_DPI          ? 
_refine.pdbx_overall_SU_R_Blow_DPI               ? 
_refine.pdbx_TLS_residual_ADP_flag               ? 
_refine.pdbx_diffrn_id                           1 
_refine.overall_SU_B                             ? 
_refine.overall_SU_ML                            0.18 
_refine.overall_SU_R_Cruickshank_DPI             ? 
_refine.overall_SU_R_free                        ? 
_refine.overall_FOM_free_R_set                   ? 
_refine.overall_FOM_work_R_set                   ? 
_refine.pdbx_average_fsc_overall                 ? 
_refine.pdbx_average_fsc_work                    ? 
_refine.pdbx_average_fsc_free                    ? 
# 
_refine_hist.pdbx_refine_id                   'X-RAY DIFFRACTION' 
_refine_hist.cycle_id                         LAST 
_refine_hist.pdbx_number_atoms_protein        1555 
_refine_hist.pdbx_number_atoms_nucleic_acid   0 
_refine_hist.pdbx_number_atoms_ligand         0 
_refine_hist.number_atoms_solvent             111 
_refine_hist.number_atoms_total               1666 
_refine_hist.d_res_high                       1.700 
_refine_hist.d_res_low                        19.095 
# 
loop_
_refine_ls_restr.pdbx_refine_id 
_refine_ls_restr.criterion 
_refine_ls_restr.dev_ideal 
_refine_ls_restr.dev_ideal_target 
_refine_ls_restr.number 
_refine_ls_restr.rejects 
_refine_ls_restr.type 
_refine_ls_restr.weight 
_refine_ls_restr.pdbx_restraint_function 
'X-RAY DIFFRACTION' ? 0.007  ? 1596 ? f_bond_d           ? ? 
'X-RAY DIFFRACTION' ? 1.097  ? 2166 ? f_angle_d          ? ? 
'X-RAY DIFFRACTION' ? 12.949 ? 594  ? f_dihedral_angle_d ? ? 
'X-RAY DIFFRACTION' ? 0.044  ? 247  ? f_chiral_restr     ? ? 
'X-RAY DIFFRACTION' ? 0.005  ? 279  ? f_plane_restr      ? ? 
# 
loop_
_refine_ls_shell.pdbx_refine_id 
_refine_ls_shell.d_res_high 
_refine_ls_shell.d_res_low 
_refine_ls_shell.number_reflns_all 
_refine_ls_shell.number_reflns_obs 
_refine_ls_shell.number_reflns_R_free 
_refine_ls_shell.number_reflns_R_work 
_refine_ls_shell.percent_reflns_obs 
_refine_ls_shell.percent_reflns_R_free 
_refine_ls_shell.R_factor_all 
_refine_ls_shell.R_factor_obs 
_refine_ls_shell.R_factor_R_free 
_refine_ls_shell.R_factor_R_free_error 
_refine_ls_shell.R_factor_R_work 
_refine_ls_shell.redundancy_reflns_all 
_refine_ls_shell.redundancy_reflns_obs 
_refine_ls_shell.wR_factor_all 
_refine_ls_shell.wR_factor_obs 
_refine_ls_shell.wR_factor_R_free 
_refine_ls_shell.wR_factor_R_work 
_refine_ls_shell.pdbx_total_number_of_bins_used 
_refine_ls_shell.pdbx_phase_error 
_refine_ls_shell.pdbx_fsc_work 
_refine_ls_shell.pdbx_fsc_free 
'X-RAY DIFFRACTION' 1.7000 1.7681  . . 130 2622 100.00 . . . 0.2666 . 0.2242 . . . . . . . . . . 
'X-RAY DIFFRACTION' 1.7681 1.8485  . . 151 2615 100.00 . . . 0.3037 . 0.2245 . . . . . . . . . . 
'X-RAY DIFFRACTION' 1.8485 1.9458  . . 123 2623 100.00 . . . 0.2656 . 0.2227 . . . . . . . . . . 
'X-RAY DIFFRACTION' 1.9458 2.0676  . . 129 2630 100.00 . . . 0.2467 . 0.2116 . . . . . . . . . . 
'X-RAY DIFFRACTION' 2.0676 2.2270  . . 154 2614 100.00 . . . 0.2398 . 0.2088 . . . . . . . . . . 
'X-RAY DIFFRACTION' 2.2270 2.4507  . . 157 2610 100.00 . . . 0.2127 . 0.1983 . . . . . . . . . . 
'X-RAY DIFFRACTION' 2.4507 2.8044  . . 150 2620 100.00 . . . 0.2464 . 0.2009 . . . . . . . . . . 
'X-RAY DIFFRACTION' 2.8044 3.5296  . . 135 2654 100.00 . . . 0.2142 . 0.1859 . . . . . . . . . . 
'X-RAY DIFFRACTION' 3.5296 19.0960 . . 135 2609 97.00  . . . 0.1726 . 0.1588 . . . . . . . . . . 
# 
_struct.entry_id                     4Z85 
_struct.title                        'Crystal structur of Pseudomonas fluorescens 2-nitrobenzoate 2-nitroreductase NbaA' 
_struct.pdbx_model_details           ? 
_struct.pdbx_formula_weight          ? 
_struct.pdbx_formula_weight_method   ? 
_struct.pdbx_model_type_details      ? 
_struct.pdbx_CASP_flag               ? 
# 
_struct_keywords.entry_id        4Z85 
_struct_keywords.text            
;2-nitrobenzoate 2-nitroreductase (NbaA), 2-nitrobenzoate methyl ester, FMN-binding site, tyrosine modification, cysteine reactivity, OXIDOREDUCTASE
;
_struct_keywords.pdbx_keywords   OXIDOREDUCTASE 
# 
loop_
_struct_asym.id 
_struct_asym.pdbx_blank_PDB_chainid_flag 
_struct_asym.pdbx_modified 
_struct_asym.entity_id 
_struct_asym.details 
A N N 1 ? 
B N N 2 ? 
# 
loop_
_struct_conf.conf_type_id 
_struct_conf.id 
_struct_conf.pdbx_PDB_helix_id 
_struct_conf.beg_label_comp_id 
_struct_conf.beg_label_asym_id 
_struct_conf.beg_label_seq_id 
_struct_conf.pdbx_beg_PDB_ins_code 
_struct_conf.end_label_comp_id 
_struct_conf.end_label_asym_id 
_struct_conf.end_label_seq_id 
_struct_conf.pdbx_end_PDB_ins_code 
_struct_conf.beg_auth_comp_id 
_struct_conf.beg_auth_asym_id 
_struct_conf.beg_auth_seq_id 
_struct_conf.end_auth_comp_id 
_struct_conf.end_auth_asym_id 
_struct_conf.end_auth_seq_id 
_struct_conf.pdbx_PDB_helix_class 
_struct_conf.details 
_struct_conf.pdbx_PDB_helix_length 
HELX_P HELX_P1 AA1 ALA A 5   ? LEU A 9   ? ALA A 5   LEU A 9   5 ? 5  
HELX_P HELX_P2 AA2 THR A 10  ? VAL A 22  ? THR A 10  VAL A 22  1 ? 13 
HELX_P HELX_P3 AA3 ASP A 76  ? GLU A 85  ? ASP A 76  GLU A 85  1 ? 10 
HELX_P HELX_P4 AA4 ASP A 93  ? GLY A 104 ? ASP A 93  GLY A 104 1 ? 12 
HELX_P HELX_P5 AA5 SER A 112 ? GLY A 118 ? SER A 112 GLY A 118 1 ? 7  
# 
_struct_conf_type.id          HELX_P 
_struct_conf_type.criteria    ? 
_struct_conf_type.reference   ? 
# 
loop_
_struct_mon_prot_cis.pdbx_id 
_struct_mon_prot_cis.label_comp_id 
_struct_mon_prot_cis.label_seq_id 
_struct_mon_prot_cis.label_asym_id 
_struct_mon_prot_cis.label_alt_id 
_struct_mon_prot_cis.pdbx_PDB_ins_code 
_struct_mon_prot_cis.auth_comp_id 
_struct_mon_prot_cis.auth_seq_id 
_struct_mon_prot_cis.auth_asym_id 
_struct_mon_prot_cis.pdbx_label_comp_id_2 
_struct_mon_prot_cis.pdbx_label_seq_id_2 
_struct_mon_prot_cis.pdbx_label_asym_id_2 
_struct_mon_prot_cis.pdbx_PDB_ins_code_2 
_struct_mon_prot_cis.pdbx_auth_comp_id_2 
_struct_mon_prot_cis.pdbx_auth_seq_id_2 
_struct_mon_prot_cis.pdbx_auth_asym_id_2 
_struct_mon_prot_cis.pdbx_PDB_model_num 
_struct_mon_prot_cis.pdbx_omega_angle 
1 GLY 23 A . ? GLY 23 A PRO 24 A ? PRO 24 A 1 -8.59 
2 ASP 53 A . ? ASP 53 A PRO 54 A ? PRO 54 A 1 -0.45 
# 
loop_
_struct_sheet.id 
_struct_sheet.type 
_struct_sheet.number_strands 
_struct_sheet.details 
AA1 ? 7 ? 
AA2 ? 2 ? 
AA3 ? 2 ? 
AA4 ? 2 ? 
# 
loop_
_struct_sheet_order.sheet_id 
_struct_sheet_order.range_id_1 
_struct_sheet_order.range_id_2 
_struct_sheet_order.offset 
_struct_sheet_order.sense 
AA1 1 2 ? anti-parallel 
AA1 2 3 ? anti-parallel 
AA1 3 4 ? anti-parallel 
AA1 4 5 ? anti-parallel 
AA1 5 6 ? anti-parallel 
AA1 6 7 ? anti-parallel 
AA2 1 2 ? anti-parallel 
AA3 1 2 ? anti-parallel 
AA4 1 2 ? anti-parallel 
# 
loop_
_struct_sheet_range.sheet_id 
_struct_sheet_range.id 
_struct_sheet_range.beg_label_comp_id 
_struct_sheet_range.beg_label_asym_id 
_struct_sheet_range.beg_label_seq_id 
_struct_sheet_range.pdbx_beg_PDB_ins_code 
_struct_sheet_range.end_label_comp_id 
_struct_sheet_range.end_label_asym_id 
_struct_sheet_range.end_label_seq_id 
_struct_sheet_range.pdbx_end_PDB_ins_code 
_struct_sheet_range.beg_auth_comp_id 
_struct_sheet_range.beg_auth_asym_id 
_struct_sheet_range.beg_auth_seq_id 
_struct_sheet_range.end_auth_comp_id 
_struct_sheet_range.end_auth_asym_id 
_struct_sheet_range.end_auth_seq_id 
AA1 1 CYS A 39  ? TYR A 44  ? CYS A 39  TYR A 44  
AA1 2 ALA A 28  ? LEU A 33  ? ALA A 28  LEU A 33  
AA1 3 GLN A 86  ? ASN A 90  ? GLN A 86  ASN A 90  
AA1 4 ILE A 137 ? SER A 150 ? ILE A 137 SER A 150 
AA1 5 ARG A 153 ? PHE A 165 ? ARG A 153 PHE A 165 
AA1 6 LEU A 56  ? ASP A 62  ? LEU A 56  ASP A 62  
AA1 7 PHE A 47  ? GLY A 51  ? PHE A 47  GLY A 51  
AA2 1 LEU A 121 ? THR A 122 ? LEU A 121 THR A 122 
AA2 2 ARG A 131 ? ILE A 132 ? ARG A 131 ILE A 132 
AA3 1 ILE A 170 ? ASP A 171 ? ILE A 170 ASP A 171 
AA3 2 ARG A 176 ? VAL A 177 ? ARG A 176 VAL A 177 
AA4 1 TYR A 185 ? ARG A 187 ? TYR A 185 ARG A 187 
AA4 2 TYR A 193 ? ARG A 195 ? TYR A 193 ARG A 195 
# 
loop_
_pdbx_struct_sheet_hbond.sheet_id 
_pdbx_struct_sheet_hbond.range_id_1 
_pdbx_struct_sheet_hbond.range_id_2 
_pdbx_struct_sheet_hbond.range_1_label_atom_id 
_pdbx_struct_sheet_hbond.range_1_label_comp_id 
_pdbx_struct_sheet_hbond.range_1_label_asym_id 
_pdbx_struct_sheet_hbond.range_1_label_seq_id 
_pdbx_struct_sheet_hbond.range_1_PDB_ins_code 
_pdbx_struct_sheet_hbond.range_1_auth_atom_id 
_pdbx_struct_sheet_hbond.range_1_auth_comp_id 
_pdbx_struct_sheet_hbond.range_1_auth_asym_id 
_pdbx_struct_sheet_hbond.range_1_auth_seq_id 
_pdbx_struct_sheet_hbond.range_2_label_atom_id 
_pdbx_struct_sheet_hbond.range_2_label_comp_id 
_pdbx_struct_sheet_hbond.range_2_label_asym_id 
_pdbx_struct_sheet_hbond.range_2_label_seq_id 
_pdbx_struct_sheet_hbond.range_2_PDB_ins_code 
_pdbx_struct_sheet_hbond.range_2_auth_atom_id 
_pdbx_struct_sheet_hbond.range_2_auth_comp_id 
_pdbx_struct_sheet_hbond.range_2_auth_asym_id 
_pdbx_struct_sheet_hbond.range_2_auth_seq_id 
AA1 1 2 O TYR A 44  ? O TYR A 44  N ALA A 28  ? N ALA A 28  
AA1 2 3 N LEU A 29  ? N LEU A 29  O ASN A 90  ? O ASN A 90  
AA1 3 4 N VAL A 89  ? N VAL A 89  O TRP A 139 ? O TRP A 139 
AA1 4 5 N LYS A 142 ? N LYS A 142 O GLU A 159 ? O GLU A 159 
AA1 5 6 O SER A 154 ? O SER A 154 N VAL A 61  ? N VAL A 61  
AA1 6 7 O LEU A 56  ? O LEU A 56  N MET A 50  ? N MET A 50  
AA2 1 2 N THR A 122 ? N THR A 122 O ARG A 131 ? O ARG A 131 
AA3 1 2 N ASP A 171 ? N ASP A 171 O ARG A 176 ? O ARG A 176 
AA4 1 2 N GLY A 186 ? N GLY A 186 O CYS A 194 ? O CYS A 194 
# 
_atom_sites.entry_id                    4Z85 
_atom_sites.fract_transf_matrix[1][1]   0.01081260 
_atom_sites.fract_transf_matrix[1][2]   0.01224688 
_atom_sites.fract_transf_matrix[1][3]   -0.00114128 
_atom_sites.fract_transf_matrix[2][1]   0.01588647 
_atom_sites.fract_transf_matrix[2][2]   -0.00281463 
_atom_sites.fract_transf_matrix[2][3]   0.00281143 
_atom_sites.fract_transf_matrix[3][1]   0.00167146 
_atom_sites.fract_transf_matrix[3][2]   -0.00259829 
_atom_sites.fract_transf_matrix[3][3]   -0.01204613 
_atom_sites.fract_transf_vector[1]      -0.040134 
_atom_sites.fract_transf_vector[2]      0.363566 
_atom_sites.fract_transf_vector[3]      -0.123720 
# 
loop_
_atom_type.symbol 
C 
N 
O 
S 
# 
loop_
_atom_site.group_PDB 
_atom_site.id 
_atom_site.type_symbol 
_atom_site.label_atom_id 
_atom_site.label_alt_id 
_atom_site.label_comp_id 
_atom_site.label_asym_id 
_atom_site.label_entity_id 
_atom_site.label_seq_id 
_atom_site.pdbx_PDB_ins_code 
_atom_site.Cartn_x 
_atom_site.Cartn_y 
_atom_site.Cartn_z 
_atom_site.occupancy 
_atom_site.B_iso_or_equiv 
_atom_site.pdbx_formal_charge 
_atom_site.auth_seq_id 
_atom_site.auth_comp_id 
_atom_site.auth_asym_id 
_atom_site.auth_atom_id 
_atom_site.pdbx_PDB_model_num 
ATOM   1    N N   . THR A 1 2   ? 17.505  -23.141 13.632  1.00 35.60 ? 2   THR A N   1 
ATOM   2    C CA  . THR A 1 2   ? 16.638  -24.031 12.864  1.00 35.18 ? 2   THR A CA  1 
ATOM   3    C C   . THR A 1 2   ? 16.647  -23.653 11.383  1.00 36.85 ? 2   THR A C   1 
ATOM   4    O O   . THR A 1 2   ? 16.524  -22.477 11.039  1.00 34.59 ? 2   THR A O   1 
ATOM   5    C CB  . THR A 1 2   ? 15.191  -23.997 13.400  1.00 39.49 ? 2   THR A CB  1 
ATOM   6    O OG1 . THR A 1 2   ? 15.186  -24.375 14.782  1.00 42.15 ? 2   THR A OG1 1 
ATOM   7    C CG2 . THR A 1 2   ? 14.287  -24.944 12.617  1.00 36.22 ? 2   THR A CG2 1 
ATOM   8    N N   . HIS A 1 3   ? 16.812  -24.651 10.517  1.00 35.93 ? 3   HIS A N   1 
ATOM   9    C CA  . HIS A 1 3   ? 16.749  -24.450 9.069   1.00 35.29 ? 3   HIS A CA  1 
ATOM   10   C C   . HIS A 1 3   ? 15.536  -25.151 8.467   1.00 37.62 ? 3   HIS A C   1 
ATOM   11   O O   . HIS A 1 3   ? 15.238  -26.297 8.807   1.00 37.53 ? 3   HIS A O   1 
ATOM   12   C CB  . HIS A 1 3   ? 18.014  -24.970 8.380   1.00 35.17 ? 3   HIS A CB  1 
ATOM   13   C CG  . HIS A 1 3   ? 19.172  -24.025 8.421   1.00 36.70 ? 3   HIS A CG  1 
ATOM   14   N ND1 . HIS A 1 3   ? 19.966  -23.865 9.536   1.00 39.30 ? 3   HIS A ND1 1 
ATOM   15   C CD2 . HIS A 1 3   ? 19.675  -23.192 7.480   1.00 37.95 ? 3   HIS A CD2 1 
ATOM   16   C CE1 . HIS A 1 3   ? 20.912  -22.980 9.279   1.00 35.80 ? 3   HIS A CE1 1 
ATOM   17   N NE2 . HIS A 1 3   ? 20.755  -22.551 8.038   1.00 41.67 ? 3   HIS A NE2 1 
ATOM   18   N N   . ILE A 1 4   ? 14.840  -24.464 7.567   1.00 33.79 ? 4   ILE A N   1 
ATOM   19   C CA  . ILE A 1 4   ? 13.726  -25.066 6.845   1.00 30.80 ? 4   ILE A CA  1 
ATOM   20   C C   . ILE A 1 4   ? 13.857  -24.816 5.350   1.00 34.91 ? 4   ILE A C   1 
ATOM   21   O O   . ILE A 1 4   ? 13.904  -23.665 4.920   1.00 27.89 ? 4   ILE A O   1 
ATOM   22   C CB  . ILE A 1 4   ? 12.375  -24.513 7.313   1.00 31.46 ? 4   ILE A CB  1 
ATOM   23   C CG1 . ILE A 1 4   ? 12.138  -24.828 8.795   1.00 33.37 ? 4   ILE A CG1 1 
ATOM   24   C CG2 . ILE A 1 4   ? 11.262  -25.062 6.446   1.00 29.34 ? 4   ILE A CG2 1 
ATOM   25   C CD1 . ILE A 1 4   ? 10.790  -24.372 9.297   1.00 37.53 ? 4   ILE A CD1 1 
ATOM   26   N N   . ALA A 1 5   ? 13.916  -25.888 4.561   1.00 30.51 ? 5   ALA A N   1 
ATOM   27   C CA  . ALA A 1 5   ? 13.973  -25.761 3.106   1.00 30.17 ? 5   ALA A CA  1 
ATOM   28   C C   . ALA A 1 5   ? 12.583  -25.482 2.530   1.00 26.28 ? 5   ALA A C   1 
ATOM   29   O O   . ALA A 1 5   ? 11.582  -25.995 3.023   1.00 33.43 ? 5   ALA A O   1 
ATOM   30   C CB  . ALA A 1 5   ? 14.566  -27.028 2.475   1.00 29.62 ? 5   ALA A CB  1 
ATOM   31   N N   . MET A 1 6   ? 12.519  -24.663 1.483   1.00 25.01 ? 6   MET A N   1 
ATOM   32   C CA  . MET A 1 6   ? 11.237  -24.315 0.886   1.00 24.14 ? 6   MET A CA  1 
ATOM   33   C C   . MET A 1 6   ? 10.674  -25.452 0.018   1.00 26.32 ? 6   MET A C   1 
ATOM   34   O O   . MET A 1 6   ? 9.468   -25.524 -0.232  1.00 26.73 ? 6   MET A O   1 
ATOM   35   C CB  . MET A 1 6   ? 11.370  -23.036 0.042   1.00 27.99 ? 6   MET A CB  1 
ATOM   36   C CG  . MET A 1 6   ? 11.712  -21.782 0.847   1.00 23.59 ? 6   MET A CG  1 
ATOM   37   S SD  . MET A 1 6   ? 10.414  -21.298 2.005   1.00 25.37 ? 6   MET A SD  1 
ATOM   38   C CE  . MET A 1 6   ? 11.071  -21.967 3.532   1.00 30.54 ? 6   MET A CE  1 
ATOM   39   N N   . SER A 1 7   ? 11.559  -26.334 -0.430  1.00 29.50 ? 7   SER A N   1 
ATOM   40   C CA  . SER A 1 7   ? 11.170  -27.409 -1.342  1.00 32.85 ? 7   SER A CA  1 
ATOM   41   C C   . SER A 1 7   ? 10.185  -28.388 -0.692  1.00 32.49 ? 7   SER A C   1 
ATOM   42   O O   . SER A 1 7   ? 9.354   -28.995 -1.363  1.00 35.34 ? 7   SER A O   1 
ATOM   43   C CB  . SER A 1 7   ? 12.410  -28.160 -1.826  1.00 32.12 ? 7   SER A CB  1 
ATOM   44   O OG  . SER A 1 7   ? 13.147  -28.687 -0.735  1.00 34.74 ? 7   SER A OG  1 
ATOM   45   N N   . GLY A 1 8   ? 10.265  -28.528 0.622   1.00 29.54 ? 8   GLY A N   1 
ATOM   46   C CA  . GLY A 1 8   ? 9.395   -29.473 1.296   1.00 34.42 ? 8   GLY A CA  1 
ATOM   47   C C   . GLY A 1 8   ? 7.961   -29.012 1.516   1.00 36.44 ? 8   GLY A C   1 
ATOM   48   O O   . GLY A 1 8   ? 7.120   -29.806 1.947   1.00 34.30 ? 8   GLY A O   1 
ATOM   49   N N   . LEU A 1 9   ? 7.655   -27.760 1.177   1.00 29.12 ? 9   LEU A N   1 
ATOM   50   C CA  . LEU A 1 9   ? 6.432   -27.126 1.671   1.00 28.02 ? 9   LEU A CA  1 
ATOM   51   C C   . LEU A 1 9   ? 5.303   -26.952 0.662   1.00 26.91 ? 9   LEU A C   1 
ATOM   52   O O   . LEU A 1 9   ? 5.529   -26.882 -0.547  1.00 30.09 ? 9   LEU A O   1 
ATOM   53   C CB  . LEU A 1 9   ? 6.786   -25.746 2.242   1.00 27.18 ? 9   LEU A CB  1 
ATOM   54   C CG  . LEU A 1 9   ? 7.980   -25.735 3.196   1.00 27.99 ? 9   LEU A CG  1 
ATOM   55   C CD1 . LEU A 1 9   ? 8.256   -24.311 3.689   1.00 28.23 ? 9   LEU A CD1 1 
ATOM   56   C CD2 . LEU A 1 9   ? 7.746   -26.671 4.374   1.00 30.69 ? 9   LEU A CD2 1 
ATOM   57   N N   . THR A 1 10  ? 4.086   -26.857 1.184   1.00 26.08 ? 10  THR A N   1 
ATOM   58   C CA  . THR A 1 10  ? 2.925   -26.494 0.389   1.00 26.87 ? 10  THR A CA  1 
ATOM   59   C C   . THR A 1 10  ? 2.946   -24.988 0.167   1.00 28.33 ? 10  THR A C   1 
ATOM   60   O O   . THR A 1 10  ? 3.694   -24.278 0.841   1.00 28.93 ? 10  THR A O   1 
ATOM   61   C CB  . THR A 1 10  ? 1.612   -26.879 1.078   1.00 30.44 ? 10  THR A CB  1 
ATOM   62   O OG1 . THR A 1 10  ? 1.409   -26.038 2.224   1.00 28.11 ? 10  THR A OG1 1 
ATOM   63   C CG2 . THR A 1 10  ? 1.657   -28.341 1.532   1.00 30.21 ? 10  THR A CG2 1 
ATOM   64   N N   . ASN A 1 11  ? 2.121   -24.510 -0.755  1.00 27.78 ? 11  ASN A N   1 
ATOM   65   C CA  . ASN A 1 11  ? 2.001   -23.071 -0.976  1.00 30.76 ? 11  ASN A CA  1 
ATOM   66   C C   . ASN A 1 11  ? 1.504   -22.338 0.262   1.00 29.70 ? 11  ASN A C   1 
ATOM   67   O O   . ASN A 1 11  ? 1.923   -21.214 0.530   1.00 27.36 ? 11  ASN A O   1 
ATOM   68   C CB  . ASN A 1 11  ? 1.080   -22.783 -2.156  1.00 29.44 ? 11  ASN A CB  1 
ATOM   69   C CG  . ASN A 1 11  ? 1.808   -22.857 -3.481  1.00 39.19 ? 11  ASN A CG  1 
ATOM   70   O OD1 . ASN A 1 11  ? 3.037   -22.794 -3.527  1.00 35.19 ? 11  ASN A OD1 1 
ATOM   71   N ND2 . ASN A 1 11  ? 1.055   -23.009 -4.566  1.00 40.73 ? 11  ASN A ND2 1 
ATOM   72   N N   . MET A 1 12  ? 0.621   -22.967 1.028   1.00 28.21 ? 12  MET A N   1 
ATOM   73   C CA  . MET A 1 12  ? 0.133   -22.340 2.254   1.00 29.09 ? 12  MET A CA  1 
ATOM   74   C C   . MET A 1 12  ? 1.245   -22.212 3.294   1.00 26.07 ? 12  MET A C   1 
ATOM   75   O O   . MET A 1 12  ? 1.344   -21.199 4.003   1.00 27.60 ? 12  MET A O   1 
ATOM   76   C CB  . MET A 1 12  ? -1.037  -23.134 2.838   1.00 32.19 ? 12  MET A CB  1 
ATOM   77   C CG  . MET A 1 12  ? -1.754  -22.417 3.976   1.00 36.03 ? 12  MET A CG  1 
ATOM   78   S SD  . MET A 1 12  ? -2.415  -20.823 3.455   1.00 56.47 ? 12  MET A SD  1 
ATOM   79   C CE  . MET A 1 12  ? -3.311  -21.292 1.972   1.00 49.81 ? 12  MET A CE  1 
ATOM   80   N N   . GLN A 1 13  ? 2.082   -23.237 3.386   1.00 25.93 ? 13  GLN A N   1 
ATOM   81   C CA  . GLN A 1 13  ? 3.171   -23.231 4.351   1.00 24.38 ? 13  GLN A CA  1 
ATOM   82   C C   . GLN A 1 13  ? 4.197   -22.152 3.984   1.00 26.05 ? 13  GLN A C   1 
ATOM   83   O O   . GLN A 1 13  ? 4.684   -21.408 4.853   1.00 24.54 ? 13  GLN A O   1 
ATOM   84   C CB  . GLN A 1 13  ? 3.823   -24.611 4.429   1.00 28.36 ? 13  GLN A CB  1 
ATOM   85   C CG  . GLN A 1 13  ? 2.890   -25.660 5.049   1.00 26.90 ? 13  GLN A CG  1 
ATOM   86   C CD  . GLN A 1 13  ? 3.452   -27.074 4.984   1.00 29.85 ? 13  GLN A CD  1 
ATOM   87   O OE1 . GLN A 1 13  ? 4.257   -27.407 4.112   1.00 27.18 ? 13  GLN A OE1 1 
ATOM   88   N NE2 . GLN A 1 13  ? 3.029   -27.914 5.926   1.00 39.83 ? 13  GLN A NE2 1 
ATOM   89   N N   . LYS A 1 14  ? 4.488   -22.060 2.688   1.00 24.17 ? 14  LYS A N   1 
ATOM   90   C CA  . LYS A 1 14  ? 5.379   -21.021 2.178   1.00 23.67 ? 14  LYS A CA  1 
ATOM   91   C C   . LYS A 1 14  ? 4.795   -19.646 2.457   1.00 22.70 ? 14  LYS A C   1 
ATOM   92   O O   . LYS A 1 14  ? 5.500   -18.753 2.935   1.00 22.45 ? 14  LYS A O   1 
ATOM   93   C CB  . LYS A 1 14  ? 5.640   -21.211 0.681   1.00 24.46 ? 14  LYS A CB  1 
ATOM   94   C CG  . LYS A 1 14  ? 6.657   -22.322 0.397   1.00 25.13 ? 14  LYS A CG  1 
ATOM   95   C CD  . LYS A 1 14  ? 6.932   -22.524 -1.086  1.00 29.88 ? 14  LYS A CD  1 
ATOM   96   C CE  . LYS A 1 14  ? 5.760   -23.152 -1.792  1.00 28.74 ? 14  LYS A CE  1 
ATOM   97   N NZ  . LYS A 1 14  ? 6.048   -23.442 -3.223  1.00 33.90 ? 14  LYS A NZ  1 
ATOM   98   N N   . TYR A 1 15  ? 3.510   -19.471 2.177   1.00 22.31 ? 15  TYR A N   1 
ATOM   99   C CA  . TYR A 1 15  ? 2.838   -18.213 2.504   1.00 23.86 ? 15  TYR A CA  1 
ATOM   100  C C   . TYR A 1 15  ? 3.015   -17.856 3.978   1.00 25.03 ? 15  TYR A C   1 
ATOM   101  O O   . TYR A 1 15  ? 3.385   -16.726 4.313   1.00 21.96 ? 15  TYR A O   1 
ATOM   102  C CB  . TYR A 1 15  ? 1.355   -18.280 2.157   1.00 23.14 ? 15  TYR A CB  1 
ATOM   103  C CG  . TYR A 1 15  ? 0.563   -17.099 2.681   1.00 25.01 ? 15  TYR A CG  1 
ATOM   104  C CD1 . TYR A 1 15  ? 0.481   -15.908 1.956   1.00 28.49 ? 15  TYR A CD1 1 
ATOM   105  C CD2 . TYR A 1 15  ? -0.098  -17.172 3.898   1.00 27.70 ? 15  TYR A CD2 1 
ATOM   106  C CE1 . TYR A 1 15  ? -0.249  -14.830 2.439   1.00 25.26 ? 15  TYR A CE1 1 
ATOM   107  C CE2 . TYR A 1 15  ? -0.822  -16.096 4.387   1.00 28.58 ? 15  TYR A CE2 1 
ATOM   108  C CZ  . TYR A 1 15  ? -0.892  -14.935 3.658   1.00 31.01 ? 15  TYR A CZ  1 
ATOM   109  O OH  . TYR A 1 15  ? -1.627  -13.884 4.164   1.00 33.07 ? 15  TYR A OH  1 
ATOM   110  N N   . TRP A 1 16  ? 2.764   -18.803 4.878   1.00 22.67 ? 16  TRP A N   1 
ATOM   111  C CA  . TRP A 1 16  ? 2.876   -18.454 6.292   1.00 23.06 ? 16  TRP A CA  1 
ATOM   112  C C   . TRP A 1 16  ? 4.298   -18.130 6.717   1.00 20.56 ? 16  TRP A C   1 
ATOM   113  O O   . TRP A 1 16  ? 4.499   -17.203 7.515   1.00 22.21 ? 16  TRP A O   1 
ATOM   114  C CB  . TRP A 1 16  ? 2.295   -19.563 7.178   1.00 26.00 ? 16  TRP A CB  1 
ATOM   115  C CG  . TRP A 1 16  ? 0.820   -19.444 7.253   1.00 30.07 ? 16  TRP A CG  1 
ATOM   116  C CD1 . TRP A 1 16  ? -0.095  -20.126 6.515   1.00 34.65 ? 16  TRP A CD1 1 
ATOM   117  C CD2 . TRP A 1 16  ? 0.079   -18.552 8.090   1.00 33.32 ? 16  TRP A CD2 1 
ATOM   118  N NE1 . TRP A 1 16  ? -1.368  -19.725 6.845   1.00 39.58 ? 16  TRP A NE1 1 
ATOM   119  C CE2 . TRP A 1 16  ? -1.287  -18.758 7.810   1.00 37.99 ? 16  TRP A CE2 1 
ATOM   120  C CE3 . TRP A 1 16  ? 0.439   -17.604 9.056   1.00 34.46 ? 16  TRP A CE3 1 
ATOM   121  C CZ2 . TRP A 1 16  ? -2.299  -18.047 8.462   1.00 36.99 ? 16  TRP A CZ2 1 
ATOM   122  C CZ3 . TRP A 1 16  ? -0.569  -16.900 9.705   1.00 32.24 ? 16  TRP A CZ3 1 
ATOM   123  C CH2 . TRP A 1 16  ? -1.920  -17.124 9.401   1.00 37.89 ? 16  TRP A CH2 1 
ATOM   124  N N   . LEU A 1 17  ? 5.287   -18.853 6.192   1.00 19.98 ? 17  LEU A N   1 
ATOM   125  C CA  . LEU A 1 17  ? 6.666   -18.599 6.613   1.00 21.12 ? 17  LEU A CA  1 
ATOM   126  C C   . LEU A 1 17  ? 7.200   -17.259 6.045   1.00 19.50 ? 17  LEU A C   1 
ATOM   127  O O   . LEU A 1 17  ? 7.897   -16.487 6.746   1.00 21.60 ? 17  LEU A O   1 
ATOM   128  C CB  . LEU A 1 17  ? 7.580   -19.746 6.202   1.00 23.29 ? 17  LEU A CB  1 
ATOM   129  C CG  . LEU A 1 17  ? 7.345   -21.055 6.974   1.00 24.34 ? 17  LEU A CG  1 
ATOM   130  C CD1 . LEU A 1 17  ? 8.316   -22.123 6.491   1.00 26.93 ? 17  LEU A CD1 1 
ATOM   131  C CD2 . LEU A 1 17  ? 7.498   -20.831 8.471   1.00 29.97 ? 17  LEU A CD2 1 
ATOM   132  N N   . ILE A 1 18  ? 6.842   -16.992 4.791   1.00 19.72 ? 18  ILE A N   1 
ATOM   133  C CA  . ILE A 1 18  ? 7.203   -15.720 4.159   1.00 18.18 ? 18  ILE A CA  1 
ATOM   134  C C   . ILE A 1 18  ? 6.529   -14.541 4.867   1.00 18.17 ? 18  ILE A C   1 
ATOM   135  O O   . ILE A 1 18  ? 7.216   -13.617 5.329   1.00 18.70 ? 18  ILE A O   1 
ATOM   136  C CB  . ILE A 1 18  ? 6.822   -15.683 2.671   1.00 19.82 ? 18  ILE A CB  1 
ATOM   137  C CG1 . ILE A 1 18  ? 7.603   -16.735 1.885   1.00 20.87 ? 18  ILE A CG1 1 
ATOM   138  C CG2 . ILE A 1 18  ? 7.083   -14.268 2.100   1.00 20.52 ? 18  ILE A CG2 1 
ATOM   139  C CD1 . ILE A 1 18  ? 7.058   -16.965 0.483   1.00 18.89 ? 18  ILE A CD1 1 
ATOM   140  N N   . THR A 1 19  ? 5.203   -14.563 4.978   1.00 18.38 ? 19  THR A N   1 
ATOM   141  C CA  . THR A 1 19  ? 4.518   -13.410 5.586   1.00 18.31 ? 19  THR A CA  1 
ATOM   142  C C   . THR A 1 19  ? 4.825   -13.268 7.072   1.00 20.12 ? 19  THR A C   1 
ATOM   143  O O   . THR A 1 19  ? 4.732   -12.168 7.634   1.00 19.91 ? 19  THR A O   1 
ATOM   144  C CB  . THR A 1 19  ? 2.998   -13.464 5.396   1.00 19.71 ? 19  THR A CB  1 
ATOM   145  O OG1 . THR A 1 19  ? 2.471   -14.682 5.959   1.00 20.83 ? 19  THR A OG1 1 
ATOM   146  C CG2 . THR A 1 19  ? 2.628   -13.357 3.908   1.00 20.97 ? 19  THR A CG2 1 
ATOM   147  N N   . GLY A 1 20  ? 5.197   -14.364 7.722   1.00 18.01 ? 20  GLY A N   1 
ATOM   148  C CA  . GLY A 1 20  ? 5.625   -14.256 9.099   1.00 18.97 ? 20  GLY A CA  1 
ATOM   149  C C   . GLY A 1 20  ? 7.045   -13.788 9.309   1.00 21.40 ? 20  GLY A C   1 
ATOM   150  O O   . GLY A 1 20  ? 7.383   -13.387 10.436  1.00 22.10 ? 20  GLY A O   1 
ATOM   151  N N   . SER A 1 21  ? 7.893   -13.861 8.272   1.00 18.61 ? 21  SER A N   1 
ATOM   152  C CA  . SER A 1 21  ? 9.294   -13.477 8.460   1.00 18.42 ? 21  SER A CA  1 
ATOM   153  C C   . SER A 1 21  ? 9.726   -12.148 7.810   1.00 18.87 ? 21  SER A C   1 
ATOM   154  O O   . SER A 1 21  ? 10.835  -11.669 8.075   1.00 19.82 ? 21  SER A O   1 
ATOM   155  C CB  . SER A 1 21  ? 10.216  -14.596 7.960   1.00 19.56 ? 21  SER A CB  1 
ATOM   156  O OG  . SER A 1 21  ? 9.951   -14.879 6.597   1.00 20.08 ? 21  SER A OG  1 
ATOM   157  N N   . VAL A 1 22  ? 8.881   -11.544 6.970   1.00 18.29 ? 22  VAL A N   1 
ATOM   158  C CA  . VAL A 1 22  ? 9.241   -10.218 6.458   1.00 18.16 ? 22  VAL A CA  1 
ATOM   159  C C   . VAL A 1 22  ? 8.243   -9.188  6.982   1.00 18.90 ? 22  VAL A C   1 
ATOM   160  O O   . VAL A 1 22  ? 7.051   -9.259  6.716   1.00 18.55 ? 22  VAL A O   1 
ATOM   161  C CB  . VAL A 1 22  ? 9.317   -10.159 4.892   1.00 19.07 ? 22  VAL A CB  1 
ATOM   162  C CG1 . VAL A 1 22  ? 8.059   -10.717 4.224   1.00 18.62 ? 22  VAL A CG1 1 
ATOM   163  C CG2 . VAL A 1 22  ? 9.554   -8.714  4.433   1.00 17.62 ? 22  VAL A CG2 1 
ATOM   164  N N   . GLY A 1 23  ? 8.730   -8.240  7.769   1.00 16.30 ? 23  GLY A N   1 
ATOM   165  C CA  . GLY A 1 23  ? 7.825   -7.269  8.359   1.00 15.98 ? 23  GLY A CA  1 
ATOM   166  C C   . GLY A 1 23  ? 8.609   -6.238  9.139   1.00 14.75 ? 23  GLY A C   1 
ATOM   167  O O   . GLY A 1 23  ? 9.826   -6.355  9.259   1.00 17.73 ? 23  GLY A O   1 
ATOM   168  N N   . PRO A 1 24  ? 7.926   -5.209  9.640   1.00 15.80 ? 24  PRO A N   1 
ATOM   169  C CA  . PRO A 1 24  ? 6.526   -4.943  9.322   1.00 15.08 ? 24  PRO A CA  1 
ATOM   170  C C   . PRO A 1 24  ? 6.427   -4.444  7.871   1.00 16.57 ? 24  PRO A C   1 
ATOM   171  O O   . PRO A 1 24  ? 7.403   -3.874  7.365   1.00 17.27 ? 24  PRO A O   1 
ATOM   172  C CB  . PRO A 1 24  ? 6.160   -3.845  10.324  1.00 16.33 ? 24  PRO A CB  1 
ATOM   173  C CG  . PRO A 1 24  ? 7.460   -3.058  10.452  1.00 16.73 ? 24  PRO A CG  1 
ATOM   174  C CD  . PRO A 1 24  ? 8.565   -4.076  10.342  1.00 17.71 ? 24  PRO A CD  1 
ATOM   175  N N   . ARG A 1 25  ? 5.298   -4.700  7.211   1.00 13.68 ? 25  ARG A N   1 
ATOM   176  C CA  . ARG A 1 25  ? 5.089   -4.327  5.812   1.00 15.69 ? 25  ARG A CA  1 
ATOM   177  C C   . ARG A 1 25  ? 4.166   -3.117  5.695   1.00 14.96 ? 25  ARG A C   1 
ATOM   178  O O   . ARG A 1 25  ? 3.185   -2.994  6.436   1.00 16.74 ? 25  ARG A O   1 
ATOM   179  C CB  . ARG A 1 25  ? 4.503   -5.503  5.023   1.00 14.79 ? 25  ARG A CB  1 
ATOM   180  C CG  . ARG A 1 25  ? 5.373   -6.755  5.092   1.00 16.10 ? 25  ARG A CG  1 
ATOM   181  C CD  . ARG A 1 25  ? 4.875   -7.839  4.160   1.00 15.31 ? 25  ARG A CD  1 
ATOM   182  N NE  . ARG A 1 25  ? 3.556   -8.382  4.484   1.00 17.32 ? 25  ARG A NE  1 
ATOM   183  C CZ  . ARG A 1 25  ? 3.315   -9.311  5.408   1.00 16.86 ? 25  ARG A CZ  1 
ATOM   184  N NH1 . ARG A 1 25  ? 4.275   -9.747  6.204   1.00 16.97 1 25  ARG A NH1 1 
ATOM   185  N NH2 . ARG A 1 25  ? 2.074   -9.778  5.558   1.00 21.24 ? 25  ARG A NH2 1 
ATOM   186  N N   . PRO A 1 26  ? 4.471   -2.212  4.756   1.00 13.32 ? 26  PRO A N   1 
ATOM   187  C CA  . PRO A 1 26  ? 3.559   -1.088  4.524   1.00 15.41 ? 26  PRO A CA  1 
ATOM   188  C C   . PRO A 1 26  ? 2.306   -1.565  3.802   1.00 15.45 ? 26  PRO A C   1 
ATOM   189  O O   . PRO A 1 26  ? 2.359   -2.566  3.077   1.00 15.68 ? 26  PRO A O   1 
ATOM   190  C CB  . PRO A 1 26  ? 4.373   -0.163  3.615   1.00 14.23 ? 26  PRO A CB  1 
ATOM   191  C CG  . PRO A 1 26  ? 5.237   -1.139  2.816   1.00 14.21 ? 26  PRO A CG  1 
ATOM   192  C CD  . PRO A 1 26  ? 5.587   -2.246  3.788   1.00 15.08 ? 26  PRO A CD  1 
ATOM   193  N N   . ILE A 1 27  ? 1.208   -0.849  3.993   1.00 15.39 ? 27  ILE A N   1 
ATOM   194  C CA  . ILE A 1 27  ? -0.094  -1.260  3.452   1.00 16.46 ? 27  ILE A CA  1 
ATOM   195  C C   . ILE A 1 27  ? -0.583  -0.258  2.423   1.00 15.98 ? 27  ILE A C   1 
ATOM   196  O O   . ILE A 1 27  ? -0.748  0.927   2.714   1.00 17.09 ? 27  ILE A O   1 
ATOM   197  C CB  . ILE A 1 27  ? -1.136  -1.404  4.561   1.00 15.22 ? 27  ILE A CB  1 
ATOM   198  C CG1 . ILE A 1 27  ? -0.635  -2.387  5.625   1.00 17.40 ? 27  ILE A CG1 1 
ATOM   199  C CG2 . ILE A 1 27  ? -2.466  -1.922  3.986   1.00 17.17 ? 27  ILE A CG2 1 
ATOM   200  C CD1 . ILE A 1 27  ? -1.508  -2.400  6.891   1.00 18.31 ? 27  ILE A CD1 1 
ATOM   201  N N   . ALA A 1 28  ? -0.798  -0.745  1.210   1.00 14.88 ? 28  ALA A N   1 
ATOM   202  C CA  . ALA A 1 28  ? -1.392  0.073   0.157   1.00 16.79 ? 28  ALA A CA  1 
ATOM   203  C C   . ALA A 1 28  ? -2.884  -0.232  0.097   1.00 19.35 ? 28  ALA A C   1 
ATOM   204  O O   . ALA A 1 28  ? -3.273  -1.312  -0.334  1.00 18.15 ? 28  ALA A O   1 
ATOM   205  C CB  . ALA A 1 28  ? -0.727  -0.210  -1.197  1.00 19.15 ? 28  ALA A CB  1 
ATOM   206  N N   . LEU A 1 29  ? -3.714  0.703   0.548   1.00 17.76 ? 29  LEU A N   1 
ATOM   207  C CA  . LEU A 1 29  ? -5.157  0.525   0.408   1.00 18.55 ? 29  LEU A CA  1 
ATOM   208  C C   . LEU A 1 29  ? -5.539  1.170   -0.919  1.00 17.10 ? 29  LEU A C   1 
ATOM   209  O O   . LEU A 1 29  ? -5.637  2.378   -1.022  1.00 19.31 ? 29  LEU A O   1 
ATOM   210  C CB  . LEU A 1 29  ? -5.895  1.143   1.598   1.00 20.55 ? 29  LEU A CB  1 
ATOM   211  C CG  . LEU A 1 29  ? -7.424  1.110   1.589   1.00 24.32 ? 29  LEU A CG  1 
ATOM   212  C CD1 . LEU A 1 29  ? -7.939  -0.275  1.231   1.00 23.89 ? 29  LEU A CD1 1 
ATOM   213  C CD2 . LEU A 1 29  ? -7.915  1.554   2.965   1.00 26.07 ? 29  LEU A CD2 1 
ATOM   214  N N   . VAL A 1 30  ? -5.678  0.337   -1.936  1.00 19.86 ? 30  VAL A N   1 
ATOM   215  C CA  . VAL A 1 30  ? -5.856  0.793   -3.312  1.00 18.82 ? 30  VAL A CA  1 
ATOM   216  C C   . VAL A 1 30  ? -7.322  1.054   -3.602  1.00 20.80 ? 30  VAL A C   1 
ATOM   217  O O   . VAL A 1 30  ? -8.154  0.147   -3.452  1.00 22.56 ? 30  VAL A O   1 
ATOM   218  C CB  . VAL A 1 30  ? -5.296  -0.241  -4.298  1.00 20.85 ? 30  VAL A CB  1 
ATOM   219  C CG1 . VAL A 1 30  ? -5.524  0.190   -5.751  1.00 22.44 ? 30  VAL A CG1 1 
ATOM   220  C CG2 . VAL A 1 30  ? -3.796  -0.453  -4.038  1.00 19.06 ? 30  VAL A CG2 1 
ATOM   221  N N   . THR A 1 31  ? -7.627  2.287   -4.000  1.00 22.67 ? 31  THR A N   1 
ATOM   222  C CA  . THR A 1 31  ? -8.932  2.578   -4.589  1.00 24.74 ? 31  THR A CA  1 
ATOM   223  C C   . THR A 1 31  ? -8.802  2.636   -6.111  1.00 26.73 ? 31  THR A C   1 
ATOM   224  O O   . THR A 1 31  ? -7.811  3.154   -6.656  1.00 25.27 ? 31  THR A O   1 
ATOM   225  C CB  . THR A 1 31  ? -9.554  3.894   -4.053  1.00 23.71 ? 31  THR A CB  1 
ATOM   226  O OG1 . THR A 1 31  ? -8.582  4.945   -4.023  1.00 25.03 ? 31  THR A OG1 1 
ATOM   227  C CG2 . THR A 1 31  ? -10.119 3.686   -2.649  1.00 24.53 ? 31  THR A CG2 1 
ATOM   228  N N   . SER A 1 32  ? -9.800  2.065   -6.784  1.00 24.11 ? 32  SER A N   1 
ATOM   229  C CA  . SER A 1 32  ? -9.807  1.994   -8.241  1.00 26.83 ? 32  SER A CA  1 
ATOM   230  C C   . SER A 1 32  ? -11.253 2.106   -8.727  1.00 30.27 ? 32  SER A C   1 
ATOM   231  O O   . SER A 1 32  ? -12.174 1.971   -7.931  1.00 30.88 ? 32  SER A O   1 
ATOM   232  C CB  . SER A 1 32  ? -9.152  0.694   -8.722  1.00 25.91 ? 32  SER A CB  1 
ATOM   233  O OG  . SER A 1 32  ? -9.754  -0.454  -8.148  1.00 29.45 ? 32  SER A OG  1 
ATOM   234  N N   . LEU A 1 33  ? -11.448 2.375   -10.016 1.00 28.97 ? 33  LEU A N   1 
ATOM   235  C CA  . LEU A 1 33  ? -12.800 2.478   -10.580 1.00 33.39 ? 33  LEU A CA  1 
ATOM   236  C C   . LEU A 1 33  ? -13.071 1.414   -11.639 1.00 32.80 ? 33  LEU A C   1 
ATOM   237  O O   . LEU A 1 33  ? -12.222 1.151   -12.488 1.00 34.14 ? 33  LEU A O   1 
ATOM   238  C CB  . LEU A 1 33  ? -13.016 3.862   -11.193 1.00 29.61 ? 33  LEU A CB  1 
ATOM   239  C CG  . LEU A 1 33  ? -13.005 5.070   -10.266 1.00 30.16 ? 33  LEU A CG  1 
ATOM   240  C CD1 . LEU A 1 33  ? -13.086 6.347   -11.088 1.00 36.20 ? 33  LEU A CD1 1 
ATOM   241  C CD2 . LEU A 1 33  ? -14.163 4.981   -9.289  1.00 35.61 ? 33  LEU A CD2 1 
ATOM   242  N N   . ASN A 1 34  ? -14.256 0.805   -11.602 1.00 36.47 ? 34  ASN A N   1 
ATOM   243  C CA  . ASN A 1 34  ? -14.623 -0.153  -12.645 1.00 39.83 ? 34  ASN A CA  1 
ATOM   244  C C   . ASN A 1 34  ? -15.290 0.540   -13.839 1.00 39.46 ? 34  ASN A C   1 
ATOM   245  O O   . ASN A 1 34  ? -15.309 1.772   -13.920 1.00 39.59 ? 34  ASN A O   1 
ATOM   246  C CB  . ASN A 1 34  ? -15.536 -1.258  -12.093 1.00 39.06 ? 34  ASN A CB  1 
ATOM   247  C CG  . ASN A 1 34  ? -16.921 -0.757  -11.693 1.00 42.24 ? 34  ASN A CG  1 
ATOM   248  O OD1 . ASN A 1 34  ? -17.258 0.414   -11.847 1.00 45.82 ? 34  ASN A OD1 1 
ATOM   249  N ND2 . ASN A 1 34  ? -17.738 -1.669  -11.188 1.00 46.46 ? 34  ASN A ND2 1 
ATOM   250  N N   . SER A 1 35  ? -15.834 -0.262  -14.755 1.00 45.93 ? 35  SER A N   1 
ATOM   251  C CA  . SER A 1 35  ? -16.460 0.238   -15.983 1.00 48.73 ? 35  SER A CA  1 
ATOM   252  C C   . SER A 1 35  ? -17.585 1.230   -15.723 1.00 49.65 ? 35  SER A C   1 
ATOM   253  O O   . SER A 1 35  ? -17.827 2.130   -16.522 1.00 55.46 ? 35  SER A O   1 
ATOM   254  C CB  . SER A 1 35  ? -17.021 -0.922  -16.808 1.00 48.28 ? 35  SER A CB  1 
ATOM   255  O OG  . SER A 1 35  ? -16.020 -1.870  -17.113 1.00 55.00 ? 35  SER A OG  1 
ATOM   256  N N   . GLU A 1 36  ? -18.268 1.053   -14.598 1.00 50.14 ? 36  GLU A N   1 
ATOM   257  C CA  . GLU A 1 36  ? -19.488 1.789   -14.304 1.00 49.33 ? 36  GLU A CA  1 
ATOM   258  C C   . GLU A 1 36  ? -19.252 2.981   -13.384 1.00 50.65 ? 36  GLU A C   1 
ATOM   259  O O   . GLU A 1 36  ? -20.195 3.683   -13.016 1.00 53.76 ? 36  GLU A O   1 
ATOM   260  C CB  . GLU A 1 36  ? -20.510 0.841   -13.677 1.00 54.23 ? 36  GLU A CB  1 
ATOM   261  C CG  . GLU A 1 36  ? -20.493 -0.546  -14.298 1.00 53.99 ? 36  GLU A CG  1 
ATOM   262  C CD  . GLU A 1 36  ? -20.781 -1.650  -13.294 1.00 64.01 ? 36  GLU A CD  1 
ATOM   263  O OE1 . GLU A 1 36  ? -20.899 -1.353  -12.082 1.00 63.06 ? 36  GLU A OE1 1 
ATOM   264  O OE2 . GLU A 1 36  ? -20.880 -2.821  -13.721 1.00 72.76 ? 36  GLU A OE2 1 
ATOM   265  N N   . GLY A 1 37  ? -17.997 3.209   -13.005 1.00 49.16 ? 37  GLY A N   1 
ATOM   266  C CA  . GLY A 1 37  ? -17.665 4.309   -12.114 1.00 43.71 ? 37  GLY A CA  1 
ATOM   267  C C   . GLY A 1 37  ? -17.765 3.916   -10.650 1.00 37.18 ? 37  GLY A C   1 
ATOM   268  O O   . GLY A 1 37  ? -17.654 4.760   -9.759  1.00 41.91 ? 37  GLY A O   1 
ATOM   269  N N   . LEU A 1 38  ? -17.985 2.627   -10.411 1.00 38.17 ? 38  LEU A N   1 
ATOM   270  C CA  . LEU A 1 38  ? -18.024 2.075   -9.061  1.00 41.92 ? 38  LEU A CA  1 
ATOM   271  C C   . LEU A 1 38  ? -16.611 2.026   -8.478  1.00 38.54 ? 38  LEU A C   1 
ATOM   272  O O   . LEU A 1 38  ? -15.672 1.637   -9.168  1.00 37.60 ? 38  LEU A O   1 
ATOM   273  C CB  . LEU A 1 38  ? -18.646 0.677   -9.080  1.00 41.77 ? 38  LEU A CB  1 
ATOM   274  C CG  . LEU A 1 38  ? -19.010 -0.024  -7.775  1.00 44.54 ? 38  LEU A CG  1 
ATOM   275  C CD1 . LEU A 1 38  ? -20.483 0.191   -7.469  1.00 50.71 ? 38  LEU A CD1 1 
ATOM   276  C CD2 . LEU A 1 38  ? -18.695 -1.511  -7.868  1.00 50.07 ? 38  LEU A CD2 1 
ATOM   277  N N   . CYS A 1 39  ? -16.460 2.414   -7.216  1.00 36.19 ? 39  CYS A N   1 
ATOM   278  C CA  . CYS A 1 39  ? -15.135 2.434   -6.600  1.00 33.76 ? 39  CYS A CA  1 
ATOM   279  C C   . CYS A 1 39  ? -14.863 1.193   -5.756  1.00 34.04 ? 39  CYS A C   1 
ATOM   280  O O   . CYS A 1 39  ? -15.550 0.933   -4.765  1.00 37.34 ? 39  CYS A O   1 
ATOM   281  C CB  . CYS A 1 39  ? -14.958 3.682   -5.739  1.00 30.67 ? 39  CYS A CB  1 
ATOM   282  S SG  . CYS A 1 39  ? -13.286 3.835   -4.981  1.00 35.08 ? 39  CYS A SG  1 
ATOM   283  N N   . ASN A 1 40  ? -13.843 0.438   -6.149  1.00 29.83 ? 40  ASN A N   1 
ATOM   284  C CA  . ASN A 1 40  ? -13.400 -0.705  -5.376  1.00 29.67 ? 40  ASN A CA  1 
ATOM   285  C C   . ASN A 1 40  ? -12.244 -0.285  -4.477  1.00 27.81 ? 40  ASN A C   1 
ATOM   286  O O   . ASN A 1 40  ? -11.508 0.650   -4.798  1.00 27.91 ? 40  ASN A O   1 
ATOM   287  C CB  . ASN A 1 40  ? -12.986 -1.855  -6.290  1.00 31.81 ? 40  ASN A CB  1 
ATOM   288  C CG  . ASN A 1 40  ? -14.169 -2.486  -7.007  1.00 33.96 ? 40  ASN A CG  1 
ATOM   289  O OD1 . ASN A 1 40  ? -14.254 -2.458  -8.236  1.00 32.98 ? 40  ASN A OD1 1 
ATOM   290  N ND2 . ASN A 1 40  ? -15.078 -3.071  -6.239  1.00 37.31 ? 40  ASN A ND2 1 
ATOM   291  N N   . ALA A 1 41  ? -12.118 -0.959  -3.339  1.00 28.94 ? 41  ALA A N   1 
ATOM   292  C CA  . ALA A 1 41  ? -11.037 -0.685  -2.395  1.00 27.11 ? 41  ALA A CA  1 
ATOM   293  C C   . ALA A 1 41  ? -10.487 -2.008  -1.891  1.00 26.32 ? 41  ALA A C   1 
ATOM   294  O O   . ALA A 1 41  ? -11.252 -2.904  -1.531  1.00 26.62 ? 41  ALA A O   1 
ATOM   295  C CB  . ALA A 1 41  ? -11.529 0.173   -1.249  1.00 26.68 ? 41  ALA A CB  1 
ATOM   296  N N   . ALA A 1 42  ? -9.164  -2.166  -1.900  1.00 23.79 ? 42  ALA A N   1 
ATOM   297  C CA  . ALA A 1 42  ? -8.581  -3.426  -1.449  1.00 23.86 ? 42  ALA A CA  1 
ATOM   298  C C   . ALA A 1 42  ? -7.174  -3.171  -0.916  1.00 21.25 ? 42  ALA A C   1 
ATOM   299  O O   . ALA A 1 42  ? -6.413  -2.430  -1.533  1.00 21.93 ? 42  ALA A O   1 
ATOM   300  C CB  . ALA A 1 42  ? -8.544  -4.445  -2.567  1.00 26.24 ? 42  ALA A CB  1 
ATOM   301  N N   . PRO A 1 43  ? -6.860  -3.735  0.255   1.00 18.94 ? 43  PRO A N   1 
ATOM   302  C CA  . PRO A 1 43  ? -5.529  -3.527  0.838   1.00 19.79 ? 43  PRO A CA  1 
ATOM   303  C C   . PRO A 1 43  ? -4.521  -4.585  0.407   1.00 20.04 ? 43  PRO A C   1 
ATOM   304  O O   . PRO A 1 43  ? -4.829  -5.783  0.286   1.00 19.04 ? 43  PRO A O   1 
ATOM   305  C CB  . PRO A 1 43  ? -5.789  -3.635  2.341   1.00 21.53 ? 43  PRO A CB  1 
ATOM   306  C CG  . PRO A 1 43  ? -6.883  -4.687  2.404   1.00 22.61 ? 43  PRO A CG  1 
ATOM   307  C CD  . PRO A 1 43  ? -7.761  -4.432  1.192   1.00 24.86 ? 43  PRO A CD  1 
ATOM   308  N N   . TYR A 1 44  ? -3.283  -4.139  0.223   1.00 16.87 ? 44  TYR A N   1 
ATOM   309  C CA  . TYR A 1 44  ? -2.188  -5.029  -0.171  1.00 17.87 ? 44  TYR A CA  1 
ATOM   310  C C   . TYR A 1 44  ? -0.927  -4.676  0.594   1.00 16.29 ? 44  TYR A C   1 
ATOM   311  O O   . TYR A 1 44  ? -0.557  -3.516  0.617   1.00 20.79 ? 44  TYR A O   1 
ATOM   312  C CB  . TYR A 1 44  ? -1.892  -4.900  -1.663  1.00 19.52 ? 44  TYR A CB  1 
ATOM   313  C CG  . TYR A 1 44  ? -3.066  -5.223  -2.535  1.00 18.82 ? 44  TYR A CG  1 
ATOM   314  C CD1 . TYR A 1 44  ? -3.328  -6.529  -2.900  1.00 23.30 ? 44  TYR A CD1 1 
ATOM   315  C CD2 . TYR A 1 44  ? -3.915  -4.221  -2.973  1.00 19.79 ? 44  TYR A CD2 1 
ATOM   316  C CE1 . TYR A 1 44  ? -4.421  -6.845  -3.697  1.00 23.38 ? 44  TYR A CE1 1 
ATOM   317  C CE2 . TYR A 1 44  ? -5.012  -4.522  -3.768  1.00 24.40 ? 44  TYR A CE2 1 
ATOM   318  C CZ  . TYR A 1 44  ? -5.251  -5.834  -4.120  1.00 23.96 ? 44  TYR A CZ  1 
ATOM   319  O OH  . TYR A 1 44  ? -6.331  -6.149  -4.914  1.00 26.99 ? 44  TYR A OH  1 
ATOM   320  N N   . SER A 1 45  ? -0.257  -5.654  1.195   1.00 17.08 ? 45  SER A N   1 
ATOM   321  C CA  . SER A 1 45  ? 1.000   -5.355  1.880   1.00 17.58 ? 45  SER A CA  1 
ATOM   322  C C   . SER A 1 45  ? 2.214   -5.996  1.187   1.00 18.53 ? 45  SER A C   1 
ATOM   323  O O   . SER A 1 45  ? 3.332   -5.867  1.672   1.00 17.71 ? 45  SER A O   1 
ATOM   324  C CB  . SER A 1 45  ? 0.929   -5.772  3.369   1.00 18.95 ? 45  SER A CB  1 
ATOM   325  O OG  . SER A 1 45  ? 0.955   -7.180  3.531   1.00 19.29 ? 45  SER A OG  1 
ATOM   326  N N   . ALA A 1 46  ? 2.016   -6.636  0.032   1.00 17.86 ? 46  ALA A N   1 
ATOM   327  C CA  . ALA A 1 46  ? 3.153   -7.038  -0.798  1.00 15.96 ? 46  ALA A CA  1 
ATOM   328  C C   . ALA A 1 46  ? 3.470   -5.847  -1.689  1.00 17.32 ? 46  ALA A C   1 
ATOM   329  O O   . ALA A 1 46  ? 3.096   -5.808  -2.862  1.00 18.43 ? 46  ALA A O   1 
ATOM   330  C CB  . ALA A 1 46  ? 2.843   -8.293  -1.633  1.00 18.43 ? 46  ALA A CB  1 
ATOM   331  N N   . PHE A 1 47  ? 4.123   -4.854  -1.094  1.00 16.20 ? 47  PHE A N   1 
ATOM   332  C CA  . PHE A 1 47  ? 4.095   -3.475  -1.596  1.00 15.80 ? 47  PHE A CA  1 
ATOM   333  C C   . PHE A 1 47  ? 5.327   -2.762  -1.127  1.00 15.85 ? 47  PHE A C   1 
ATOM   334  O O   . PHE A 1 47  ? 5.669   -2.861  0.055   1.00 16.17 ? 47  PHE A O   1 
ATOM   335  C CB  . PHE A 1 47  ? 2.837   -2.764  -1.064  1.00 17.57 ? 47  PHE A CB  1 
ATOM   336  C CG  . PHE A 1 47  ? 2.875   -1.239  -1.092  1.00 15.72 ? 47  PHE A CG  1 
ATOM   337  C CD1 . PHE A 1 47  ? 3.131   -0.539  -2.268  1.00 15.79 ? 47  PHE A CD1 1 
ATOM   338  C CD2 . PHE A 1 47  ? 2.582   -0.518  0.060   1.00 16.24 ? 47  PHE A CD2 1 
ATOM   339  C CE1 . PHE A 1 47  ? 3.105   0.861   -2.280  1.00 17.04 ? 47  PHE A CE1 1 
ATOM   340  C CE2 . PHE A 1 47  ? 2.546   0.870   0.061   1.00 14.77 ? 47  PHE A CE2 1 
ATOM   341  C CZ  . PHE A 1 47  ? 2.807   1.558   -1.117  1.00 15.68 ? 47  PHE A CZ  1 
ATOM   342  N N   . ASN A 1 48  ? 5.997   -2.044  -2.031  1.00 15.31 ? 48  ASN A N   1 
ATOM   343  C CA  . ASN A 1 48  ? 6.958   -1.045  -1.569  1.00 14.15 ? 48  ASN A CA  1 
ATOM   344  C C   . ASN A 1 48  ? 7.317   -0.108  -2.707  1.00 15.21 ? 48  ASN A C   1 
ATOM   345  O O   . ASN A 1 48  ? 6.996   -0.375  -3.853  1.00 15.42 ? 48  ASN A O   1 
ATOM   346  C CB  . ASN A 1 48  ? 8.237   -1.687  -1.000  1.00 16.45 ? 48  ASN A CB  1 
ATOM   347  C CG  . ASN A 1 48  ? 8.777   -0.926  0.210   1.00 18.34 ? 48  ASN A CG  1 
ATOM   348  O OD1 . ASN A 1 48  ? 8.672   0.293   0.264   1.00 15.67 ? 48  ASN A OD1 1 
ATOM   349  N ND2 . ASN A 1 48  ? 9.330   -1.645  1.196   1.00 15.30 ? 48  ASN A ND2 1 
ATOM   350  N N   . TYR A 1 49  ? 7.975   1.005   -2.382  1.00 17.55 ? 49  TYR A N   1 
ATOM   351  C CA  . TYR A 1 49  ? 8.470   1.873   -3.450  1.00 16.34 ? 49  TYR A CA  1 
ATOM   352  C C   . TYR A 1 49  ? 9.706   1.251   -4.079  1.00 14.49 ? 49  TYR A C   1 
ATOM   353  O O   . TYR A 1 49  ? 10.431  0.463   -3.449  1.00 16.72 ? 49  TYR A O   1 
ATOM   354  C CB  . TYR A 1 49  ? 8.788   3.283   -2.922  1.00 17.21 ? 49  TYR A CB  1 
ATOM   355  C CG  . TYR A 1 49  ? 10.165  3.458   -2.309  1.00 16.16 ? 49  TYR A CG  1 
ATOM   356  C CD1 . TYR A 1 49  ? 10.427  3.059   -1.002  1.00 18.17 ? 49  TYR A CD1 1 
ATOM   357  C CD2 . TYR A 1 49  ? 11.206  4.033   -3.045  1.00 19.15 ? 49  TYR A CD2 1 
ATOM   358  C CE1 . TYR A 1 49  ? 11.687  3.218   -0.442  1.00 19.24 ? 49  TYR A CE1 1 
ATOM   359  C CE2 . TYR A 1 49  ? 12.465  4.190   -2.493  1.00 18.36 ? 49  TYR A CE2 1 
ATOM   360  C CZ  . TYR A 1 49  ? 12.701  3.791   -1.197  1.00 19.92 ? 49  TYR A CZ  1 
ATOM   361  O OH  . TYR A 1 49  ? 13.966  3.969   -0.659  1.00 23.27 ? 49  TYR A OH  1 
ATOM   362  N N   . MET A 1 50  ? 9.952   1.613   -5.336  1.00 14.31 ? 50  MET A N   1 
ATOM   363  C CA  . MET A 1 50  ? 11.088  1.073   -6.048  1.00 18.50 ? 50  MET A CA  1 
ATOM   364  C C   . MET A 1 50  ? 12.103  2.150   -6.382  1.00 20.02 ? 50  MET A C   1 
ATOM   365  O O   . MET A 1 50  ? 13.307  1.885   -6.376  1.00 21.40 ? 50  MET A O   1 
ATOM   366  C CB  . MET A 1 50  ? 10.629  0.365   -7.316  1.00 18.95 ? 50  MET A CB  1 
ATOM   367  C CG  . MET A 1 50  ? 9.908   -0.958  -7.038  1.00 20.80 ? 50  MET A CG  1 
ATOM   368  S SD  . MET A 1 50  ? 11.028  -2.316  -6.589  1.00 20.66 ? 50  MET A SD  1 
ATOM   369  C CE  . MET A 1 50  ? 10.806  -2.482  -4.828  1.00 19.90 ? 50  MET A CE  1 
ATOM   370  N N   . GLY A 1 51  ? 11.626  3.362   -6.656  1.00 19.32 ? 51  GLY A N   1 
ATOM   371  C CA  . GLY A 1 51  ? 12.595  4.407   -6.985  1.00 20.45 ? 51  GLY A CA  1 
ATOM   372  C C   . GLY A 1 51  ? 11.968  5.779   -7.059  1.00 19.56 ? 51  GLY A C   1 
ATOM   373  O O   . GLY A 1 51  ? 10.748  5.905   -6.967  1.00 19.10 ? 51  GLY A O   1 
ATOM   374  N N   . GLU A 1 52  ? 12.795  6.812   -7.246  1.00 21.21 ? 52  GLU A N   1 
ATOM   375  C CA  . GLU A 1 52  ? 12.264  8.181   -7.284  1.00 21.62 ? 52  GLU A CA  1 
ATOM   376  C C   . GLU A 1 52  ? 12.328  8.841   -8.669  1.00 21.35 ? 52  GLU A C   1 
ATOM   377  O O   . GLU A 1 52  ? 11.697  9.877   -8.873  1.00 24.41 ? 52  GLU A O   1 
ATOM   378  C CB  . GLU A 1 52  ? 12.992  9.073   -6.270  1.00 26.28 ? 52  GLU A CB  1 
ATOM   379  C CG  . GLU A 1 52  ? 14.459  9.314   -6.567  1.00 30.51 ? 52  GLU A CG  1 
ATOM   380  C CD  . GLU A 1 52  ? 15.373  8.545   -5.627  1.00 40.56 ? 52  GLU A CD  1 
ATOM   381  O OE1 . GLU A 1 52  ? 14.890  7.609   -4.949  1.00 39.94 ? 52  GLU A OE1 1 
ATOM   382  O OE2 . GLU A 1 52  ? 16.577  8.890   -5.560  1.00 51.07 ? 52  GLU A OE2 1 
ATOM   383  N N   . ASP A 1 53  ? 13.050  8.233   -9.605  1.00 20.51 ? 53  ASP A N   1 
ATOM   384  C CA  . ASP A 1 53  ? 13.240  8.816   -10.945 1.00 26.57 ? 53  ASP A CA  1 
ATOM   385  C C   . ASP A 1 53  ? 13.197  7.754   -12.053 1.00 23.85 ? 53  ASP A C   1 
ATOM   386  O O   . ASP A 1 53  ? 14.229  7.220   -12.435 1.00 26.69 ? 53  ASP A O   1 
ATOM   387  C CB  . ASP A 1 53  ? 14.574  9.572   -10.995 1.00 27.05 ? 53  ASP A CB  1 
ATOM   388  C CG  . ASP A 1 53  ? 14.854  10.187  -12.358 1.00 32.55 ? 53  ASP A CG  1 
ATOM   389  O OD1 . ASP A 1 53  ? 13.888  10.435  -13.101 1.00 28.64 ? 53  ASP A OD1 1 
ATOM   390  O OD2 . ASP A 1 53  ? 16.040  10.426  -12.673 1.00 31.04 ? 53  ASP A OD2 1 
ATOM   391  N N   . PRO A 1 54  ? 11.999  7.450   -12.564 1.00 24.14 ? 54  PRO A N   1 
ATOM   392  C CA  . PRO A 1 54  ? 10.702  8.011   -12.181 1.00 20.70 ? 54  PRO A CA  1 
ATOM   393  C C   . PRO A 1 54  ? 10.205  7.458   -10.836 1.00 23.55 ? 54  PRO A C   1 
ATOM   394  O O   . PRO A 1 54  ? 10.694  6.401   -10.430 1.00 22.34 ? 54  PRO A O   1 
ATOM   395  C CB  . PRO A 1 54  ? 9.789   7.568   -13.323 1.00 23.14 ? 54  PRO A CB  1 
ATOM   396  C CG  . PRO A 1 54  ? 10.375  6.315   -13.790 1.00 26.68 ? 54  PRO A CG  1 
ATOM   397  C CD  . PRO A 1 54  ? 11.866  6.468   -13.656 1.00 27.55 ? 54  PRO A CD  1 
ATOM   398  N N   . PRO A 1 55  ? 9.280   8.167   -10.165 1.00 21.02 ? 55  PRO A N   1 
ATOM   399  C CA  . PRO A 1 55  ? 8.785   7.755   -8.841  1.00 21.29 ? 55  PRO A CA  1 
ATOM   400  C C   . PRO A 1 55  ? 7.878   6.528   -8.952  1.00 19.83 ? 55  PRO A C   1 
ATOM   401  O O   . PRO A 1 55  ? 6.680   6.668   -9.201  1.00 20.66 ? 55  PRO A O   1 
ATOM   402  C CB  . PRO A 1 55  ? 8.014   8.986   -8.354  1.00 26.94 ? 55  PRO A CB  1 
ATOM   403  C CG  . PRO A 1 55  ? 7.577   9.664   -9.596  1.00 28.96 ? 55  PRO A CG  1 
ATOM   404  C CD  . PRO A 1 55  ? 8.682   9.445   -10.594 1.00 27.45 ? 55  PRO A CD  1 
ATOM   405  N N   . LEU A 1 56  ? 8.463   5.339   -8.789  1.00 20.76 ? 56  LEU A N   1 
ATOM   406  C CA  . LEU A 1 56  ? 7.743   4.099   -9.051  1.00 16.96 ? 56  LEU A CA  1 
ATOM   407  C C   . LEU A 1 56  ? 7.638   3.265   -7.782  1.00 16.78 ? 56  LEU A C   1 
ATOM   408  O O   . LEU A 1 56  ? 8.531   3.320   -6.916  1.00 17.19 ? 56  LEU A O   1 
ATOM   409  C CB  . LEU A 1 56  ? 8.442   3.251   -10.108 1.00 19.21 ? 56  LEU A CB  1 
ATOM   410  C CG  . LEU A 1 56  ? 8.625   3.829   -11.516 1.00 21.71 ? 56  LEU A CG  1 
ATOM   411  C CD1 . LEU A 1 56  ? 9.119   2.722   -12.451 1.00 22.59 ? 56  LEU A CD1 1 
ATOM   412  C CD2 . LEU A 1 56  ? 7.339   4.426   -12.031 1.00 25.10 ? 56  LEU A CD2 1 
ATOM   413  N N   . PHE A 1 57  ? 6.559   2.481   -7.729  1.00 17.48 ? 57  PHE A N   1 
ATOM   414  C CA  . PHE A 1 57  ? 6.366   1.490   -6.665  1.00 15.88 ? 57  PHE A CA  1 
ATOM   415  C C   . PHE A 1 57  ? 5.801   0.205   -7.267  1.00 16.34 ? 57  PHE A C   1 
ATOM   416  O O   . PHE A 1 57  ? 5.345   0.190   -8.412  1.00 17.32 ? 57  PHE A O   1 
ATOM   417  C CB  . PHE A 1 57  ? 5.419   2.017   -5.572  1.00 15.28 ? 57  PHE A CB  1 
ATOM   418  C CG  . PHE A 1 57  ? 4.061   2.358   -6.091  1.00 15.53 ? 57  PHE A CG  1 
ATOM   419  C CD1 . PHE A 1 57  ? 3.058   1.391   -6.152  1.00 17.33 ? 57  PHE A CD1 1 
ATOM   420  C CD2 . PHE A 1 57  ? 3.791   3.636   -6.562  1.00 16.53 ? 57  PHE A CD2 1 
ATOM   421  C CE1 . PHE A 1 57  ? 1.804   1.696   -6.663  1.00 17.26 ? 57  PHE A CE1 1 
ATOM   422  C CE2 . PHE A 1 57  ? 2.535   3.955   -7.088  1.00 18.30 ? 57  PHE A CE2 1 
ATOM   423  C CZ  . PHE A 1 57  ? 1.539   2.984   -7.130  1.00 19.90 ? 57  PHE A CZ  1 
ATOM   424  N N   . VAL A 1 58  ? 5.796   -0.867  -6.476  1.00 15.68 ? 58  VAL A N   1 
ATOM   425  C CA  . VAL A 1 58  ? 5.240   -2.142  -6.944  1.00 15.43 ? 58  VAL A CA  1 
ATOM   426  C C   . VAL A 1 58  ? 4.254   -2.688  -5.910  1.00 15.18 ? 58  VAL A C   1 
ATOM   427  O O   . VAL A 1 58  ? 4.460   -2.543  -4.707  1.00 15.71 ? 58  VAL A O   1 
ATOM   428  C CB  . VAL A 1 58  ? 6.370   -3.181  -7.252  1.00 16.02 ? 58  VAL A CB  1 
ATOM   429  C CG1 . VAL A 1 58  ? 7.154   -3.600  -5.989  1.00 14.59 ? 58  VAL A CG1 1 
ATOM   430  C CG2 . VAL A 1 58  ? 5.805   -4.402  -7.979  1.00 18.69 ? 58  VAL A CG2 1 
ATOM   431  N N   . ILE A 1 59  ? 3.152   -3.257  -6.400  1.00 16.06 ? 59  ILE A N   1 
ATOM   432  C CA  . ILE A 1 59  ? 2.204   -3.999  -5.560  1.00 16.65 ? 59  ILE A CA  1 
ATOM   433  C C   . ILE A 1 59  ? 1.962   -5.352  -6.203  1.00 17.03 ? 59  ILE A C   1 
ATOM   434  O O   . ILE A 1 59  ? 1.637   -5.406  -7.380  1.00 18.80 ? 59  ILE A O   1 
ATOM   435  C CB  . ILE A 1 59  ? 0.857   -3.279  -5.427  1.00 17.62 ? 59  ILE A CB  1 
ATOM   436  C CG1 . ILE A 1 59  ? 1.055   -1.867  -4.870  1.00 17.96 ? 59  ILE A CG1 1 
ATOM   437  C CG2 . ILE A 1 59  ? -0.078  -4.087  -4.541  1.00 19.16 ? 59  ILE A CG2 1 
ATOM   438  C CD1 . ILE A 1 59  ? -0.183  -1.006  -4.931  1.00 20.31 ? 59  ILE A CD1 1 
ATOM   439  N N   . ALA A 1 60  ? 2.111   -6.439  -5.455  1.00 15.85 ? 60  ALA A N   1 
ATOM   440  C CA  . ALA A 1 60  ? 1.774   -7.751  -6.013  1.00 19.00 ? 60  ALA A CA  1 
ATOM   441  C C   . ALA A 1 60  ? 0.295   -8.030  -5.729  1.00 23.06 ? 60  ALA A C   1 
ATOM   442  O O   . ALA A 1 60  ? -0.145  -7.896  -4.593  1.00 21.90 ? 60  ALA A O   1 
ATOM   443  C CB  . ALA A 1 60  ? 2.678   -8.843  -5.429  1.00 19.64 ? 60  ALA A CB  1 
ATOM   444  N N   . VAL A 1 61  ? -0.467  -8.382  -6.767  1.00 20.66 ? 61  VAL A N   1 
ATOM   445  C CA  . VAL A 1 61  ? -1.919  -8.493  -6.681  1.00 24.51 ? 61  VAL A CA  1 
ATOM   446  C C   . VAL A 1 61  ? -2.384  -9.834  -7.254  1.00 28.04 ? 61  VAL A C   1 
ATOM   447  O O   . VAL A 1 61  ? -1.843  -10.312 -8.240  1.00 27.55 ? 61  VAL A O   1 
ATOM   448  C CB  . VAL A 1 61  ? -2.606  -7.334  -7.447  1.00 25.01 ? 61  VAL A CB  1 
ATOM   449  C CG1 . VAL A 1 61  ? -4.109  -7.434  -7.347  1.00 33.57 ? 61  VAL A CG1 1 
ATOM   450  C CG2 . VAL A 1 61  ? -2.126  -5.976  -6.919  1.00 20.81 ? 61  VAL A CG2 1 
ATOM   451  N N   . ASP A 1 62  ? -3.380  -10.451 -6.634  1.00 35.09 ? 62  ASP A N   1 
ATOM   452  C CA  . ASP A 1 62  ? -3.947  -11.670 -7.212  1.00 36.21 ? 62  ASP A CA  1 
ATOM   453  C C   . ASP A 1 62  ? -5.017  -11.353 -8.260  1.00 41.01 ? 62  ASP A C   1 
ATOM   454  O O   . ASP A 1 62  ? -5.685  -10.319 -8.192  1.00 39.52 ? 62  ASP A O   1 
ATOM   455  C CB  . ASP A 1 62  ? -4.506  -12.565 -6.108  1.00 36.34 ? 62  ASP A CB  1 
ATOM   456  C CG  . ASP A 1 62  ? -3.466  -13.534 -5.573  1.00 42.65 ? 62  ASP A CG  1 
ATOM   457  O OD1 . ASP A 1 62  ? -2.295  -13.434 -6.002  1.00 41.41 ? 62  ASP A OD1 1 
ATOM   458  O OD2 . ASP A 1 62  ? -3.813  -14.392 -4.727  1.00 44.21 ? 62  ASP A OD2 1 
ATOM   459  N N   . HIS A 1 63  ? -5.151  -12.236 -9.245  1.00 42.55 ? 63  HIS A N   1 
ATOM   460  C CA  . HIS A 1 63  ? -6.133  -12.065 -10.308 1.00 43.28 ? 63  HIS A CA  1 
ATOM   461  C C   . HIS A 1 63  ? -7.539  -12.355 -9.804  1.00 51.76 ? 63  HIS A C   1 
ATOM   462  O O   . HIS A 1 63  ? -7.750  -13.328 -9.079  1.00 58.22 ? 63  HIS A O   1 
ATOM   463  C CB  . HIS A 1 63  ? -5.810  -12.980 -11.490 1.00 45.26 ? 63  HIS A CB  1 
ATOM   464  C CG  . HIS A 1 63  ? -4.597  -12.567 -12.261 1.00 41.58 ? 63  HIS A CG  1 
ATOM   465  N ND1 . HIS A 1 63  ? -4.449  -12.832 -13.607 1.00 44.43 ? 63  HIS A ND1 1 
ATOM   466  C CD2 . HIS A 1 63  ? -3.469  -11.925 -11.880 1.00 38.49 ? 63  HIS A CD2 1 
ATOM   467  C CE1 . HIS A 1 63  ? -3.286  -12.365 -14.021 1.00 40.92 ? 63  HIS A CE1 1 
ATOM   468  N NE2 . HIS A 1 63  ? -2.671  -11.806 -12.993 1.00 42.47 ? 63  HIS A NE2 1 
ATOM   469  N N   . LYS A 1 75  ? -10.608 -10.217 -6.267  1.00 46.00 ? 75  LYS A N   1 
ATOM   470  C CA  . LYS A 1 75  ? -10.695 -8.759  -6.296  1.00 42.66 ? 75  LYS A CA  1 
ATOM   471  C C   . LYS A 1 75  ? -10.606 -8.217  -7.730  1.00 39.40 ? 75  LYS A C   1 
ATOM   472  O O   . LYS A 1 75  ? -9.959  -8.811  -8.597  1.00 36.96 ? 75  LYS A O   1 
ATOM   473  C CB  . LYS A 1 75  ? -9.593  -8.138  -5.430  1.00 39.23 ? 75  LYS A CB  1 
ATOM   474  C CG  . LYS A 1 75  ? -9.731  -8.377  -3.920  1.00 42.29 ? 75  LYS A CG  1 
ATOM   475  C CD  . LYS A 1 75  ? -10.942 -7.653  -3.334  1.00 40.59 ? 75  LYS A CD  1 
ATOM   476  C CE  . LYS A 1 75  ? -11.002 -7.805  -1.809  1.00 42.50 ? 75  LYS A CE  1 
ATOM   477  N NZ  . LYS A 1 75  ? -12.155 -7.073  -1.212  1.00 40.59 ? 75  LYS A NZ  1 
ATOM   478  N N   . ASP A 1 76  ? -11.249 -7.073  -7.947  1.00 33.84 ? 76  ASP A N   1 
ATOM   479  C CA  . ASP A 1 76  ? -11.357 -6.425  -9.255  1.00 35.20 ? 76  ASP A CA  1 
ATOM   480  C C   . ASP A 1 76  ? -10.272 -5.392  -9.502  1.00 35.66 ? 76  ASP A C   1 
ATOM   481  O O   . ASP A 1 76  ? -10.270 -4.716  -10.537 1.00 33.01 ? 76  ASP A O   1 
ATOM   482  C CB  . ASP A 1 76  ? -12.707 -5.721  -9.375  1.00 38.81 ? 76  ASP A CB  1 
ATOM   483  C CG  . ASP A 1 76  ? -13.873 -6.655  -9.168  1.00 45.66 ? 76  ASP A CG  1 
ATOM   484  O OD1 . ASP A 1 76  ? -14.064 -7.552  -10.015 1.00 47.45 ? 76  ASP A OD1 1 
ATOM   485  O OD2 . ASP A 1 76  ? -14.597 -6.485  -8.161  1.00 50.09 ? 76  ASP A OD2 1 
ATOM   486  N N   . THR A 1 77  ? -9.377  -5.236  -8.533  1.00 31.51 ? 77  THR A N   1 
ATOM   487  C CA  . THR A 1 77  ? -8.374  -4.178  -8.578  1.00 27.66 ? 77  THR A CA  1 
ATOM   488  C C   . THR A 1 77  ? -7.593  -4.166  -9.891  1.00 26.30 ? 77  THR A C   1 
ATOM   489  O O   . THR A 1 77  ? -7.444  -3.113  -10.531 1.00 29.97 ? 77  THR A O   1 
ATOM   490  C CB  . THR A 1 77  ? -7.385  -4.324  -7.418  1.00 30.80 ? 77  THR A CB  1 
ATOM   491  O OG1 . THR A 1 77  ? -8.115  -4.469  -6.195  1.00 33.36 ? 77  THR A OG1 1 
ATOM   492  C CG2 . THR A 1 77  ? -6.463  -3.108  -7.332  1.00 28.08 ? 77  THR A CG2 1 
ATOM   493  N N   A LEU A 1 78  ? -7.114  -5.337  -10.293 0.71 26.96 ? 78  LEU A N   1 
ATOM   494  N N   B LEU A 1 78  ? -7.093  -5.337  -10.273 0.29 27.04 ? 78  LEU A N   1 
ATOM   495  C CA  A LEU A 1 78  ? -6.260  -5.457  -11.468 0.71 28.29 ? 78  LEU A CA  1 
ATOM   496  C CA  B LEU A 1 78  ? -6.287  -5.484  -11.478 0.29 28.28 ? 78  LEU A CA  1 
ATOM   497  C C   A LEU A 1 78  ? -6.978  -5.016  -12.743 0.71 27.69 ? 78  LEU A C   1 
ATOM   498  C C   B LEU A 1 78  ? -7.004  -4.974  -12.709 0.29 27.73 ? 78  LEU A C   1 
ATOM   499  O O   A LEU A 1 78  ? -6.422  -4.271  -13.540 0.71 27.35 ? 78  LEU A O   1 
ATOM   500  O O   B LEU A 1 78  ? -6.469  -4.156  -13.446 0.29 27.40 ? 78  LEU A O   1 
ATOM   501  C CB  A LEU A 1 78  ? -5.757  -6.893  -11.618 0.71 27.87 ? 78  LEU A CB  1 
ATOM   502  C CB  B LEU A 1 78  ? -5.905  -6.943  -11.696 0.29 27.98 ? 78  LEU A CB  1 
ATOM   503  C CG  A LEU A 1 78  ? -4.652  -7.121  -12.648 0.71 28.05 ? 78  LEU A CG  1 
ATOM   504  C CG  B LEU A 1 78  ? -4.789  -7.476  -10.810 0.29 28.13 ? 78  LEU A CG  1 
ATOM   505  C CD1 A LEU A 1 78  ? -3.477  -6.187  -12.379 0.71 28.98 ? 78  LEU A CD1 1 
ATOM   506  C CD1 B LEU A 1 78  ? -4.543  -8.927  -11.115 0.29 32.11 ? 78  LEU A CD1 1 
ATOM   507  C CD2 A LEU A 1 78  ? -4.192  -8.573  -12.640 0.71 30.18 ? 78  LEU A CD2 1 
ATOM   508  C CD2 B LEU A 1 78  ? -3.527  -6.667  -11.018 0.29 28.17 ? 78  LEU A CD2 1 
ATOM   509  N N   . LYS A 1 79  ? -8.213  -5.470  -12.932 1.00 30.91 ? 79  LYS A N   1 
ATOM   510  C CA  . LYS A 1 79  ? -8.968  -5.094  -14.125 1.00 26.39 ? 79  LYS A CA  1 
ATOM   511  C C   . LYS A 1 79  ? -9.258  -3.591  -14.159 1.00 29.04 ? 79  LYS A C   1 
ATOM   512  O O   . LYS A 1 79  ? -9.154  -2.954  -15.209 1.00 30.93 ? 79  LYS A O   1 
ATOM   513  C CB  . LYS A 1 79  ? -10.273 -5.897  -14.199 1.00 34.35 ? 79  LYS A CB  1 
ATOM   514  C CG  . LYS A 1 79  ? -11.100 -5.641  -15.454 1.00 39.27 ? 79  LYS A CG  1 
ATOM   515  C CD  . LYS A 1 79  ? -12.273 -6.615  -15.537 1.00 43.32 ? 79  LYS A CD  1 
ATOM   516  C CE  . LYS A 1 79  ? -13.021 -6.478  -16.847 1.00 48.47 ? 79  LYS A CE  1 
ATOM   517  N NZ  . LYS A 1 79  ? -14.134 -7.461  -16.932 1.00 57.49 ? 79  LYS A NZ  1 
ATOM   518  N N   . ASN A 1 80  ? -9.602  -3.020  -13.008 1.00 26.93 ? 80  ASN A N   1 
ATOM   519  C CA  . ASN A 1 80  ? -9.847  -1.583  -12.908 1.00 26.84 ? 80  ASN A CA  1 
ATOM   520  C C   . ASN A 1 80  ? -8.601  -0.766  -13.265 1.00 28.39 ? 80  ASN A C   1 
ATOM   521  O O   . ASN A 1 80  ? -8.675  0.265   -13.950 1.00 28.87 ? 80  ASN A O   1 
ATOM   522  C CB  . ASN A 1 80  ? -10.299 -1.210  -11.495 1.00 31.32 ? 80  ASN A CB  1 
ATOM   523  C CG  . ASN A 1 80  ? -11.646 -1.809  -11.122 1.00 34.37 ? 80  ASN A CG  1 
ATOM   524  O OD1 . ASN A 1 80  ? -12.313 -2.449  -11.939 1.00 32.23 ? 80  ASN A OD1 1 
ATOM   525  N ND2 . ASN A 1 80  ? -12.051 -1.603  -9.866  1.00 31.65 ? 80  ASN A ND2 1 
ATOM   526  N N   . ILE A 1 81  ? -7.450  -1.242  -12.790 1.00 25.95 ? 81  ILE A N   1 
ATOM   527  C CA  . ILE A 1 81  ? -6.193  -0.560  -13.072 1.00 21.22 ? 81  ILE A CA  1 
ATOM   528  C C   . ILE A 1 81  ? -5.824  -0.688  -14.555 1.00 25.47 ? 81  ILE A C   1 
ATOM   529  O O   . ILE A 1 81  ? -5.376  0.276   -15.179 1.00 27.40 ? 81  ILE A O   1 
ATOM   530  C CB  . ILE A 1 81  ? -5.045  -1.114  -12.188 1.00 22.72 ? 81  ILE A CB  1 
ATOM   531  C CG1 . ILE A 1 81  ? -5.219  -0.625  -10.749 1.00 26.08 ? 81  ILE A CG1 1 
ATOM   532  C CG2 . ILE A 1 81  ? -3.683  -0.701  -12.757 1.00 24.36 ? 81  ILE A CG2 1 
ATOM   533  C CD1 . ILE A 1 81  ? -4.225  -1.245  -9.759  1.00 23.47 ? 81  ILE A CD1 1 
ATOM   534  N N   . ILE A 1 82  ? -6.017  -1.877  -15.112 1.00 25.88 ? 82  ILE A N   1 
ATOM   535  C CA  . ILE A 1 82  ? -5.745  -2.120  -16.530 1.00 31.76 ? 82  ILE A CA  1 
ATOM   536  C C   . ILE A 1 82  ? -6.597  -1.222  -17.412 1.00 28.88 ? 82  ILE A C   1 
ATOM   537  O O   . ILE A 1 82  ? -6.097  -0.594  -18.353 1.00 31.08 ? 82  ILE A O   1 
ATOM   538  C CB  . ILE A 1 82  ? -5.998  -3.588  -16.903 1.00 28.12 ? 82  ILE A CB  1 
ATOM   539  C CG1 . ILE A 1 82  ? -4.913  -4.473  -16.300 1.00 30.19 ? 82  ILE A CG1 1 
ATOM   540  C CG2 . ILE A 1 82  ? -6.040  -3.765  -18.417 1.00 30.83 ? 82  ILE A CG2 1 
ATOM   541  C CD1 . ILE A 1 82  ? -5.161  -5.952  -16.464 1.00 29.91 ? 82  ILE A CD1 1 
ATOM   542  N N   . GLU A 1 83  ? -7.877  -1.129  -17.078 1.00 29.17 ? 83  GLU A N   1 
ATOM   543  C CA  . GLU A 1 83  ? -8.822  -0.355  -17.870 1.00 32.56 ? 83  GLU A CA  1 
ATOM   544  C C   . GLU A 1 83  ? -8.595  1.146   -17.756 1.00 34.21 ? 83  GLU A C   1 
ATOM   545  O O   . GLU A 1 83  ? -8.611  1.849   -18.766 1.00 34.15 ? 83  GLU A O   1 
ATOM   546  C CB  . GLU A 1 83  ? -10.257 -0.697  -17.463 1.00 33.43 ? 83  GLU A CB  1 
ATOM   547  C CG  . GLU A 1 83  ? -10.673 -2.119  -17.819 1.00 37.20 ? 83  GLU A CG  1 
ATOM   548  C CD  . GLU A 1 83  ? -12.060 -2.486  -17.308 1.00 45.97 ? 83  GLU A CD  1 
ATOM   549  O OE1 . GLU A 1 83  ? -12.583 -1.792  -16.404 1.00 43.66 ? 83  GLU A OE1 1 
ATOM   550  O OE2 . GLU A 1 83  ? -12.630 -3.475  -17.819 1.00 47.84 ? 83  GLU A OE2 1 
ATOM   551  N N   . ARG A 1 84  ? -8.367  1.645   -16.540 1.00 29.10 ? 84  ARG A N   1 
ATOM   552  C CA  . ARG A 1 84  ? -8.269  3.094   -16.363 1.00 30.03 ? 84  ARG A CA  1 
ATOM   553  C C   . ARG A 1 84  ? -6.830  3.630   -16.383 1.00 28.65 ? 84  ARG A C   1 
ATOM   554  O O   . ARG A 1 84  ? -6.621  4.827   -16.574 1.00 31.37 ? 84  ARG A O   1 
ATOM   555  C CB  . ARG A 1 84  ? -8.941  3.504   -15.055 1.00 32.78 ? 84  ARG A CB  1 
ATOM   556  C CG  . ARG A 1 84  ? -10.388 3.072   -14.930 1.00 36.97 ? 84  ARG A CG  1 
ATOM   557  C CD  . ARG A 1 84  ? -11.302 4.263   -15.081 1.00 41.11 ? 84  ARG A CD  1 
ATOM   558  N NE  . ARG A 1 84  ? -12.703 3.917   -14.863 1.00 41.36 ? 84  ARG A NE  1 
ATOM   559  C CZ  . ARG A 1 84  ? -13.675 4.816   -14.766 1.00 41.63 ? 84  ARG A CZ  1 
ATOM   560  N NH1 . ARG A 1 84  ? -13.388 6.106   -14.862 1.00 42.28 ? 84  ARG A NH1 1 
ATOM   561  N NH2 . ARG A 1 84  ? -14.928 4.428   -14.568 1.00 42.08 ? 84  ARG A NH2 1 
ATOM   562  N N   . GLU A 1 85  ? -5.854  2.745   -16.173 1.00 26.83 ? 85  GLU A N   1 
ATOM   563  C CA  . GLU A 1 85  ? -4.437  3.112   -16.081 1.00 27.27 ? 85  GLU A CA  1 
ATOM   564  C C   . GLU A 1 85  ? -4.214  4.157   -14.990 1.00 25.63 ? 85  GLU A C   1 
ATOM   565  O O   . GLU A 1 85  ? -3.242  4.921   -15.023 1.00 23.24 ? 85  GLU A O   1 
ATOM   566  C CB  . GLU A 1 85  ? -3.926  3.607   -17.438 1.00 27.06 ? 85  GLU A CB  1 
ATOM   567  C CG  . GLU A 1 85  ? -4.171  2.576   -18.528 1.00 29.56 ? 85  GLU A CG  1 
ATOM   568  C CD  . GLU A 1 85  ? -3.666  3.008   -19.888 1.00 37.27 ? 85  GLU A CD  1 
ATOM   569  O OE1 . GLU A 1 85  ? -2.751  3.861   -19.948 1.00 39.74 ? 85  GLU A OE1 1 
ATOM   570  O OE2 . GLU A 1 85  ? -4.191  2.485   -20.895 1.00 38.13 ? 85  GLU A OE2 1 
ATOM   571  N N   . GLN A 1 86  ? -5.125  4.168   -14.020 1.00 26.30 ? 86  GLN A N   1 
ATOM   572  C CA  . GLN A 1 86  ? -5.074  5.090   -12.898 1.00 29.33 ? 86  GLN A CA  1 
ATOM   573  C C   . GLN A 1 86  ? -5.544  4.397   -11.640 1.00 25.97 ? 86  GLN A C   1 
ATOM   574  O O   . GLN A 1 86  ? -6.385  3.498   -11.710 1.00 25.99 ? 86  GLN A O   1 
ATOM   575  C CB  . GLN A 1 86  ? -5.962  6.314   -13.124 1.00 30.81 ? 86  GLN A CB  1 
ATOM   576  C CG  . GLN A 1 86  ? -5.821  7.027   -14.431 1.00 37.10 ? 86  GLN A CG  1 
ATOM   577  C CD  . GLN A 1 86  ? -6.724  8.241   -14.486 1.00 34.48 ? 86  GLN A CD  1 
ATOM   578  O OE1 . GLN A 1 86  ? -7.701  8.334   -13.741 1.00 40.13 ? 86  GLN A OE1 1 
ATOM   579  N NE2 . GLN A 1 86  ? -6.397  9.180   -15.354 1.00 43.25 ? 86  GLN A NE2 1 
ATOM   580  N N   . PHE A 1 87  ? -5.021  4.837   -10.497 1.00 25.99 ? 87  PHE A N   1 
ATOM   581  C CA  . PHE A 1 87  ? -5.524  4.366   -9.201  1.00 25.13 ? 87  PHE A CA  1 
ATOM   582  C C   . PHE A 1 87  ? -4.928  5.184   -8.074  1.00 21.39 ? 87  PHE A C   1 
ATOM   583  O O   . PHE A 1 87  ? -3.993  5.973   -8.288  1.00 22.57 ? 87  PHE A O   1 
ATOM   584  C CB  . PHE A 1 87  ? -5.240  2.870   -8.985  1.00 25.69 ? 87  PHE A CB  1 
ATOM   585  C CG  . PHE A 1 87  ? -3.780  2.494   -9.042  1.00 22.53 ? 87  PHE A CG  1 
ATOM   586  C CD1 . PHE A 1 87  ? -3.140  2.323   -10.262 1.00 21.05 ? 87  PHE A CD1 1 
ATOM   587  C CD2 . PHE A 1 87  ? -3.061  2.264   -7.874  1.00 22.46 ? 87  PHE A CD2 1 
ATOM   588  C CE1 . PHE A 1 87  ? -1.804  1.956   -10.321 1.00 20.55 ? 87  PHE A CE1 1 
ATOM   589  C CE2 . PHE A 1 87  ? -1.727  1.891   -7.925  1.00 19.95 ? 87  PHE A CE2 1 
ATOM   590  C CZ  . PHE A 1 87  ? -1.093  1.740   -9.148  1.00 20.86 ? 87  PHE A CZ  1 
ATOM   591  N N   . VAL A 1 88  ? -5.486  5.015   -6.875  1.00 23.46 ? 88  VAL A N   1 
ATOM   592  C CA  . VAL A 1 88  ? -4.957  5.729   -5.718  1.00 21.28 ? 88  VAL A CA  1 
ATOM   593  C C   . VAL A 1 88  ? -4.434  4.744   -4.697  1.00 20.88 ? 88  VAL A C   1 
ATOM   594  O O   . VAL A 1 88  ? -5.106  3.764   -4.378  1.00 20.54 ? 88  VAL A O   1 
ATOM   595  C CB  . VAL A 1 88  ? -6.009  6.621   -5.037  1.00 21.81 ? 88  VAL A CB  1 
ATOM   596  C CG1 . VAL A 1 88  ? -5.493  7.154   -3.682  1.00 21.25 ? 88  VAL A CG1 1 
ATOM   597  C CG2 . VAL A 1 88  ? -6.399  7.781   -5.955  1.00 24.72 ? 88  VAL A CG2 1 
ATOM   598  N N   . VAL A 1 89  ? -3.229  5.011   -4.206  1.00 18.85 ? 89  VAL A N   1 
ATOM   599  C CA  . VAL A 1 89  ? -2.742  4.301   -3.027  1.00 17.91 ? 89  VAL A CA  1 
ATOM   600  C C   . VAL A 1 89  ? -3.038  5.138   -1.781  1.00 15.59 ? 89  VAL A C   1 
ATOM   601  O O   . VAL A 1 89  ? -2.482  6.204   -1.586  1.00 19.88 ? 89  VAL A O   1 
ATOM   602  C CB  . VAL A 1 89  ? -1.229  4.002   -3.120  1.00 17.57 ? 89  VAL A CB  1 
ATOM   603  C CG1 . VAL A 1 89  ? -0.730  3.385   -1.808  1.00 19.86 ? 89  VAL A CG1 1 
ATOM   604  C CG2 . VAL A 1 89  ? -0.946  3.066   -4.288  1.00 18.75 ? 89  VAL A CG2 1 
ATOM   605  N N   . ASN A 1 90  ? -3.930  4.646   -0.938  1.00 18.81 ? 90  ASN A N   1 
ATOM   606  C CA  . ASN A 1 90  ? -4.248  5.306   0.316   1.00 19.58 ? 90  ASN A CA  1 
ATOM   607  C C   . ASN A 1 90  ? -3.429  4.672   1.406   1.00 17.97 ? 90  ASN A C   1 
ATOM   608  O O   . ASN A 1 90  ? -3.448  3.450   1.546   1.00 19.16 ? 90  ASN A O   1 
ATOM   609  C CB  . ASN A 1 90  ? -5.731  5.173   0.670   1.00 20.63 ? 90  ASN A CB  1 
ATOM   610  C CG  . ASN A 1 90  ? -6.639  5.730   -0.399  1.00 22.49 ? 90  ASN A CG  1 
ATOM   611  O OD1 . ASN A 1 90  ? -6.924  6.930   -0.409  1.00 24.19 ? 90  ASN A OD1 1 
ATOM   612  N ND2 . ASN A 1 90  ? -7.093  4.871   -1.303  1.00 21.03 ? 90  ASN A ND2 1 
ATOM   613  N N   . MET A 1 91  ? -2.716  5.501   2.150   1.00 18.32 ? 91  MET A N   1 
ATOM   614  C CA  . MET A 1 91  ? -1.904  5.023   3.266   1.00 17.67 ? 91  MET A CA  1 
ATOM   615  C C   . MET A 1 91  ? -2.816  4.831   4.470   1.00 22.99 ? 91  MET A C   1 
ATOM   616  O O   . MET A 1 91  ? -3.920  5.386   4.522   1.00 21.23 ? 91  MET A O   1 
ATOM   617  C CB  . MET A 1 91  ? -0.767  5.996   3.581   1.00 20.86 ? 91  MET A CB  1 
ATOM   618  C CG  . MET A 1 91  ? 0.153   6.264   2.391   1.00 19.41 ? 91  MET A CG  1 
ATOM   619  S SD  . MET A 1 91  ? 0.748   4.730   1.631   1.00 20.02 ? 91  MET A SD  1 
ATOM   620  C CE  . MET A 1 91  ? 1.743   5.413   0.324   1.00 19.53 ? 91  MET A CE  1 
ATOM   621  N N   . VAL A 1 92  ? -2.355  4.044   5.435   1.00 19.29 ? 92  VAL A N   1 
ATOM   622  C CA  . VAL A 1 92  ? -3.245  3.524   6.465   1.00 19.90 ? 92  VAL A CA  1 
ATOM   623  C C   . VAL A 1 92  ? -2.760  3.890   7.856   1.00 19.78 ? 92  VAL A C   1 
ATOM   624  O O   . VAL A 1 92  ? -1.679  3.475   8.258   1.00 20.19 ? 92  VAL A O   1 
ATOM   625  C CB  . VAL A 1 92  ? -3.371  1.981   6.372   1.00 19.62 ? 92  VAL A CB  1 
ATOM   626  C CG1 . VAL A 1 92  ? -4.280  1.450   7.493   1.00 19.07 ? 92  VAL A CG1 1 
ATOM   627  C CG2 . VAL A 1 92  ? -3.869  1.549   4.984   1.00 19.00 ? 92  VAL A CG2 1 
ATOM   628  N N   . ASP A 1 93  ? -3.553  4.679   8.584   1.00 20.85 ? 93  ASP A N   1 
ATOM   629  C CA  . ASP A 1 93  ? -3.286  4.904   9.999   1.00 21.50 ? 93  ASP A CA  1 
ATOM   630  C C   . ASP A 1 93  ? -4.533  4.573   10.823  1.00 22.61 ? 93  ASP A C   1 
ATOM   631  O O   . ASP A 1 93  ? -5.470  3.969   10.319  1.00 21.47 ? 93  ASP A O   1 
ATOM   632  C CB  . ASP A 1 93  ? -2.801  6.335   10.254  1.00 21.75 ? 93  ASP A CB  1 
ATOM   633  C CG  . ASP A 1 93  ? -3.876  7.401   10.033  1.00 25.98 ? 93  ASP A CG  1 
ATOM   634  O OD1 . ASP A 1 93  ? -4.986  7.089   9.567   1.00 26.21 ? 93  ASP A OD1 1 
ATOM   635  O OD2 . ASP A 1 93  ? -3.576  8.577   10.331  1.00 26.68 ? 93  ASP A OD2 1 
ATOM   636  N N   . GLU A 1 94  ? -4.512  4.941   12.099  1.00 21.75 ? 94  GLU A N   1 
ATOM   637  C CA  . GLU A 1 94  ? -5.571  4.560   13.024  1.00 23.96 ? 94  GLU A CA  1 
ATOM   638  C C   . GLU A 1 94  ? -6.974  4.897   12.511  1.00 23.89 ? 94  GLU A C   1 
ATOM   639  O O   . GLU A 1 94  ? -7.914  4.106   12.674  1.00 25.52 ? 94  GLU A O   1 
ATOM   640  C CB  . GLU A 1 94  ? -5.330  5.247   14.371  1.00 25.18 ? 94  GLU A CB  1 
ATOM   641  C CG  . GLU A 1 94  ? -6.206  4.730   15.476  1.00 32.02 ? 94  GLU A CG  1 
ATOM   642  C CD  . GLU A 1 94  ? -6.087  5.557   16.742  1.00 37.89 ? 94  GLU A CD  1 
ATOM   643  O OE1 . GLU A 1 94  ? -4.982  6.071   17.013  1.00 36.20 ? 94  GLU A OE1 1 
ATOM   644  O OE2 . GLU A 1 94  ? -7.105  5.701   17.460  1.00 40.71 ? 94  GLU A OE2 1 
ATOM   645  N N   . ARG A 1 95  ? -7.100  6.058   11.877  1.00 24.95 ? 95  ARG A N   1 
ATOM   646  C CA  . ARG A 1 95  ? -8.407  6.568   11.451  1.00 26.87 ? 95  ARG A CA  1 
ATOM   647  C C   . ARG A 1 95  ? -9.121  5.661   10.447  1.00 30.41 ? 95  ARG A C   1 
ATOM   648  O O   . ARG A 1 95  ? -10.357 5.637   10.388  1.00 28.03 ? 95  ARG A O   1 
ATOM   649  C CB  . ARG A 1 95  ? -8.249  7.967   10.856  1.00 29.09 ? 95  ARG A CB  1 
ATOM   650  C CG  . ARG A 1 95  ? -9.559  8.657   10.502  1.00 36.46 ? 95  ARG A CG  1 
ATOM   651  C CD  . ARG A 1 95  ? -9.327  10.097  10.076  1.00 36.47 ? 95  ARG A CD  1 
ATOM   652  N NE  . ARG A 1 95  ? -8.894  10.935  11.191  1.00 44.54 ? 95  ARG A NE  1 
ATOM   653  C CZ  . ARG A 1 95  ? -7.652  11.372  11.361  1.00 42.84 ? 95  ARG A CZ  1 
ATOM   654  N NH1 . ARG A 1 95  ? -6.713  11.055  10.483  1.00 45.13 1 95  ARG A NH1 1 
ATOM   655  N NH2 . ARG A 1 95  ? -7.346  12.127  12.408  1.00 46.78 ? 95  ARG A NH2 1 
ATOM   656  N N   . ILE A 1 96  ? -8.360  4.918   9.649   1.00 22.55 ? 96  ILE A N   1 
ATOM   657  C CA  . ILE A 1 96  ? -8.989  4.049   8.665   1.00 23.93 ? 96  ILE A CA  1 
ATOM   658  C C   . ILE A 1 96  ? -8.616  2.577   8.781   1.00 24.32 ? 96  ILE A C   1 
ATOM   659  O O   . ILE A 1 96  ? -9.006  1.791   7.937   1.00 22.94 ? 96  ILE A O   1 
ATOM   660  C CB  . ILE A 1 96  ? -8.680  4.514   7.230   1.00 27.40 ? 96  ILE A CB  1 
ATOM   661  C CG1 . ILE A 1 96  ? -7.181  4.409   6.922   1.00 21.69 ? 96  ILE A CG1 1 
ATOM   662  C CG2 . ILE A 1 96  ? -9.165  5.945   7.022   1.00 26.69 ? 96  ILE A CG2 1 
ATOM   663  C CD1 . ILE A 1 96  ? -6.875  4.574   5.430   1.00 24.45 ? 96  ILE A CD1 1 
ATOM   664  N N   . ALA A 1 97  ? -7.901  2.197   9.836   1.00 22.53 ? 97  ALA A N   1 
ATOM   665  C CA  . ALA A 1 97  ? -7.398  0.826   9.945   1.00 23.68 ? 97  ALA A CA  1 
ATOM   666  C C   . ALA A 1 97  ? -8.500  -0.243  9.934   1.00 23.26 ? 97  ALA A C   1 
ATOM   667  O O   . ALA A 1 97  ? -8.404  -1.256  9.220   1.00 21.08 ? 97  ALA A O   1 
ATOM   668  C CB  . ALA A 1 97  ? -6.555  0.690   11.211  1.00 21.41 ? 97  ALA A CB  1 
ATOM   669  N N   . GLU A 1 98  ? -9.540  -0.044  10.743  1.00 23.73 ? 98  GLU A N   1 
ATOM   670  C CA  . GLU A 1 98  ? -10.588 -1.066  10.811  1.00 21.89 ? 98  GLU A CA  1 
ATOM   671  C C   . GLU A 1 98  ? -11.293 -1.272  9.463   1.00 20.42 ? 98  GLU A C   1 
ATOM   672  O O   . GLU A 1 98  ? -11.476 -2.405  9.009   1.00 22.74 ? 98  GLU A O   1 
ATOM   673  C CB  . GLU A 1 98  ? -11.629 -0.712  11.880  1.00 27.22 ? 98  GLU A CB  1 
ATOM   674  C CG  . GLU A 1 98  ? -12.728 -1.754  11.982  1.00 28.59 ? 98  GLU A CG  1 
ATOM   675  C CD  . GLU A 1 98  ? -12.202 -3.113  12.408  1.00 28.82 ? 98  GLU A CD  1 
ATOM   676  O OE1 . GLU A 1 98  ? -12.485 -4.113  11.720  1.00 27.66 ? 98  GLU A OE1 1 
ATOM   677  O OE2 . GLU A 1 98  ? -11.500 -3.175  13.440  1.00 34.82 1 98  GLU A OE2 1 
ATOM   678  N N   . ARG A 1 99  ? -11.679 -0.169  8.831   1.00 24.05 ? 99  ARG A N   1 
ATOM   679  C CA  . ARG A 1 99  ? -12.351 -0.250  7.548   1.00 23.63 ? 99  ARG A CA  1 
ATOM   680  C C   . ARG A 1 99  ? -11.413 -0.831  6.495   1.00 23.61 ? 99  ARG A C   1 
ATOM   681  O O   . ARG A 1 99  ? -11.831 -1.601  5.632   1.00 22.92 ? 99  ARG A O   1 
ATOM   682  C CB  . ARG A 1 99  ? -12.869 1.126   7.136   1.00 24.79 ? 99  ARG A CB  1 
ATOM   683  C CG  . ARG A 1 99  ? -14.051 1.593   7.978   1.00 29.76 ? 99  ARG A CG  1 
ATOM   684  C CD  . ARG A 1 99  ? -14.430 3.028   7.653   1.00 29.94 ? 99  ARG A CD  1 
ATOM   685  N NE  . ARG A 1 99  ? -13.493 3.991   8.218   1.00 27.88 ? 99  ARG A NE  1 
ATOM   686  C CZ  . ARG A 1 99  ? -13.513 5.292   7.958   1.00 28.18 ? 99  ARG A CZ  1 
ATOM   687  N NH1 . ARG A 1 99  ? -14.438 5.796   7.136   1.00 30.32 1 99  ARG A NH1 1 
ATOM   688  N NH2 . ARG A 1 99  ? -12.609 6.092   8.508   1.00 27.00 ? 99  ARG A NH2 1 
ATOM   689  N N   . MET A 1 100 ? -10.132 -0.491  6.582   1.00 25.19 ? 100 MET A N   1 
ATOM   690  C CA  . MET A 1 100 ? -9.142  -1.129  5.725   1.00 23.01 ? 100 MET A CA  1 
ATOM   691  C C   . MET A 1 100 ? -9.209  -2.645  5.850   1.00 23.27 ? 100 MET A C   1 
ATOM   692  O O   . MET A 1 100 ? -9.260  -3.347  4.848   1.00 25.25 ? 100 MET A O   1 
ATOM   693  C CB  . MET A 1 100 ? -7.733  -0.637  6.070   1.00 22.83 ? 100 MET A CB  1 
ATOM   694  C CG  . MET A 1 100 ? -6.611  -1.277  5.233   1.00 22.42 ? 100 MET A CG  1 
ATOM   695  S SD  . MET A 1 100 ? -6.008  -2.854  5.879   1.00 24.40 ? 100 MET A SD  1 
ATOM   696  C CE  . MET A 1 100 ? -5.339  -2.345  7.457   1.00 22.33 ? 100 MET A CE  1 
ATOM   697  N N   . VAL A 1 101 ? -9.207  -3.155  7.082   1.00 19.88 ? 101 VAL A N   1 
ATOM   698  C CA  . VAL A 1 101 ? -9.256  -4.594  7.252   1.00 23.00 ? 101 VAL A CA  1 
ATOM   699  C C   . VAL A 1 101 ? -10.576 -5.163  6.714   1.00 25.62 ? 101 VAL A C   1 
ATOM   700  O O   . VAL A 1 101 ? -10.586 -6.233  6.097   1.00 27.87 ? 101 VAL A O   1 
ATOM   701  C CB  . VAL A 1 101 ? -9.051  -4.983  8.723   1.00 27.18 ? 101 VAL A CB  1 
ATOM   702  C CG1 . VAL A 1 101 ? -9.340  -6.460  8.945   1.00 27.22 ? 101 VAL A CG1 1 
ATOM   703  C CG2 . VAL A 1 101 ? -7.622  -4.637  9.144   1.00 23.90 ? 101 VAL A CG2 1 
ATOM   704  N N   . LEU A 1 102 ? -11.673 -4.434  6.917   1.00 24.61 ? 102 LEU A N   1 
ATOM   705  C CA  . LEU A 1 102 ? -12.972 -4.868  6.375   1.00 27.56 ? 102 LEU A CA  1 
ATOM   706  C C   . LEU A 1 102 ? -12.950 -4.974  4.842   1.00 27.93 ? 102 LEU A C   1 
ATOM   707  O O   . LEU A 1 102 ? -13.594 -5.856  4.259   1.00 31.17 ? 102 LEU A O   1 
ATOM   708  C CB  . LEU A 1 102 ? -14.087 -3.919  6.818   1.00 25.95 ? 102 LEU A CB  1 
ATOM   709  C CG  . LEU A 1 102 ? -14.331 -3.872  8.325   1.00 24.93 ? 102 LEU A CG  1 
ATOM   710  C CD1 . LEU A 1 102 ? -15.458 -2.924  8.671   1.00 27.01 ? 102 LEU A CD1 1 
ATOM   711  C CD2 . LEU A 1 102 ? -14.602 -5.275  8.866   1.00 24.36 ? 102 LEU A CD2 1 
ATOM   712  N N   . CYS A 1 103 ? -12.186 -4.102  4.195   1.00 25.52 ? 103 CYS A N   1 
ATOM   713  C CA  . CYS A 1 103 ? -12.045 -4.144  2.736   1.00 26.40 ? 103 CYS A CA  1 
ATOM   714  C C   . CYS A 1 103 ? -11.394 -5.410  2.218   1.00 31.60 ? 103 CYS A C   1 
ATOM   715  O O   . CYS A 1 103 ? -11.564 -5.769  1.053   1.00 33.32 ? 103 CYS A O   1 
ATOM   716  C CB  . CYS A 1 103 ? -11.234 -2.954  2.245   1.00 26.42 ? 103 CYS A CB  1 
ATOM   717  S SG  . CYS A 1 103 ? -12.124 -1.437  2.233   1.00 30.17 ? 103 CYS A SG  1 
ATOM   718  N N   . GLY A 1 104 ? -10.630 -6.075  3.074   1.00 26.37 ? 104 GLY A N   1 
ATOM   719  C CA  . GLY A 1 104 ? -9.950  -7.293  2.685   1.00 28.95 ? 104 GLY A CA  1 
ATOM   720  C C   . GLY A 1 104 ? -10.857 -8.501  2.731   1.00 36.13 ? 104 GLY A C   1 
ATOM   721  O O   . GLY A 1 104 ? -10.425 -9.623  2.450   1.00 32.72 ? 104 GLY A O   1 
ATOM   722  N N   . SER A 1 105 ? -12.118 -8.282  3.093   1.00 32.64 ? 105 SER A N   1 
ATOM   723  C CA  . SER A 1 105 ? -13.073 -9.380  3.167   1.00 33.20 ? 105 SER A CA  1 
ATOM   724  C C   . SER A 1 105 ? -13.404 -9.904  1.772   1.00 38.59 ? 105 SER A C   1 
ATOM   725  O O   . SER A 1 105 ? -13.147 -9.240  0.765   1.00 36.37 ? 105 SER A O   1 
ATOM   726  C CB  . SER A 1 105 ? -14.355 -8.939  3.886   1.00 34.77 ? 105 SER A CB  1 
ATOM   727  O OG  . SER A 1 105 ? -14.081 -8.492  5.203   1.00 30.13 ? 105 SER A OG  1 
ATOM   728  N N   . ASP A 1 106 ? -13.980 -11.098 1.726   1.00 41.74 ? 106 ASP A N   1 
ATOM   729  C CA  . ASP A 1 106 ? -14.318 -11.754 0.470   1.00 41.46 ? 106 ASP A CA  1 
ATOM   730  C C   . ASP A 1 106 ? -15.714 -11.357 0.000   1.00 41.33 ? 106 ASP A C   1 
ATOM   731  O O   . ASP A 1 106 ? -16.674 -12.098 0.201   1.00 44.11 ? 106 ASP A O   1 
ATOM   732  C CB  . ASP A 1 106 ? -14.222 -13.271 0.638   1.00 43.89 ? 106 ASP A CB  1 
ATOM   733  C CG  . ASP A 1 106 ? -14.539 -14.024 -0.636  1.00 51.02 ? 106 ASP A CG  1 
ATOM   734  O OD1 . ASP A 1 106 ? -14.310 -13.471 -1.733  1.00 52.25 ? 106 ASP A OD1 1 
ATOM   735  O OD2 . ASP A 1 106 ? -15.021 -15.172 -0.536  1.00 53.73 ? 106 ASP A OD2 1 
ATOM   736  N N   . PHE A 1 107 ? -15.825 -10.185 -0.618  1.00 38.94 ? 107 PHE A N   1 
ATOM   737  C CA  . PHE A 1 107 ? -17.111 -9.709  -1.116  1.00 42.87 ? 107 PHE A CA  1 
ATOM   738  C C   . PHE A 1 107 ? -17.478 -10.377 -2.442  1.00 51.90 ? 107 PHE A C   1 
ATOM   739  O O   . PHE A 1 107 ? -18.658 -10.520 -2.769  1.00 57.36 ? 107 PHE A O   1 
ATOM   740  C CB  . PHE A 1 107 ? -17.102 -8.188  -1.286  1.00 42.61 ? 107 PHE A CB  1 
ATOM   741  C CG  . PHE A 1 107 ? -16.940 -7.429  0.006   1.00 42.78 ? 107 PHE A CG  1 
ATOM   742  C CD1 . PHE A 1 107 ? -18.046 -7.093  0.774   1.00 39.80 ? 107 PHE A CD1 1 
ATOM   743  C CD2 . PHE A 1 107 ? -15.683 -7.052  0.448   1.00 36.03 ? 107 PHE A CD2 1 
ATOM   744  C CE1 . PHE A 1 107 ? -17.901 -6.391  1.961   1.00 35.07 ? 107 PHE A CE1 1 
ATOM   745  C CE2 . PHE A 1 107 ? -15.531 -6.352  1.630   1.00 33.72 ? 107 PHE A CE2 1 
ATOM   746  C CZ  . PHE A 1 107 ? -16.637 -6.020  2.389   1.00 36.86 ? 107 PHE A CZ  1 
ATOM   747  N N   . ILE A 1 111 ? -18.961 -5.964  -5.817  1.00 40.71 ? 111 ILE A N   1 
ATOM   748  C CA  . ILE A 1 111 ? -19.592 -4.843  -5.131  1.00 44.11 ? 111 ILE A CA  1 
ATOM   749  C C   . ILE A 1 111 ? -18.544 -3.829  -4.671  1.00 44.41 ? 111 ILE A C   1 
ATOM   750  O O   . ILE A 1 111 ? -17.362 -4.154  -4.558  1.00 44.87 ? 111 ILE A O   1 
ATOM   751  C CB  . ILE A 1 111 ? -20.429 -5.325  -3.924  1.00 45.90 ? 111 ILE A CB  1 
ATOM   752  C CG1 . ILE A 1 111 ? -19.537 -5.932  -2.839  1.00 48.13 ? 111 ILE A CG1 1 
ATOM   753  C CG2 . ILE A 1 111 ? -21.462 -6.347  -4.366  1.00 49.64 ? 111 ILE A CG2 1 
ATOM   754  C CD1 . ILE A 1 111 ? -19.231 -4.990  -1.682  1.00 47.50 ? 111 ILE A CD1 1 
ATOM   755  N N   . SER A 1 112 ? -18.977 -2.602  -4.409  1.00 38.60 ? 112 SER A N   1 
ATOM   756  C CA  . SER A 1 112 ? -18.062 -1.562  -3.962  1.00 38.77 ? 112 SER A CA  1 
ATOM   757  C C   . SER A 1 112 ? -17.722 -1.737  -2.492  1.00 39.18 ? 112 SER A C   1 
ATOM   758  O O   . SER A 1 112 ? -18.579 -1.556  -1.629  1.00 37.69 ? 112 SER A O   1 
ATOM   759  C CB  . SER A 1 112 ? -18.658 -0.175  -4.186  1.00 40.52 ? 112 SER A CB  1 
ATOM   760  O OG  . SER A 1 112 ? -18.004 0.792   -3.379  1.00 41.09 ? 112 SER A OG  1 
ATOM   761  N N   . GLU A 1 113 ? -16.472 -2.085  -2.208  1.00 38.07 ? 113 GLU A N   1 
ATOM   762  C CA  . GLU A 1 113 ? -16.037 -2.228  -0.826  1.00 34.84 ? 113 GLU A CA  1 
ATOM   763  C C   . GLU A 1 113 ? -16.177 -0.913  -0.074  1.00 36.06 ? 113 GLU A C   1 
ATOM   764  O O   . GLU A 1 113 ? -16.536 -0.899  1.103   1.00 36.40 ? 113 GLU A O   1 
ATOM   765  C CB  . GLU A 1 113 ? -14.587 -2.714  -0.756  1.00 30.99 ? 113 GLU A CB  1 
ATOM   766  C CG  . GLU A 1 113 ? -14.381 -4.127  -1.258  1.00 31.26 ? 113 GLU A CG  1 
ATOM   767  C CD  . GLU A 1 113 ? -14.104 -4.189  -2.754  1.00 38.82 ? 113 GLU A CD  1 
ATOM   768  O OE1 . GLU A 1 113 ? -14.251 -3.152  -3.443  1.00 33.27 ? 113 GLU A OE1 1 
ATOM   769  O OE2 . GLU A 1 113 ? -13.731 -5.279  -3.234  1.00 43.70 ? 113 GLU A OE2 1 
ATOM   770  N N   . ALA A 1 114 ? -15.899 0.188   -0.762  1.00 33.20 ? 114 ALA A N   1 
ATOM   771  C CA  . ALA A 1 114 ? -15.899 1.500   -0.130  1.00 35.46 ? 114 ALA A CA  1 
ATOM   772  C C   . ALA A 1 114 ? -17.281 1.823   0.428   1.00 39.18 ? 114 ALA A C   1 
ATOM   773  O O   . ALA A 1 114 ? -17.406 2.456   1.478   1.00 37.92 ? 114 ALA A O   1 
ATOM   774  C CB  . ALA A 1 114 ? -15.454 2.556   -1.115  1.00 35.16 ? 114 ALA A CB  1 
ATOM   775  N N   . GLU A 1 115 ? -18.311 1.369   -0.277  1.00 40.56 ? 115 GLU A N   1 
ATOM   776  C CA  . GLU A 1 115 ? -19.689 1.548   0.165   1.00 41.00 ? 115 GLU A CA  1 
ATOM   777  C C   . GLU A 1 115 ? -20.034 0.578   1.289   1.00 39.95 ? 115 GLU A C   1 
ATOM   778  O O   . GLU A 1 115 ? -20.652 0.954   2.289   1.00 41.76 ? 115 GLU A O   1 
ATOM   779  C CB  . GLU A 1 115 ? -20.659 1.355   -1.006  1.00 43.89 ? 115 GLU A CB  1 
ATOM   780  C CG  . GLU A 1 115 ? -21.795 2.363   -1.025  1.00 53.49 ? 115 GLU A CG  1 
ATOM   781  C CD  . GLU A 1 115 ? -21.288 3.793   -0.989  1.00 56.11 ? 115 GLU A CD  1 
ATOM   782  O OE1 . GLU A 1 115 ? -20.268 4.078   -1.658  1.00 58.56 ? 115 GLU A OE1 1 
ATOM   783  O OE2 . GLU A 1 115 ? -21.895 4.629   -0.284  1.00 57.97 ? 115 GLU A OE2 1 
ATOM   784  N N   . ALA A 1 116 ? -19.634 -0.677  1.112   1.00 35.12 ? 116 ALA A N   1 
ATOM   785  C CA  . ALA A 1 116 ? -19.953 -1.715  2.080   1.00 34.02 ? 116 ALA A CA  1 
ATOM   786  C C   . ALA A 1 116 ? -19.338 -1.442  3.453   1.00 36.54 ? 116 ALA A C   1 
ATOM   787  O O   . ALA A 1 116 ? -19.924 -1.810  4.471   1.00 35.79 ? 116 ALA A O   1 
ATOM   788  C CB  . ALA A 1 116 ? -19.506 -3.076  1.561   1.00 32.18 ? 116 ALA A CB  1 
ATOM   789  N N   . VAL A 1 117 ? -18.167 -0.802  3.492   1.00 36.75 ? 117 VAL A N   1 
ATOM   790  C CA  . VAL A 1 117 ? -17.453 -0.625  4.760   1.00 30.65 ? 117 VAL A CA  1 
ATOM   791  C C   . VAL A 1 117 ? -17.533 0.802   5.311   1.00 35.20 ? 117 VAL A C   1 
ATOM   792  O O   . VAL A 1 117 ? -17.097 1.066   6.431   1.00 38.28 ? 117 VAL A O   1 
ATOM   793  C CB  . VAL A 1 117 ? -15.957 -1.032  4.635   1.00 30.19 ? 117 VAL A CB  1 
ATOM   794  C CG1 . VAL A 1 117 ? -15.827 -2.380  3.941   1.00 26.86 ? 117 VAL A CG1 1 
ATOM   795  C CG2 . VAL A 1 117 ? -15.150 0.041   3.902   1.00 29.12 ? 117 VAL A CG2 1 
ATOM   796  N N   . GLY A 1 118 ? -18.091 1.726   4.538   1.00 32.82 ? 118 GLY A N   1 
ATOM   797  C CA  . GLY A 1 118 ? -18.302 3.072   5.040   1.00 34.67 ? 118 GLY A CA  1 
ATOM   798  C C   . GLY A 1 118 ? -17.157 4.044   4.822   1.00 33.31 ? 118 GLY A C   1 
ATOM   799  O O   . GLY A 1 118 ? -16.884 4.906   5.659   1.00 32.79 ? 118 GLY A O   1 
ATOM   800  N N   . PHE A 1 119 ? -16.476 3.909   3.693   1.00 33.52 ? 119 PHE A N   1 
ATOM   801  C CA  . PHE A 1 119 ? -15.488 4.898   3.300   1.00 30.22 ? 119 PHE A CA  1 
ATOM   802  C C   . PHE A 1 119 ? -16.152 5.993   2.471   1.00 32.64 ? 119 PHE A C   1 
ATOM   803  O O   . PHE A 1 119 ? -16.770 5.702   1.449   1.00 37.91 ? 119 PHE A O   1 
ATOM   804  C CB  . PHE A 1 119 ? -14.366 4.253   2.471   1.00 32.57 ? 119 PHE A CB  1 
ATOM   805  C CG  . PHE A 1 119 ? -13.240 3.679   3.289   1.00 28.77 ? 119 PHE A CG  1 
ATOM   806  C CD1 . PHE A 1 119 ? -12.729 4.365   4.376   1.00 27.33 ? 119 PHE A CD1 1 
ATOM   807  C CD2 . PHE A 1 119 ? -12.680 2.458   2.945   1.00 27.76 ? 119 PHE A CD2 1 
ATOM   808  C CE1 . PHE A 1 119 ? -11.664 3.842   5.112   1.00 27.14 ? 119 PHE A CE1 1 
ATOM   809  C CE2 . PHE A 1 119 ? -11.628 1.920   3.687   1.00 29.32 ? 119 PHE A CE2 1 
ATOM   810  C CZ  . PHE A 1 119 ? -11.122 2.620   4.762   1.00 27.45 ? 119 PHE A CZ  1 
ATOM   811  N N   . ASP A 1 120 ? -16.016 7.245   2.885   1.00 33.68 ? 120 ASP A N   1 
ATOM   812  C CA  . ASP A 1 120 ? -16.363 8.343   1.988   1.00 34.78 ? 120 ASP A CA  1 
ATOM   813  C C   . ASP A 1 120 ? -15.203 8.589   1.027   1.00 37.95 ? 120 ASP A C   1 
ATOM   814  O O   . ASP A 1 120 ? -14.045 8.293   1.347   1.00 32.42 ? 120 ASP A O   1 
ATOM   815  C CB  . ASP A 1 120 ? -16.703 9.614   2.763   1.00 38.24 ? 120 ASP A CB  1 
ATOM   816  C CG  . ASP A 1 120 ? -18.046 9.521   3.484   1.00 49.70 ? 120 ASP A CG  1 
ATOM   817  O OD1 . ASP A 1 120 ? -19.028 9.044   2.871   1.00 53.66 ? 120 ASP A OD1 1 
ATOM   818  O OD2 . ASP A 1 120 ? -18.120 9.924   4.665   1.00 52.53 ? 120 ASP A OD2 1 
ATOM   819  N N   . LEU A 1 121 ? -15.521 9.117   -0.152  1.00 32.77 ? 121 LEU A N   1 
ATOM   820  C CA  . LEU A 1 121 ? -14.524 9.329   -1.194  1.00 31.80 ? 121 LEU A CA  1 
ATOM   821  C C   . LEU A 1 121 ? -14.397 10.802  -1.560  1.00 35.68 ? 121 LEU A C   1 
ATOM   822  O O   . LEU A 1 121 ? -15.385 11.544  -1.588  1.00 35.11 ? 121 LEU A O   1 
ATOM   823  C CB  . LEU A 1 121 ? -14.873 8.501   -2.431  1.00 28.54 ? 121 LEU A CB  1 
ATOM   824  C CG  . LEU A 1 121 ? -15.021 7.003   -2.170  1.00 30.80 ? 121 LEU A CG  1 
ATOM   825  C CD1 . LEU A 1 121 ? -15.655 6.304   -3.356  1.00 35.80 ? 121 LEU A CD1 1 
ATOM   826  C CD2 . LEU A 1 121 ? -13.649 6.397   -1.869  1.00 31.72 ? 121 LEU A CD2 1 
ATOM   827  N N   . THR A 1 122 ? -13.164 11.217  -1.826  1.00 33.41 ? 122 THR A N   1 
ATOM   828  C CA  . THR A 1 122 ? -12.854 12.588  -2.198  1.00 33.61 ? 122 THR A CA  1 
ATOM   829  C C   . THR A 1 122 ? -12.147 12.587  -3.548  1.00 37.19 ? 122 THR A C   1 
ATOM   830  O O   . THR A 1 122 ? -11.214 11.815  -3.755  1.00 30.37 ? 122 THR A O   1 
ATOM   831  C CB  . THR A 1 122 ? -11.971 13.276  -1.142  1.00 33.85 ? 122 THR A CB  1 
ATOM   832  O OG1 . THR A 1 122 ? -12.718 13.454  0.066   1.00 33.27 ? 122 THR A OG1 1 
ATOM   833  C CG2 . THR A 1 122 ? -11.488 14.627  -1.638  1.00 33.42 ? 122 THR A CG2 1 
ATOM   834  N N   . PRO A 1 123 ? -12.597 13.440  -4.481  1.00 34.85 ? 123 PRO A N   1 
ATOM   835  C CA  . PRO A 1 123 ? -11.972 13.455  -5.810  1.00 34.28 ? 123 PRO A CA  1 
ATOM   836  C C   . PRO A 1 123 ? -10.454 13.695  -5.775  1.00 34.28 ? 123 PRO A C   1 
ATOM   837  O O   . PRO A 1 123 ? -9.946  14.393  -4.888  1.00 31.64 ? 123 PRO A O   1 
ATOM   838  C CB  . PRO A 1 123 ? -12.683 14.615  -6.514  1.00 38.54 ? 123 PRO A CB  1 
ATOM   839  C CG  . PRO A 1 123 ? -14.007 14.699  -5.843  1.00 37.21 ? 123 PRO A CG  1 
ATOM   840  C CD  . PRO A 1 123 ? -13.768 14.333  -4.407  1.00 35.56 ? 123 PRO A CD  1 
ATOM   841  N N   . SER A 1 124 ? -9.744  13.106  -6.735  1.00 34.95 ? 124 SER A N   1 
ATOM   842  C CA  . SER A 1 124 ? -8.322  13.378  -6.917  1.00 32.92 ? 124 SER A CA  1 
ATOM   843  C C   . SER A 1 124 ? -8.107  14.544  -7.873  1.00 36.54 ? 124 SER A C   1 
ATOM   844  O O   . SER A 1 124 ? -8.978  14.857  -8.683  1.00 39.68 ? 124 SER A O   1 
ATOM   845  C CB  . SER A 1 124 ? -7.588  12.140  -7.439  1.00 32.57 ? 124 SER A CB  1 
ATOM   846  O OG  . SER A 1 124 ? -7.571  11.106  -6.475  1.00 31.55 ? 124 SER A OG  1 
ATOM   847  N N   . THR A 1 125 ? -6.934  15.165  -7.784  1.00 38.59 ? 125 THR A N   1 
ATOM   848  C CA  . THR A 1 125 ? -6.600  16.340  -8.590  1.00 37.58 ? 125 THR A CA  1 
ATOM   849  C C   . THR A 1 125 ? -6.091  15.992  -9.989  1.00 41.17 ? 125 THR A C   1 
ATOM   850  O O   . THR A 1 125 ? -6.532  16.576  -10.983 1.00 41.11 ? 125 THR A O   1 
ATOM   851  C CB  . THR A 1 125 ? -5.541  17.201  -7.872  1.00 36.87 ? 125 THR A CB  1 
ATOM   852  O OG1 . THR A 1 125 ? -6.092  17.704  -6.650  1.00 38.24 ? 125 THR A OG1 1 
ATOM   853  C CG2 . THR A 1 125 ? -5.111  18.368  -8.736  1.00 45.05 ? 125 THR A CG2 1 
ATOM   854  N N   . THR A 1 126 ? -5.171  15.034  -10.070 1.00 36.60 ? 126 THR A N   1 
ATOM   855  C CA  . THR A 1 126 ? -4.519  14.716  -11.335 1.00 33.19 ? 126 THR A CA  1 
ATOM   856  C C   . THR A 1 126 ? -5.120  13.525  -12.069 1.00 35.95 ? 126 THR A C   1 
ATOM   857  O O   . THR A 1 126 ? -4.738  13.234  -13.206 1.00 39.57 ? 126 THR A O   1 
ATOM   858  C CB  . THR A 1 126 ? -3.033  14.417  -11.125 1.00 35.96 ? 126 THR A CB  1 
ATOM   859  O OG1 . THR A 1 126 ? -2.904  13.251  -10.300 1.00 33.00 ? 126 THR A OG1 1 
ATOM   860  C CG2 . THR A 1 126 ? -2.341  15.598  -10.460 1.00 31.98 ? 126 THR A CG2 1 
ATOM   861  N N   . ILE A 1 127 ? -6.029  12.810  -11.417 1.00 31.61 ? 127 ILE A N   1 
ATOM   862  C CA  . ILE A 1 127 ? -6.607  11.617  -12.017 1.00 32.00 ? 127 ILE A CA  1 
ATOM   863  C C   . ILE A 1 127 ? -8.078  11.506  -11.646 1.00 32.15 ? 127 ILE A C   1 
ATOM   864  O O   . ILE A 1 127 ? -8.580  12.282  -10.837 1.00 33.98 ? 127 ILE A O   1 
ATOM   865  C CB  . ILE A 1 127 ? -5.875  10.317  -11.570 1.00 30.36 ? 127 ILE A CB  1 
ATOM   866  C CG1 . ILE A 1 127 ? -5.849  10.216  -10.043 1.00 30.58 ? 127 ILE A CG1 1 
ATOM   867  C CG2 . ILE A 1 127 ? -4.464  10.252  -12.131 1.00 32.36 ? 127 ILE A CG2 1 
ATOM   868  C CD1 . ILE A 1 127 ? -5.288  8.903   -9.546  1.00 28.06 ? 127 ILE A CD1 1 
ATOM   869  N N   . ASP A 1 128 ? -8.758  10.529  -12.229 1.00 31.50 ? 128 ASP A N   1 
ATOM   870  C CA  . ASP A 1 128 ? -10.200 10.381  -12.043 1.00 33.34 ? 128 ASP A CA  1 
ATOM   871  C C   . ASP A 1 128 ? -10.572 9.556   -10.817 1.00 36.83 ? 128 ASP A C   1 
ATOM   872  O O   . ASP A 1 128 ? -11.638 9.749   -10.231 1.00 38.65 ? 128 ASP A O   1 
ATOM   873  C CB  . ASP A 1 128 ? -10.824 9.751   -13.286 1.00 39.63 ? 128 ASP A CB  1 
ATOM   874  C CG  . ASP A 1 128 ? -10.728 10.653  -14.506 1.00 41.58 ? 128 ASP A CG  1 
ATOM   875  O OD1 . ASP A 1 128 ? -10.832 11.891  -14.341 1.00 39.52 ? 128 ASP A OD1 1 
ATOM   876  O OD2 . ASP A 1 128 ? -10.538 10.122  -15.620 1.00 44.33 ? 128 ASP A OD2 1 
ATOM   877  N N   . VAL A 1 129 ? -9.700  8.631   -10.431 1.00 32.39 ? 129 VAL A N   1 
ATOM   878  C CA  . VAL A 1 129 ? -9.977  7.778   -9.278  1.00 30.88 ? 129 VAL A CA  1 
ATOM   879  C C   . VAL A 1 129 ? -9.873  8.602   -8.004  1.00 26.54 ? 129 VAL A C   1 
ATOM   880  O O   . VAL A 1 129 ? -8.911  9.335   -7.814  1.00 30.79 ? 129 VAL A O   1 
ATOM   881  C CB  . VAL A 1 129 ? -9.006  6.575   -9.214  1.00 28.25 ? 129 VAL A CB  1 
ATOM   882  C CG1 . VAL A 1 129 ? -9.328  5.678   -8.017  1.00 27.59 ? 129 VAL A CG1 1 
ATOM   883  C CG2 . VAL A 1 129 ? -9.072  5.778   -10.499 1.00 30.16 ? 129 VAL A CG2 1 
ATOM   884  N N   . PRO A 1 130 ? -10.886 8.504   -7.132  1.00 29.70 ? 130 PRO A N   1 
ATOM   885  C CA  . PRO A 1 130 ? -10.912 9.263   -5.885  1.00 30.84 ? 130 PRO A CA  1 
ATOM   886  C C   . PRO A 1 130 ? -10.092 8.592   -4.785  1.00 26.50 ? 130 PRO A C   1 
ATOM   887  O O   . PRO A 1 130 ? -9.843  7.388   -4.856  1.00 27.29 ? 130 PRO A O   1 
ATOM   888  C CB  . PRO A 1 130 ? -12.393 9.254   -5.515  1.00 29.24 ? 130 PRO A CB  1 
ATOM   889  C CG  . PRO A 1 130 ? -12.862 7.945   -6.012  1.00 29.91 ? 130 PRO A CG  1 
ATOM   890  C CD  . PRO A 1 130 ? -12.110 7.700   -7.302  1.00 28.23 ? 130 PRO A CD  1 
ATOM   891  N N   . ARG A 1 131 ? -9.694  9.382   -3.799  1.00 29.32 ? 131 ARG A N   1 
ATOM   892  C CA  . ARG A 1 131 ? -9.043  8.880   -2.603  1.00 24.74 ? 131 ARG A CA  1 
ATOM   893  C C   . ARG A 1 131 ? -10.079 8.672   -1.514  1.00 34.19 ? 131 ARG A C   1 
ATOM   894  O O   . ARG A 1 131 ? -11.212 9.152   -1.619  1.00 30.79 ? 131 ARG A O   1 
ATOM   895  C CB  . ARG A 1 131 ? -7.980  9.852   -2.122  1.00 24.07 ? 131 ARG A CB  1 
ATOM   896  C CG  . ARG A 1 131 ? -8.563  11.132  -1.547  1.00 28.14 ? 131 ARG A CG  1 
ATOM   897  C CD  . ARG A 1 131 ? -7.489  11.969  -0.912  1.00 28.74 ? 131 ARG A CD  1 
ATOM   898  N NE  . ARG A 1 131 ? -7.962  13.292  -0.494  1.00 34.06 ? 131 ARG A NE  1 
ATOM   899  C CZ  . ARG A 1 131 ? -8.600  13.538  0.647   1.00 34.71 ? 131 ARG A CZ  1 
ATOM   900  N NH1 . ARG A 1 131 ? -8.876  12.549  1.489   1.00 30.42 ? 131 ARG A NH1 1 
ATOM   901  N NH2 . ARG A 1 131 ? -8.971  14.778  0.944   1.00 35.03 ? 131 ARG A NH2 1 
ATOM   902  N N   . ILE A 1 132 ? -9.685  7.959   -0.465  1.00 26.06 ? 132 ILE A N   1 
ATOM   903  C CA  . ILE A 1 132 ? -10.526 7.786   0.713   1.00 27.38 ? 132 ILE A CA  1 
ATOM   904  C C   . ILE A 1 132 ? -10.489 9.065   1.533   1.00 28.75 ? 132 ILE A C   1 
ATOM   905  O O   . ILE A 1 132 ? -9.417  9.611   1.785   1.00 27.15 ? 132 ILE A O   1 
ATOM   906  C CB  . ILE A 1 132 ? -10.053 6.580   1.541   1.00 27.62 ? 132 ILE A CB  1 
ATOM   907  C CG1 . ILE A 1 132 ? -10.445 5.287   0.816   1.00 24.90 ? 132 ILE A CG1 1 
ATOM   908  C CG2 . ILE A 1 132 ? -10.623 6.627   2.960   1.00 25.97 ? 132 ILE A CG2 1 
ATOM   909  C CD1 . ILE A 1 132 ? -9.754  4.060   1.343   1.00 29.27 ? 132 ILE A CD1 1 
ATOM   910  N N   . THR A 1 133 ? -11.663 9.568   1.922   1.00 28.76 ? 133 THR A N   1 
ATOM   911  C CA  . THR A 1 133 ? -11.726 10.873  2.570   1.00 28.43 ? 133 THR A CA  1 
ATOM   912  C C   . THR A 1 133 ? -10.874 10.910  3.840   1.00 26.12 ? 133 THR A C   1 
ATOM   913  O O   . THR A 1 133 ? -10.159 11.879  4.083   1.00 30.17 ? 133 THR A O   1 
ATOM   914  C CB  . THR A 1 133 ? -13.194 11.267  2.902   1.00 32.58 ? 133 THR A CB  1 
ATOM   915  O OG1 . THR A 1 133 ? -13.960 11.288  1.695   1.00 33.07 ? 133 THR A OG1 1 
ATOM   916  C CG2 . THR A 1 133 ? -13.253 12.647  3.530   1.00 31.65 ? 133 THR A CG2 1 
ATOM   917  N N   . ASP A 1 134 ? -10.903 9.836   4.622   1.00 28.25 ? 134 ASP A N   1 
ATOM   918  C CA  . ASP A 1 134 ? -10.207 9.839   5.904   1.00 27.91 ? 134 ASP A CA  1 
ATOM   919  C C   . ASP A 1 134 ? -8.713  9.443   5.827   1.00 31.78 ? 134 ASP A C   1 
ATOM   920  O O   . ASP A 1 134 ? -8.056  9.333   6.864   1.00 29.02 ? 134 ASP A O   1 
ATOM   921  C CB  . ASP A 1 134 ? -10.915 8.901   6.889   1.00 29.42 ? 134 ASP A CB  1 
ATOM   922  C CG  . ASP A 1 134 ? -12.154 9.515   7.517   1.00 35.05 ? 134 ASP A CG  1 
ATOM   923  O OD1 . ASP A 1 134 ? -12.363 10.739  7.378   1.00 37.13 ? 134 ASP A OD1 1 
ATOM   924  O OD2 . ASP A 1 134 ? -12.910 8.757   8.163   1.00 33.37 ? 134 ASP A OD2 1 
ATOM   925  N N   . ALA A 1 135 ? -8.174  9.233   4.625   1.00 31.12 ? 135 ALA A N   1 
ATOM   926  C CA  . ALA A 1 135 ? -6.783  8.767   4.499   1.00 26.93 ? 135 ALA A CA  1 
ATOM   927  C C   . ALA A 1 135 ? -5.789  9.826   4.952   1.00 25.63 ? 135 ALA A C   1 
ATOM   928  O O   . ALA A 1 135 ? -5.956  11.002  4.650   1.00 27.08 ? 135 ALA A O   1 
ATOM   929  C CB  . ALA A 1 135 ? -6.476  8.348   3.061   1.00 26.36 ? 135 ALA A CB  1 
ATOM   930  N N   . PRO A 1 136 ? -4.735  9.408   5.677   1.00 23.20 ? 136 PRO A N   1 
ATOM   931  C CA  . PRO A 1 136 ? -3.719  10.363  6.141   1.00 25.70 ? 136 PRO A CA  1 
ATOM   932  C C   . PRO A 1 136 ? -2.910  10.944  4.988   1.00 24.90 ? 136 PRO A C   1 
ATOM   933  O O   . PRO A 1 136 ? -2.596  12.132  4.957   1.00 24.92 ? 136 PRO A O   1 
ATOM   934  C CB  . PRO A 1 136 ? -2.837  9.521   7.067   1.00 22.72 ? 136 PRO A CB  1 
ATOM   935  C CG  . PRO A 1 136 ? -3.054  8.089   6.612   1.00 19.90 ? 136 PRO A CG  1 
ATOM   936  C CD  . PRO A 1 136 ? -4.474  8.034   6.146   1.00 26.98 ? 136 PRO A CD  1 
ATOM   937  N N   . ILE A 1 137 ? -2.561  10.068  4.054   1.00 23.05 ? 137 ILE A N   1 
ATOM   938  C CA  . ILE A 1 137 ? -1.754  10.401  2.888   1.00 23.43 ? 137 ILE A CA  1 
ATOM   939  C C   . ILE A 1 137 ? -2.280  9.542   1.760   1.00 21.52 ? 137 ILE A C   1 
ATOM   940  O O   . ILE A 1 137 ? -2.691  8.408   1.990   1.00 21.81 ? 137 ILE A O   1 
ATOM   941  C CB  . ILE A 1 137 ? -0.240  10.129  3.108   1.00 21.51 ? 137 ILE A CB  1 
ATOM   942  C CG1 . ILE A 1 137 ? 0.309   10.907  4.316   1.00 22.11 ? 137 ILE A CG1 1 
ATOM   943  C CG2 . ILE A 1 137 ? 0.557   10.480  1.863   1.00 20.02 ? 137 ILE A CG2 1 
ATOM   944  C CD1 . ILE A 1 137 ? 1.772   10.617  4.611   1.00 22.17 ? 137 ILE A CD1 1 
ATOM   945  N N   . ALA A 1 138 ? -2.289  10.076  0.539   1.00 22.34 ? 138 ALA A N   1 
ATOM   946  C CA  . ALA A 1 138 ? -2.673  9.289   -0.626  1.00 21.68 ? 138 ALA A CA  1 
ATOM   947  C C   . ALA A 1 138 ? -1.771  9.606   -1.802  1.00 22.51 ? 138 ALA A C   1 
ATOM   948  O O   . ALA A 1 138 ? -1.355  10.737  -1.990  1.00 24.50 ? 138 ALA A O   1 
ATOM   949  C CB  . ALA A 1 138 ? -4.137  9.540   -0.991  1.00 23.15 ? 138 ALA A CB  1 
ATOM   950  N N   . TRP A 1 139 ? -1.421  8.590   -2.574  1.00 20.94 ? 139 TRP A N   1 
ATOM   951  C CA  . TRP A 1 139 ? -0.686  8.769   -3.813  1.00 21.30 ? 139 TRP A CA  1 
ATOM   952  C C   . TRP A 1 139 ? -1.669  8.689   -4.975  1.00 21.32 ? 139 TRP A C   1 
ATOM   953  O O   . TRP A 1 139 ? -2.400  7.708   -5.115  1.00 20.63 ? 139 TRP A O   1 
ATOM   954  C CB  . TRP A 1 139 ? 0.389   7.689   -3.993  1.00 19.13 ? 139 TRP A CB  1 
ATOM   955  C CG  . TRP A 1 139 ? 1.530   7.698   -3.033  1.00 19.72 ? 139 TRP A CG  1 
ATOM   956  C CD1 . TRP A 1 139 ? 1.843   8.660   -2.111  1.00 20.78 ? 139 TRP A CD1 1 
ATOM   957  C CD2 . TRP A 1 139 ? 2.531   6.681   -2.911  1.00 17.96 ? 139 TRP A CD2 1 
ATOM   958  N NE1 . TRP A 1 139 ? 2.986   8.303   -1.431  1.00 21.75 ? 139 TRP A NE1 1 
ATOM   959  C CE2 . TRP A 1 139 ? 3.429   7.096   -1.909  1.00 19.59 ? 139 TRP A CE2 1 
ATOM   960  C CE3 . TRP A 1 139 ? 2.752   5.451   -3.555  1.00 18.95 ? 139 TRP A CE3 1 
ATOM   961  C CZ2 . TRP A 1 139 ? 4.525   6.320   -1.523  1.00 17.75 ? 139 TRP A CZ2 1 
ATOM   962  C CZ3 . TRP A 1 139 ? 3.835   4.692   -3.176  1.00 16.06 ? 139 TRP A CZ3 1 
ATOM   963  C CH2 . TRP A 1 139 ? 4.712   5.124   -2.171  1.00 17.07 ? 139 TRP A CH2 1 
ATOM   964  N N   . GLU A 1 140 ? -1.703  9.737   -5.794  1.00 23.74 ? 140 GLU A N   1 
ATOM   965  C CA  . GLU A 1 140 ? -2.398  9.706   -7.070  1.00 24.50 ? 140 GLU A CA  1 
ATOM   966  C C   . GLU A 1 140 ? -1.445  9.105   -8.098  1.00 19.90 ? 140 GLU A C   1 
ATOM   967  O O   . GLU A 1 140 ? -0.355  9.661   -8.357  1.00 22.78 ? 140 GLU A O   1 
ATOM   968  C CB  . GLU A 1 140 ? -2.849  11.122  -7.480  1.00 24.89 ? 140 GLU A CB  1 
ATOM   969  C CG  . GLU A 1 140 ? -3.732  11.792  -6.414  1.00 26.84 ? 140 GLU A CG  1 
ATOM   970  C CD  . GLU A 1 140 ? -4.266  13.155  -6.840  1.00 34.66 ? 140 GLU A CD  1 
ATOM   971  O OE1 . GLU A 1 140 ? -3.883  13.634  -7.929  1.00 34.17 ? 140 GLU A OE1 1 
ATOM   972  O OE2 . GLU A 1 140 ? -5.068  13.741  -6.075  1.00 33.17 ? 140 GLU A OE2 1 
ATOM   973  N N   . CYS A 1 141 ? -1.869  7.964   -8.655  1.00 21.70 ? 141 CYS A N   1 
ATOM   974  C CA  . CYS A 1 141 ? -0.999  7.121   -9.465  1.00 21.55 ? 141 CYS A CA  1 
ATOM   975  C C   . CYS A 1 141 ? -1.521  6.807   -10.849 1.00 21.40 ? 141 CYS A C   1 
ATOM   976  O O   . CYS A 1 141 ? -2.733  6.678   -11.077 1.00 23.46 ? 141 CYS A O   1 
ATOM   977  C CB  . CYS A 1 141 ? -0.746  5.791   -8.760  1.00 21.35 ? 141 CYS A CB  1 
ATOM   978  S SG  . CYS A 1 141 ? -0.184  5.946   -7.061  1.00 22.98 ? 141 CYS A SG  1 
ATOM   979  N N   . LYS A 1 142 ? -0.566  6.654   -11.760 1.00 23.14 ? 142 LYS A N   1 
ATOM   980  C CA  . LYS A 1 142 ? -0.827  6.119   -13.078 1.00 23.74 ? 142 LYS A CA  1 
ATOM   981  C C   . LYS A 1 142 ? -0.118  4.790   -13.225 1.00 25.41 ? 142 LYS A C   1 
ATOM   982  O O   . LYS A 1 142 ? 0.920   4.548   -12.603 1.00 23.88 ? 142 LYS A O   1 
ATOM   983  C CB  . LYS A 1 142 ? -0.376  7.102   -14.160 1.00 23.37 ? 142 LYS A CB  1 
ATOM   984  C CG  . LYS A 1 142 ? -1.195  8.384   -14.144 1.00 28.16 ? 142 LYS A CG  1 
ATOM   985  C CD  . LYS A 1 142 ? -0.708  9.371   -15.205 1.00 30.47 ? 142 LYS A CD  1 
ATOM   986  C CE  . LYS A 1 142 ? -1.708  10.500  -15.434 1.00 37.89 ? 142 LYS A CE  1 
ATOM   987  N NZ  . LYS A 1 142 ? -1.217  11.464  -16.481 1.00 36.62 ? 142 LYS A NZ  1 
ATOM   988  N N   . LEU A 1 143 ? -0.691  3.923   -14.042 1.00 21.54 ? 143 LEU A N   1 
ATOM   989  C CA  . LEU A 1 143 ? -0.087  2.635   -14.311 1.00 22.10 ? 143 LEU A CA  1 
ATOM   990  C C   . LEU A 1 143 ? 1.189   2.808   -15.106 1.00 23.88 ? 143 LEU A C   1 
ATOM   991  O O   . LEU A 1 143 ? 1.189   3.439   -16.158 1.00 24.83 ? 143 LEU A O   1 
ATOM   992  C CB  . LEU A 1 143 ? -1.058  1.729   -15.077 1.00 22.11 ? 143 LEU A CB  1 
ATOM   993  C CG  . LEU A 1 143 ? -0.500  0.341   -15.391 1.00 22.41 ? 143 LEU A CG  1 
ATOM   994  C CD1 . LEU A 1 143 ? -0.254  -0.439  -14.082 1.00 22.60 ? 143 LEU A CD1 1 
ATOM   995  C CD2 . LEU A 1 143 ? -1.407  -0.439  -16.331 1.00 26.29 ? 143 LEU A CD2 1 
ATOM   996  N N   . TYR A 1 144 ? 2.279   2.254   -14.603 1.00 20.80 ? 144 TYR A N   1 
ATOM   997  C CA  . TYR A 1 144 ? 3.515   2.237   -15.354 1.00 18.80 ? 144 TYR A CA  1 
ATOM   998  C C   . TYR A 1 144 ? 3.585   0.967   -16.189 1.00 24.05 ? 144 TYR A C   1 
ATOM   999  O O   . TYR A 1 144 ? 3.780   1.011   -17.412 1.00 24.64 ? 144 TYR A O   1 
ATOM   1000 C CB  . TYR A 1 144 ? 4.702   2.321   -14.416 1.00 19.22 ? 144 TYR A CB  1 
ATOM   1001 C CG  . TYR A 1 144 ? 6.010   2.598   -15.108 1.00 19.88 ? 144 TYR A CG  1 
ATOM   1002 C CD1 . TYR A 1 144 ? 6.367   3.901   -15.449 1.00 19.45 ? 144 TYR A CD1 1 
ATOM   1003 C CD2 . TYR A 1 144 ? 6.881   1.569   -15.443 1.00 19.22 ? 144 TYR A CD2 1 
ATOM   1004 C CE1 . TYR A 1 144 ? 7.573   4.169   -16.062 1.00 21.73 ? 144 TYR A CE1 1 
ATOM   1005 C CE2 . TYR A 1 144 ? 8.086   1.827   -16.068 1.00 24.37 ? 144 TYR A CE2 1 
ATOM   1006 C CZ  . TYR A 1 144 ? 8.424   3.136   -16.380 1.00 23.48 ? 144 TYR A CZ  1 
ATOM   1007 O OH  . TYR A 1 144 ? 9.628   3.383   -16.998 1.00 24.53 ? 144 TYR A OH  1 
ATOM   1008 N N   . LYS A 1 145 ? 3.428   -0.176  -15.526 1.00 20.87 ? 145 LYS A N   1 
ATOM   1009 C CA  . LYS A 1 145 ? 3.495   -1.446  -16.254 1.00 20.57 ? 145 LYS A CA  1 
ATOM   1010 C C   . LYS A 1 145 ? 2.982   -2.577  -15.395 1.00 24.09 ? 145 LYS A C   1 
ATOM   1011 O O   . LYS A 1 145 ? 3.170   -2.561  -14.188 1.00 22.42 ? 145 LYS A O   1 
ATOM   1012 C CB  . LYS A 1 145 ? 4.931   -1.752  -16.680 1.00 24.70 ? 145 LYS A CB  1 
ATOM   1013 C CG  . LYS A 1 145 ? 5.189   -3.176  -17.125 1.00 33.11 ? 145 LYS A CG  1 
ATOM   1014 C CD  . LYS A 1 145 ? 6.085   -3.208  -18.340 1.00 31.79 ? 145 LYS A CD  1 
ATOM   1015 C CE  . LYS A 1 145 ? 7.520   -3.438  -17.945 1.00 35.86 ? 145 LYS A CE  1 
ATOM   1016 N NZ  . LYS A 1 145 ? 8.409   -3.317  -19.143 1.00 30.62 ? 145 LYS A NZ  1 
ATOM   1017 N N   . ILE A 1 146 ? 2.356   -3.573  -16.005 1.00 22.95 ? 146 ILE A N   1 
ATOM   1018 C CA  . ILE A 1 146 ? 2.034   -4.786  -15.253 1.00 22.99 ? 146 ILE A CA  1 
ATOM   1019 C C   . ILE A 1 146 ? 2.956   -5.892  -15.725 1.00 23.79 ? 146 ILE A C   1 
ATOM   1020 O O   . ILE A 1 146 ? 3.119   -6.102  -16.927 1.00 26.37 ? 146 ILE A O   1 
ATOM   1021 C CB  . ILE A 1 146 ? 0.570   -5.197  -15.418 1.00 25.39 ? 146 ILE A CB  1 
ATOM   1022 C CG1 . ILE A 1 146 ? -0.331  -4.125  -14.804 1.00 29.20 ? 146 ILE A CG1 1 
ATOM   1023 C CG2 . ILE A 1 146 ? 0.305   -6.539  -14.735 1.00 28.44 ? 146 ILE A CG2 1 
ATOM   1024 C CD1 . ILE A 1 146 ? -1.766  -4.395  -14.969 1.00 33.71 ? 146 ILE A CD1 1 
ATOM   1025 N N   . ILE A 1 147 ? 3.612   -6.560  -14.789 1.00 21.62 ? 147 ILE A N   1 
ATOM   1026 C CA  . ILE A 1 147 ? 4.367   -7.756  -15.121 1.00 23.28 ? 147 ILE A CA  1 
ATOM   1027 C C   . ILE A 1 147 ? 3.595   -8.942  -14.569 1.00 28.78 ? 147 ILE A C   1 
ATOM   1028 O O   . ILE A 1 147 ? 3.406   -9.034  -13.375 1.00 23.31 ? 147 ILE A O   1 
ATOM   1029 C CB  . ILE A 1 147 ? 5.792   -7.748  -14.534 1.00 26.92 ? 147 ILE A CB  1 
ATOM   1030 C CG1 . ILE A 1 147 ? 6.642   -6.650  -15.185 1.00 25.95 ? 147 ILE A CG1 1 
ATOM   1031 C CG2 . ILE A 1 147 ? 6.453   -9.099  -14.738 1.00 30.67 ? 147 ILE A CG2 1 
ATOM   1032 C CD1 . ILE A 1 147 ? 8.044   -6.569  -14.651 1.00 28.78 ? 147 ILE A CD1 1 
ATOM   1033 N N   . ASP A 1 148 ? 3.131   -9.844  -15.422 1.00 27.09 ? 148 ASP A N   1 
ATOM   1034 C CA  . ASP A 1 148 ? 2.454   -11.028 -14.897 1.00 27.02 ? 148 ASP A CA  1 
ATOM   1035 C C   . ASP A 1 148 ? 3.462   -11.928 -14.200 1.00 27.84 ? 148 ASP A C   1 
ATOM   1036 O O   . ASP A 1 148 ? 4.501   -12.262 -14.747 1.00 30.33 ? 148 ASP A O   1 
ATOM   1037 C CB  . ASP A 1 148 ? 1.728   -11.788 -16.011 1.00 29.08 ? 148 ASP A CB  1 
ATOM   1038 C CG  . ASP A 1 148 ? 0.563   -11.007 -16.576 1.00 37.56 ? 148 ASP A CG  1 
ATOM   1039 O OD1 . ASP A 1 148 ? -0.103  -10.268 -15.807 1.00 37.17 ? 148 ASP A OD1 1 
ATOM   1040 O OD2 . ASP A 1 148 ? 0.319   -11.124 -17.793 1.00 44.51 ? 148 ASP A OD2 1 
ATOM   1041 N N   . PHE A 1 149 ? 3.139   -12.280 -12.964 1.00 26.06 ? 149 PHE A N   1 
ATOM   1042 C CA  . PHE A 1 149 ? 3.921   -13.177 -12.135 1.00 28.06 ? 149 PHE A CA  1 
ATOM   1043 C C   . PHE A 1 149 ? 3.614   -14.600 -12.602 1.00 29.99 ? 149 PHE A C   1 
ATOM   1044 O O   . PHE A 1 149 ? 4.495   -15.371 -12.979 1.00 31.64 ? 149 PHE A O   1 
ATOM   1045 C CB  . PHE A 1 149 ? 3.529   -12.945 -10.665 1.00 29.13 ? 149 PHE A CB  1 
ATOM   1046 C CG  . PHE A 1 149 ? 4.387   -13.640 -9.660  1.00 32.83 ? 149 PHE A CG  1 
ATOM   1047 C CD1 . PHE A 1 149 ? 4.077   -14.927 -9.241  1.00 33.36 ? 149 PHE A CD1 1 
ATOM   1048 C CD2 . PHE A 1 149 ? 5.458   -12.986 -9.069  1.00 29.40 ? 149 PHE A CD2 1 
ATOM   1049 C CE1 . PHE A 1 149 ? 4.845   -15.565 -8.286  1.00 29.94 ? 149 PHE A CE1 1 
ATOM   1050 C CE2 . PHE A 1 149 ? 6.228   -13.617 -8.108  1.00 27.92 ? 149 PHE A CE2 1 
ATOM   1051 C CZ  . PHE A 1 149 ? 5.927   -14.917 -7.720  1.00 30.01 ? 149 PHE A CZ  1 
ATOM   1052 N N   . SER A 1 150 ? 2.324   -14.907 -12.591 1.00 30.00 ? 150 SER A N   1 
ATOM   1053 C CA  . SER A 1 150 ? 1.802   -16.189 -13.036 1.00 32.97 ? 150 SER A CA  1 
ATOM   1054 C C   . SER A 1 150 ? 0.406   -15.928 -13.572 1.00 35.22 ? 150 SER A C   1 
ATOM   1055 O O   . SER A 1 150 ? -0.028  -14.782 -13.627 1.00 32.50 ? 150 SER A O   1 
ATOM   1056 C CB  . SER A 1 150 ? 1.768   -17.196 -11.891 1.00 35.38 ? 150 SER A CB  1 
ATOM   1057 O OG  . SER A 1 150 ? 0.928   -16.744 -10.851 1.00 32.37 ? 150 SER A OG  1 
ATOM   1058 N N   . LYS A 1 151 ? -0.319  -16.973 -13.951 1.00 35.67 ? 151 LYS A N   1 
ATOM   1059 C CA  . LYS A 1 151 ? -1.666  -16.757 -14.455 1.00 36.88 ? 151 LYS A CA  1 
ATOM   1060 C C   . LYS A 1 151 ? -2.614  -16.277 -13.356 1.00 37.59 ? 151 LYS A C   1 
ATOM   1061 O O   . LYS A 1 151 ? -3.693  -15.766 -13.646 1.00 44.68 ? 151 LYS A O   1 
ATOM   1062 C CB  . LYS A 1 151 ? -2.205  -18.032 -15.114 1.00 42.59 ? 151 LYS A CB  1 
ATOM   1063 C CG  . LYS A 1 151 ? -1.663  -18.272 -16.514 1.00 47.97 ? 151 LYS A CG  1 
ATOM   1064 C CD  . LYS A 1 151 ? -0.951  -19.608 -16.626 1.00 52.21 ? 151 LYS A CD  1 
ATOM   1065 C CE  . LYS A 1 151 ? -0.997  -20.130 -18.052 1.00 57.62 ? 151 LYS A CE  1 
ATOM   1066 N NZ  . LYS A 1 151 ? -0.739  -21.599 -18.100 1.00 59.19 ? 151 LYS A NZ  1 
ATOM   1067 N N   . GLN A 1 152 ? -2.186  -16.401 -12.101 1.00 36.84 ? 152 GLN A N   1 
ATOM   1068 C CA  . GLN A 1 152 ? -3.019  -16.041 -10.957 1.00 37.85 ? 152 GLN A CA  1 
ATOM   1069 C C   . GLN A 1 152 ? -2.515  -14.825 -10.153 1.00 36.10 ? 152 GLN A C   1 
ATOM   1070 O O   . GLN A 1 152 ? -3.143  -14.422 -9.171  1.00 37.68 ? 152 GLN A O   1 
ATOM   1071 C CB  . GLN A 1 152 ? -3.133  -17.244 -10.023 1.00 46.35 ? 152 GLN A CB  1 
ATOM   1072 C CG  . GLN A 1 152 ? -1.811  -17.609 -9.352  1.00 47.06 ? 152 GLN A CG  1 
ATOM   1073 C CD  . GLN A 1 152 ? -1.525  -19.106 -9.375  1.00 56.86 ? 152 GLN A CD  1 
ATOM   1074 O OE1 . GLN A 1 152 ? -2.300  -19.905 -8.850  1.00 57.54 ? 152 GLN A OE1 1 
ATOM   1075 N NE2 . GLN A 1 152 ? -0.405  -19.489 -9.985  1.00 59.93 ? 152 GLN A NE2 1 
ATOM   1076 N N   . ARG A 1 153 ? -1.390  -14.243 -10.567 1.00 34.51 ? 153 ARG A N   1 
ATOM   1077 C CA  . ARG A 1 153 ? -0.769  -13.159 -9.799  1.00 29.17 ? 153 ARG A CA  1 
ATOM   1078 C C   . ARG A 1 153 ? -0.028  -12.198 -10.716 1.00 24.79 ? 153 ARG A C   1 
ATOM   1079 O O   . ARG A 1 153 ? 0.598   -12.629 -11.672 1.00 25.97 ? 153 ARG A O   1 
ATOM   1080 C CB  . ARG A 1 153 ? 0.194   -13.738 -8.774  1.00 29.58 ? 153 ARG A CB  1 
ATOM   1081 C CG  . ARG A 1 153 ? 0.661   -12.777 -7.700  1.00 29.17 ? 153 ARG A CG  1 
ATOM   1082 C CD  . ARG A 1 153 ? 1.202   -13.601 -6.549  1.00 30.11 ? 153 ARG A CD  1 
ATOM   1083 N NE  . ARG A 1 153 ? 1.656   -12.804 -5.424  1.00 31.33 ? 153 ARG A NE  1 
ATOM   1084 C CZ  . ARG A 1 153 ? 0.853   -12.201 -4.557  1.00 28.94 ? 153 ARG A CZ  1 
ATOM   1085 N NH1 . ARG A 1 153 ? -0.469  -12.288 -4.683  1.00 36.34 ? 153 ARG A NH1 1 
ATOM   1086 N NH2 . ARG A 1 153 ? 1.373   -11.505 -3.561  1.00 29.18 ? 153 ARG A NH2 1 
ATOM   1087 N N   . SER A 1 154 ? -0.100  -10.903 -10.420 1.00 23.51 ? 154 SER A N   1 
ATOM   1088 C CA  . SER A 1 154 ? 0.553   -9.900  -11.254 1.00 23.70 ? 154 SER A CA  1 
ATOM   1089 C C   . SER A 1 154 ? 1.246   -8.867  -10.391 1.00 25.06 ? 154 SER A C   1 
ATOM   1090 O O   . SER A 1 154 ? 0.778   -8.542  -9.311  1.00 23.45 ? 154 SER A O   1 
ATOM   1091 C CB  . SER A 1 154 ? -0.455  -9.220  -12.168 1.00 27.19 ? 154 SER A CB  1 
ATOM   1092 O OG  . SER A 1 154 ? -0.935  -10.144 -13.127 1.00 32.97 ? 154 SER A OG  1 
ATOM   1093 N N   . MET A 1 155 ? 2.375   -8.369  -10.868 1.00 20.49 ? 155 MET A N   1 
ATOM   1094 C CA  . MET A 1 155 ? 3.054   -7.259  -10.216 1.00 18.95 ? 155 MET A CA  1 
ATOM   1095 C C   . MET A 1 155 ? 2.679   -5.955  -10.914 1.00 20.76 ? 155 MET A C   1 
ATOM   1096 O O   . MET A 1 155 ? 2.979   -5.760  -12.095 1.00 23.38 ? 155 MET A O   1 
ATOM   1097 C CB  . MET A 1 155 ? 4.560   -7.479  -10.233 1.00 20.05 ? 155 MET A CB  1 
ATOM   1098 C CG  . MET A 1 155 ? 4.999   -8.618  -9.303  1.00 20.69 ? 155 MET A CG  1 
ATOM   1099 S SD  . MET A 1 155 ? 6.748   -9.002  -9.395  1.00 25.78 ? 155 MET A SD  1 
ATOM   1100 C CE  . MET A 1 155 ? 6.819   -9.670  -11.059 1.00 27.97 ? 155 MET A CE  1 
ATOM   1101 N N   . VAL A 1 156 ? 2.001   -5.086  -10.180 1.00 16.79 ? 156 VAL A N   1 
ATOM   1102 C CA  . VAL A 1 156 ? 1.566   -3.803  -10.699 1.00 18.47 ? 156 VAL A CA  1 
ATOM   1103 C C   . VAL A 1 156 ? 2.623   -2.764  -10.358 1.00 17.37 ? 156 VAL A C   1 
ATOM   1104 O O   . VAL A 1 156 ? 2.905   -2.545  -9.189  1.00 16.96 ? 156 VAL A O   1 
ATOM   1105 C CB  . VAL A 1 156 ? 0.226   -3.371  -10.101 1.00 20.97 ? 156 VAL A CB  1 
ATOM   1106 C CG1 . VAL A 1 156 ? -0.166  -1.970  -10.623 1.00 19.94 ? 156 VAL A CG1 1 
ATOM   1107 C CG2 . VAL A 1 156 ? -0.853  -4.418  -10.405 1.00 24.24 ? 156 VAL A CG2 1 
ATOM   1108 N N   . PHE A 1 157 ? 3.215   -2.149  -11.384 1.00 16.21 ? 157 PHE A N   1 
ATOM   1109 C CA  . PHE A 1 157 ? 4.155   -1.059  -11.179 1.00 16.71 ? 157 PHE A CA  1 
ATOM   1110 C C   . PHE A 1 157 ? 3.433   0.242   -11.456 1.00 18.45 ? 157 PHE A C   1 
ATOM   1111 O O   . PHE A 1 157 ? 2.915   0.459   -12.563 1.00 20.01 ? 157 PHE A O   1 
ATOM   1112 C CB  . PHE A 1 157 ? 5.389   -1.202  -12.073 1.00 15.34 ? 157 PHE A CB  1 
ATOM   1113 C CG  . PHE A 1 157 ? 6.257   -2.361  -11.701 1.00 17.17 ? 157 PHE A CG  1 
ATOM   1114 C CD1 . PHE A 1 157 ? 5.956   -3.641  -12.153 1.00 18.44 ? 157 PHE A CD1 1 
ATOM   1115 C CD2 . PHE A 1 157 ? 7.372   -2.185  -10.881 1.00 17.62 ? 157 PHE A CD2 1 
ATOM   1116 C CE1 . PHE A 1 157 ? 6.759   -4.711  -11.805 1.00 20.48 ? 157 PHE A CE1 1 
ATOM   1117 C CE2 . PHE A 1 157 ? 8.176   -3.262  -10.527 1.00 18.96 ? 157 PHE A CE2 1 
ATOM   1118 C CZ  . PHE A 1 157 ? 7.864   -4.528  -10.994 1.00 19.41 ? 157 PHE A CZ  1 
ATOM   1119 N N   . GLY A 1 158 ? 3.374   1.086   -10.429 1.00 16.86 ? 158 GLY A N   1 
ATOM   1120 C CA  . GLY A 1 158 ? 2.642   2.329   -10.525 1.00 17.60 ? 158 GLY A CA  1 
ATOM   1121 C C   . GLY A 1 158 ? 3.612   3.489   -10.469 1.00 19.45 ? 158 GLY A C   1 
ATOM   1122 O O   . GLY A 1 158 ? 4.674   3.376   -9.856  1.00 19.00 ? 158 GLY A O   1 
ATOM   1123 N N   . GLU A 1 159 ? 3.235   4.601   -11.101 1.00 19.75 ? 159 GLU A N   1 
ATOM   1124 C CA  . GLU A 1 159 ? 4.014   5.833   -11.016 1.00 18.59 ? 159 GLU A CA  1 
ATOM   1125 C C   . GLU A 1 159 ? 3.230   6.862   -10.224 1.00 19.67 ? 159 GLU A C   1 
ATOM   1126 O O   . GLU A 1 159 ? 2.048   7.096   -10.486 1.00 19.73 ? 159 GLU A O   1 
ATOM   1127 C CB  . GLU A 1 159 ? 4.347   6.375   -12.411 1.00 20.84 ? 159 GLU A CB  1 
ATOM   1128 C CG  . GLU A 1 159 ? 5.062   7.726   -12.365 1.00 23.03 ? 159 GLU A CG  1 
ATOM   1129 C CD  . GLU A 1 159 ? 5.453   8.216   -13.733 1.00 31.14 ? 159 GLU A CD  1 
ATOM   1130 O OE1 . GLU A 1 159 ? 5.219   7.472   -14.710 1.00 30.61 ? 159 GLU A OE1 1 
ATOM   1131 O OE2 . GLU A 1 159 ? 5.988   9.346   -13.822 1.00 33.37 ? 159 GLU A OE2 1 
ATOM   1132 N N   . ILE A 1 160 ? 3.873   7.443   -9.221  1.00 19.92 ? 160 ILE A N   1 
ATOM   1133 C CA  . ILE A 1 160 ? 3.243   8.481   -8.431  1.00 19.63 ? 160 ILE A CA  1 
ATOM   1134 C C   . ILE A 1 160 ? 3.249   9.788   -9.214  1.00 21.20 ? 160 ILE A C   1 
ATOM   1135 O O   . ILE A 1 160 ? 4.310   10.295  -9.554  1.00 21.95 ? 160 ILE A O   1 
ATOM   1136 C CB  . ILE A 1 160 ? 3.971   8.695   -7.101  1.00 21.15 ? 160 ILE A CB  1 
ATOM   1137 C CG1 . ILE A 1 160 ? 4.101   7.370   -6.355  1.00 19.92 ? 160 ILE A CG1 1 
ATOM   1138 C CG2 . ILE A 1 160 ? 3.234   9.727   -6.254  1.00 20.62 ? 160 ILE A CG2 1 
ATOM   1139 C CD1 . ILE A 1 160 ? 5.093   7.419   -5.214  1.00 17.58 ? 160 ILE A CD1 1 
ATOM   1140 N N   . VAL A 1 161 ? 2.075   10.331  -9.491  1.00 22.99 ? 161 VAL A N   1 
ATOM   1141 C CA  . VAL A 1 161 ? 2.044   11.605  -10.203 1.00 26.02 ? 161 VAL A CA  1 
ATOM   1142 C C   . VAL A 1 161 ? 1.793   12.743  -9.237  1.00 28.62 ? 161 VAL A C   1 
ATOM   1143 O O   . VAL A 1 161 ? 2.288   13.856  -9.462  1.00 25.98 ? 161 VAL A O   1 
ATOM   1144 C CB  . VAL A 1 161 ? 1.003   11.602  -11.336 1.00 28.90 ? 161 VAL A CB  1 
ATOM   1145 C CG1 . VAL A 1 161 ? 1.309   10.463  -12.286 1.00 26.62 ? 161 VAL A CG1 1 
ATOM   1146 C CG2 . VAL A 1 161 ? -0.388  11.475  -10.797 1.00 32.99 ? 161 VAL A CG2 1 
ATOM   1147 N N   . ALA A 1 162 ? 1.058   12.475  -8.155  1.00 24.83 ? 162 ALA A N   1 
ATOM   1148 C CA  . ALA A 1 162 ? 0.921   13.510  -7.122  1.00 24.85 ? 162 ALA A CA  1 
ATOM   1149 C C   . ALA A 1 162 ? 0.610   12.911  -5.766  1.00 26.24 ? 162 ALA A C   1 
ATOM   1150 O O   . ALA A 1 162 ? 0.242   11.755  -5.683  1.00 23.80 ? 162 ALA A O   1 
ATOM   1151 C CB  . ALA A 1 162 ? -0.165  14.533  -7.507  1.00 26.43 ? 162 ALA A CB  1 
ATOM   1152 N N   . MET A 1 163 ? 0.765   13.695  -4.701  1.00 24.14 ? 163 MET A N   1 
ATOM   1153 C CA  . MET A 1 163 ? 0.420   13.220  -3.361  1.00 24.88 ? 163 MET A CA  1 
ATOM   1154 C C   . MET A 1 163 ? -0.550  14.144  -2.625  1.00 28.39 ? 163 MET A C   1 
ATOM   1155 O O   . MET A 1 163 ? -0.428  15.368  -2.692  1.00 29.39 ? 163 MET A O   1 
ATOM   1156 C CB  . MET A 1 163 ? 1.679   13.055  -2.515  1.00 24.77 ? 163 MET A CB  1 
ATOM   1157 C CG  . MET A 1 163 ? 2.703   12.054  -3.047  1.00 25.26 ? 163 MET A CG  1 
ATOM   1158 S SD  . MET A 1 163 ? 4.029   11.818  -1.843  1.00 23.75 ? 163 MET A SD  1 
ATOM   1159 C CE  . MET A 1 163 ? 5.180   10.759  -2.745  1.00 21.80 ? 163 MET A CE  1 
ATOM   1160 N N   . TYR A 1 164 ? -1.504  13.541  -1.924  1.00 24.28 ? 164 TYR A N   1 
ATOM   1161 C CA  . TYR A 1 164 ? -2.353  14.234  -0.960  1.00 26.17 ? 164 TYR A CA  1 
ATOM   1162 C C   . TYR A 1 164 ? -1.862  13.983  0.464   1.00 28.42 ? 164 TYR A C   1 
ATOM   1163 O O   . TYR A 1 164 ? -1.584  12.845  0.832   1.00 26.14 ? 164 TYR A O   1 
ATOM   1164 C CB  . TYR A 1 164 ? -3.802  13.777  -1.076  1.00 27.04 ? 164 TYR A CB  1 
ATOM   1165 C CG  . TYR A 1 164 ? -4.603  14.070  0.172   1.00 31.69 ? 164 TYR A CG  1 
ATOM   1166 C CD1 . TYR A 1 164 ? -5.103  15.345  0.412   1.00 34.48 ? 164 TYR A CD1 1 
ATOM   1167 C CD2 . TYR A 1 164 ? -4.840  13.082  1.122   1.00 29.62 ? 164 TYR A CD2 1 
ATOM   1168 C CE1 . TYR A 1 164 ? -5.824  15.624  1.551   1.00 29.52 ? 164 TYR A CE1 1 
ATOM   1169 C CE2 . TYR A 1 164 ? -5.559  13.356  2.271   1.00 29.51 ? 164 TYR A CE2 1 
ATOM   1170 C CZ  . TYR A 1 164 ? -6.050  14.628  2.477   1.00 31.74 ? 164 TYR A CZ  1 
ATOM   1171 O OH  . TYR A 1 164 ? -6.770  14.903  3.611   1.00 30.90 ? 164 TYR A OH  1 
ATOM   1172 N N   . PHE A 1 165 ? -1.774  15.042  1.265   1.00 27.45 ? 165 PHE A N   1 
ATOM   1173 C CA  . PHE A 1 165 ? -1.482  14.919  2.698   1.00 28.13 ? 165 PHE A CA  1 
ATOM   1174 C C   . PHE A 1 165 ? -2.539  15.654  3.521   1.00 32.78 ? 165 PHE A C   1 
ATOM   1175 O O   . PHE A 1 165 ? -2.933  16.758  3.148   1.00 31.65 ? 165 PHE A O   1 
ATOM   1176 C CB  . PHE A 1 165 ? -0.124  15.518  3.061   1.00 29.12 ? 165 PHE A CB  1 
ATOM   1177 C CG  . PHE A 1 165 ? 1.020   15.038  2.229   1.00 29.45 ? 165 PHE A CG  1 
ATOM   1178 C CD1 . PHE A 1 165 ? 1.294   15.622  1.003   1.00 29.71 ? 165 PHE A CD1 1 
ATOM   1179 C CD2 . PHE A 1 165 ? 1.866   14.041  2.699   1.00 30.20 ? 165 PHE A CD2 1 
ATOM   1180 C CE1 . PHE A 1 165 ? 2.366   15.193  0.241   1.00 32.86 ? 165 PHE A CE1 1 
ATOM   1181 C CE2 . PHE A 1 165 ? 2.942   13.614  1.939   1.00 29.66 ? 165 PHE A CE2 1 
ATOM   1182 C CZ  . PHE A 1 165 ? 3.193   14.188  0.716   1.00 29.25 ? 165 PHE A CZ  1 
ATOM   1183 N N   . ARG A 1 166 ? -2.982  15.067  4.636   1.00 29.56 ? 166 ARG A N   1 
ATOM   1184 C CA  . ARG A 1 166 ? -3.666  15.856  5.664   1.00 29.46 ? 166 ARG A CA  1 
ATOM   1185 C C   . ARG A 1 166 ? -2.720  16.993  6.035   1.00 32.79 ? 166 ARG A C   1 
ATOM   1186 O O   . ARG A 1 166 ? -1.517  16.787  6.145   1.00 30.52 ? 166 ARG A O   1 
ATOM   1187 C CB  . ARG A 1 166 ? -4.026  15.010  6.891   1.00 29.46 ? 166 ARG A CB  1 
ATOM   1188 C CG  . ARG A 1 166 ? -5.080  13.941  6.629   1.00 30.88 ? 166 ARG A CG  1 
ATOM   1189 C CD  . ARG A 1 166 ? -5.414  13.164  7.898   1.00 32.65 ? 166 ARG A CD  1 
ATOM   1190 N NE  . ARG A 1 166 ? -6.061  14.019  8.889   1.00 43.92 ? 166 ARG A NE  1 
ATOM   1191 C CZ  . ARG A 1 166 ? -7.374  14.222  8.961   1.00 43.59 ? 166 ARG A CZ  1 
ATOM   1192 N NH1 . ARG A 1 166 ? -8.186  13.626  8.095   1.00 38.19 ? 166 ARG A NH1 1 
ATOM   1193 N NH2 . ARG A 1 166 ? -7.877  15.022  9.897   1.00 45.58 ? 166 ARG A NH2 1 
ATOM   1194 N N   . GLU A 1 167 ? -3.245  18.203  6.203   1.00 35.25 ? 167 GLU A N   1 
ATOM   1195 C CA  . GLU A 1 167 ? -2.372  19.366  6.351   1.00 32.92 ? 167 GLU A CA  1 
ATOM   1196 C C   . GLU A 1 167 ? -1.393  19.235  7.511   1.00 30.97 ? 167 GLU A C   1 
ATOM   1197 O O   . GLU A 1 167 ? -0.251  19.676  7.417   1.00 32.09 ? 167 GLU A O   1 
ATOM   1198 C CB  . GLU A 1 167 ? -3.199  20.643  6.514   1.00 40.45 ? 167 GLU A CB  1 
ATOM   1199 C CG  . GLU A 1 167 ? -2.840  21.709  5.505   1.00 47.26 ? 167 GLU A CG  1 
ATOM   1200 C CD  . GLU A 1 167 ? -3.773  22.897  5.563   1.00 58.53 ? 167 GLU A CD  1 
ATOM   1201 O OE1 . GLU A 1 167 ? -4.048  23.378  6.686   1.00 54.09 ? 167 GLU A OE1 1 
ATOM   1202 O OE2 . GLU A 1 167 ? -4.232  23.342  4.486   1.00 61.68 ? 167 GLU A OE2 1 
ATOM   1203 N N   . GLU A 1 168 ? -1.834  18.600  8.590   1.00 31.51 ? 168 GLU A N   1 
ATOM   1204 C CA  . GLU A 1 168 ? -0.988  18.459  9.766   1.00 32.73 ? 168 GLU A CA  1 
ATOM   1205 C C   . GLU A 1 168 ? 0.217   17.547  9.517   1.00 36.43 ? 168 GLU A C   1 
ATOM   1206 O O   . GLU A 1 168 ? 1.195   17.602  10.260  1.00 32.93 ? 168 GLU A O   1 
ATOM   1207 C CB  . GLU A 1 168 ? -1.803  17.943  10.954  1.00 31.73 ? 168 GLU A CB  1 
ATOM   1208 C CG  . GLU A 1 168 ? -2.412  16.557  10.776  1.00 37.24 ? 168 GLU A CG  1 
ATOM   1209 C CD  . GLU A 1 168 ? -3.817  16.594  10.199  1.00 40.41 ? 168 GLU A CD  1 
ATOM   1210 O OE1 . GLU A 1 168 ? -4.181  17.602  9.546   1.00 37.94 ? 168 GLU A OE1 1 
ATOM   1211 O OE2 . GLU A 1 168 ? -4.561  15.605  10.399  1.00 45.32 ? 168 GLU A OE2 1 
ATOM   1212 N N   . LEU A 1 169 ? 0.163   16.735  8.460   1.00 30.50 ? 169 LEU A N   1 
ATOM   1213 C CA  . LEU A 1 169 ? 1.214   15.736  8.236   1.00 31.99 ? 169 LEU A CA  1 
ATOM   1214 C C   . LEU A 1 169 ? 2.306   16.172  7.264   1.00 33.37 ? 169 LEU A C   1 
ATOM   1215 O O   . LEU A 1 169 ? 3.229   15.407  6.981   1.00 31.50 ? 169 LEU A O   1 
ATOM   1216 C CB  . LEU A 1 169 ? 0.597   14.431  7.732   1.00 30.93 ? 169 LEU A CB  1 
ATOM   1217 C CG  . LEU A 1 169 ? -0.401  13.774  8.680   1.00 30.80 ? 169 LEU A CG  1 
ATOM   1218 C CD1 . LEU A 1 169 ? -0.906  12.471  8.078   1.00 26.89 ? 169 LEU A CD1 1 
ATOM   1219 C CD2 . LEU A 1 169 ? 0.223   13.548  10.061  1.00 29.99 ? 169 LEU A CD2 1 
ATOM   1220 N N   . ILE A 1 170 ? 2.213   17.393  6.750   1.00 31.09 ? 170 ILE A N   1 
ATOM   1221 C CA  . ILE A 1 170 ? 3.161   17.843  5.739   1.00 30.90 ? 170 ILE A CA  1 
ATOM   1222 C C   . ILE A 1 170 ? 3.701   19.231  6.061   1.00 35.67 ? 170 ILE A C   1 
ATOM   1223 O O   . ILE A 1 170 ? 2.948   20.139  6.414   1.00 36.53 ? 170 ILE A O   1 
ATOM   1224 C CB  . ILE A 1 170 ? 2.510   17.837  4.322   1.00 36.32 ? 170 ILE A CB  1 
ATOM   1225 C CG1 . ILE A 1 170 ? 3.487   18.336  3.252   1.00 35.80 ? 170 ILE A CG1 1 
ATOM   1226 C CG2 . ILE A 1 170 ? 1.210   18.641  4.299   1.00 33.70 ? 170 ILE A CG2 1 
ATOM   1227 C CD1 . ILE A 1 170 ? 4.649   17.388  2.966   1.00 36.47 ? 170 ILE A CD1 1 
ATOM   1228 N N   . ASP A 1 171 ? 5.019   19.369  5.976   1.00 37.19 ? 171 ASP A N   1 
ATOM   1229 C CA  . ASP A 1 171 ? 5.670   20.669  6.056   1.00 41.71 ? 171 ASP A CA  1 
ATOM   1230 C C   . ASP A 1 171 ? 5.830   21.184  4.626   1.00 44.95 ? 171 ASP A C   1 
ATOM   1231 O O   . ASP A 1 171 ? 6.847   20.936  3.977   1.00 45.48 ? 171 ASP A O   1 
ATOM   1232 C CB  . ASP A 1 171 ? 7.019   20.553  6.772   1.00 45.27 ? 171 ASP A CB  1 
ATOM   1233 C CG  . ASP A 1 171 ? 7.668   21.903  7.038   1.00 48.89 ? 171 ASP A CG  1 
ATOM   1234 O OD1 . ASP A 1 171 ? 7.288   22.900  6.389   1.00 47.04 ? 171 ASP A OD1 1 
ATOM   1235 O OD2 . ASP A 1 171 ? 8.571   21.958  7.902   1.00 48.55 ? 171 ASP A OD2 1 
ATOM   1236 N N   . GLU A 1 172 ? 4.814   21.891  4.144   1.00 48.43 ? 172 GLU A N   1 
ATOM   1237 C CA  . GLU A 1 172 ? 4.743   22.287  2.739   1.00 50.71 ? 172 GLU A CA  1 
ATOM   1238 C C   . GLU A 1 172 ? 5.905   23.193  2.327   1.00 54.75 ? 172 GLU A C   1 
ATOM   1239 O O   . GLU A 1 172 ? 6.394   23.111  1.199   1.00 55.64 ? 172 GLU A O   1 
ATOM   1240 C CB  . GLU A 1 172 ? 3.409   22.978  2.455   1.00 54.51 ? 172 GLU A CB  1 
ATOM   1241 C CG  . GLU A 1 172 ? 3.202   23.343  0.994   1.00 62.12 ? 172 GLU A CG  1 
ATOM   1242 C CD  . GLU A 1 172 ? 1.873   24.027  0.746   1.00 66.36 ? 172 GLU A CD  1 
ATOM   1243 O OE1 . GLU A 1 172 ? 1.635   25.100  1.343   1.00 76.14 ? 172 GLU A OE1 1 
ATOM   1244 O OE2 . GLU A 1 172 ? 1.068   23.495  -0.050  1.00 64.43 ? 172 GLU A OE2 1 
ATOM   1245 N N   . GLU A 1 173 ? 6.357   24.046  3.240   1.00 56.64 ? 173 GLU A N   1 
ATOM   1246 C CA  . GLU A 1 173 ? 7.483   24.919  2.940   1.00 55.80 ? 173 GLU A CA  1 
ATOM   1247 C C   . GLU A 1 173 ? 8.774   24.124  2.797   1.00 54.62 ? 173 GLU A C   1 
ATOM   1248 O O   . GLU A 1 173 ? 9.614   24.441  1.954   1.00 54.64 ? 173 GLU A O   1 
ATOM   1249 C CB  . GLU A 1 173 ? 7.645   25.994  4.016   1.00 61.76 ? 173 GLU A CB  1 
ATOM   1250 C CG  . GLU A 1 173 ? 6.844   27.260  3.738   1.00 65.86 ? 173 GLU A CG  1 
ATOM   1251 C CD  . GLU A 1 173 ? 6.972   28.294  4.841   1.00 72.63 ? 173 GLU A CD  1 
ATOM   1252 O OE1 . GLU A 1 173 ? 8.060   28.386  5.450   1.00 73.94 ? 173 GLU A OE1 1 
ATOM   1253 O OE2 . GLU A 1 173 ? 5.986   29.017  5.096   1.00 79.08 ? 173 GLU A OE2 1 
ATOM   1254 N N   . LYS A 1 174 ? 8.929   23.087  3.614   1.00 51.67 ? 174 LYS A N   1 
ATOM   1255 C CA  . LYS A 1 174 ? 10.158  22.302  3.603   1.00 48.00 ? 174 LYS A CA  1 
ATOM   1256 C C   . LYS A 1 174 ? 10.073  21.124  2.629   1.00 43.80 ? 174 LYS A C   1 
ATOM   1257 O O   . LYS A 1 174 ? 11.088  20.513  2.300   1.00 41.63 ? 174 LYS A O   1 
ATOM   1258 C CB  . LYS A 1 174 ? 10.477  21.801  5.015   1.00 48.48 ? 174 LYS A CB  1 
ATOM   1259 C CG  . LYS A 1 174 ? 11.931  21.388  5.222   1.00 48.61 ? 174 LYS A CG  1 
ATOM   1260 C CD  . LYS A 1 174 ? 12.319  21.401  6.699   1.00 52.13 ? 174 LYS A CD  1 
ATOM   1261 C CE  . LYS A 1 174 ? 12.719  20.013  7.183   1.00 54.92 ? 174 LYS A CE  1 
ATOM   1262 N NZ  . LYS A 1 174 ? 13.211  20.024  8.591   1.00 58.75 ? 174 LYS A NZ  1 
ATOM   1263 N N   . LEU A 1 175 ? 8.860   20.834  2.164   1.00 45.78 ? 175 LEU A N   1 
ATOM   1264 C CA  . LEU A 1 175 ? 8.581   19.636  1.365   1.00 43.88 ? 175 LEU A CA  1 
ATOM   1265 C C   . LEU A 1 175 ? 9.027   18.383  2.104   1.00 39.04 ? 175 LEU A C   1 
ATOM   1266 O O   . LEU A 1 175 ? 9.723   17.533  1.550   1.00 39.36 ? 175 LEU A O   1 
ATOM   1267 C CB  . LEU A 1 175 ? 9.258   19.717  -0.004  1.00 43.28 ? 175 LEU A CB  1 
ATOM   1268 C CG  . LEU A 1 175 ? 8.611   20.728  -0.944  1.00 43.98 ? 175 LEU A CG  1 
ATOM   1269 C CD1 . LEU A 1 175 ? 9.306   20.735  -2.293  1.00 45.96 ? 175 LEU A CD1 1 
ATOM   1270 C CD2 . LEU A 1 175 ? 7.138   20.407  -1.096  1.00 45.17 ? 175 LEU A CD2 1 
ATOM   1271 N N   . ARG A 1 176 ? 8.638   18.290  3.371   1.00 37.39 ? 176 ARG A N   1 
ATOM   1272 C CA  . ARG A 1 176 ? 8.955   17.132  4.193   1.00 36.10 ? 176 ARG A CA  1 
ATOM   1273 C C   . ARG A 1 176 ? 7.708   16.621  4.876   1.00 34.96 ? 176 ARG A C   1 
ATOM   1274 O O   . ARG A 1 176 ? 6.913   17.401  5.396   1.00 35.57 ? 176 ARG A O   1 
ATOM   1275 C CB  . ARG A 1 176 ? 10.008  17.470  5.251   1.00 39.30 ? 176 ARG A CB  1 
ATOM   1276 C CG  . ARG A 1 176 ? 11.363  17.798  4.690   1.00 40.34 ? 176 ARG A CG  1 
ATOM   1277 C CD  . ARG A 1 176 ? 11.852  16.672  3.827   1.00 38.78 ? 176 ARG A CD  1 
ATOM   1278 N NE  . ARG A 1 176 ? 13.020  17.062  3.055   1.00 43.97 ? 176 ARG A NE  1 
ATOM   1279 C CZ  . ARG A 1 176 ? 14.264  17.003  3.512   1.00 44.80 ? 176 ARG A CZ  1 
ATOM   1280 N NH1 . ARG A 1 176 ? 14.500  16.574  4.750   1.00 44.82 ? 176 ARG A NH1 1 
ATOM   1281 N NH2 . ARG A 1 176 ? 15.269  17.381  2.732   1.00 45.57 ? 176 ARG A NH2 1 
ATOM   1282 N N   . VAL A 1 177 ? 7.533   15.304  4.888   1.00 29.87 ? 177 VAL A N   1 
ATOM   1283 C CA  . VAL A 1 177 ? 6.495   14.720  5.714   1.00 27.57 ? 177 VAL A CA  1 
ATOM   1284 C C   . VAL A 1 177 ? 6.879   14.967  7.169   1.00 26.49 ? 177 VAL A C   1 
ATOM   1285 O O   . VAL A 1 177 ? 8.057   14.873  7.533   1.00 28.92 ? 177 VAL A O   1 
ATOM   1286 C CB  . VAL A 1 177 ? 6.330   13.209  5.439   1.00 24.04 ? 177 VAL A CB  1 
ATOM   1287 C CG1 . VAL A 1 177 ? 5.372   12.567  6.428   1.00 25.82 ? 177 VAL A CG1 1 
ATOM   1288 C CG2 . VAL A 1 177 ? 5.850   13.003  4.016   1.00 22.49 ? 177 VAL A CG2 1 
ATOM   1289 N N   . ARG A 1 178 ? 5.903   15.316  7.995   1.00 28.89 ? 178 ARG A N   1 
ATOM   1290 C CA  . ARG A 1 178 ? 6.166   15.393  9.421   1.00 30.25 ? 178 ARG A CA  1 
ATOM   1291 C C   . ARG A 1 178 ? 6.163   13.968  9.962   1.00 25.60 ? 178 ARG A C   1 
ATOM   1292 O O   . ARG A 1 178 ? 5.114   13.416  10.306  1.00 28.07 ? 178 ARG A O   1 
ATOM   1293 C CB  . ARG A 1 178 ? 5.144   16.282  10.129  1.00 33.53 ? 178 ARG A CB  1 
ATOM   1294 C CG  . ARG A 1 178 ? 5.253   17.743  9.694   1.00 39.05 ? 178 ARG A CG  1 
ATOM   1295 C CD  . ARG A 1 178 ? 4.635   18.695  10.698  1.00 41.77 ? 178 ARG A CD  1 
ATOM   1296 N NE  . ARG A 1 178 ? 4.349   19.992  10.089  1.00 45.45 ? 178 ARG A NE  1 
ATOM   1297 C CZ  . ARG A 1 178 ? 5.235   20.977  9.975   1.00 46.58 ? 178 ARG A CZ  1 
ATOM   1298 N NH1 . ARG A 1 178 ? 6.469   20.820  10.433  1.00 46.95 ? 178 ARG A NH1 1 
ATOM   1299 N NH2 . ARG A 1 178 ? 4.887   22.123  9.402   1.00 48.65 ? 178 ARG A NH2 1 
ATOM   1300 N N   . VAL A 1 179 ? 7.357   13.385  10.030  1.00 29.12 ? 179 VAL A N   1 
ATOM   1301 C CA  . VAL A 1 179 ? 7.512   11.952  10.283  1.00 30.70 ? 179 VAL A CA  1 
ATOM   1302 C C   . VAL A 1 179 ? 7.021   11.579  11.677  1.00 29.14 ? 179 VAL A C   1 
ATOM   1303 O O   . VAL A 1 179 ? 6.445   10.506  11.879  1.00 26.82 ? 179 VAL A O   1 
ATOM   1304 C CB  . VAL A 1 179 ? 8.992   11.517  10.080  1.00 29.90 ? 179 VAL A CB  1 
ATOM   1305 C CG1 . VAL A 1 179 ? 9.237   10.100  10.579  1.00 29.48 ? 179 VAL A CG1 1 
ATOM   1306 C CG2 . VAL A 1 179 ? 9.367   11.621  8.606   1.00 30.96 ? 179 VAL A CG2 1 
ATOM   1307 N N   . ASP A 1 180 ? 7.211   12.484  12.633  1.00 31.56 ? 180 ASP A N   1 
ATOM   1308 C CA  . ASP A 1 180 ? 6.769   12.245  14.001  1.00 28.69 ? 180 ASP A CA  1 
ATOM   1309 C C   . ASP A 1 180 ? 5.252   12.082  14.108  1.00 27.71 ? 180 ASP A C   1 
ATOM   1310 O O   . ASP A 1 180 ? 4.769   11.307  14.932  1.00 29.50 ? 180 ASP A O   1 
ATOM   1311 C CB  . ASP A 1 180 ? 7.222   13.391  14.920  1.00 31.03 ? 180 ASP A CB  1 
ATOM   1312 C CG  . ASP A 1 180 ? 8.728   13.431  15.115  1.00 43.76 ? 180 ASP A CG  1 
ATOM   1313 O OD1 . ASP A 1 180 ? 9.462   12.824  14.303  1.00 45.54 ? 180 ASP A OD1 1 
ATOM   1314 O OD2 . ASP A 1 180 ? 9.185   14.077  16.082  1.00 54.68 ? 180 ASP A OD2 1 
ATOM   1315 N N   . LEU A 1 181 ? 4.498   12.808  13.283  1.00 24.76 ? 181 LEU A N   1 
ATOM   1316 C CA  . LEU A 1 181 ? 3.039   12.802  13.399  1.00 25.45 ? 181 LEU A CA  1 
ATOM   1317 C C   . LEU A 1 181 ? 2.339   11.728  12.570  1.00 25.12 ? 181 LEU A C   1 
ATOM   1318 O O   . LEU A 1 181 ? 1.256   11.268  12.932  1.00 27.74 ? 181 LEU A O   1 
ATOM   1319 C CB  . LEU A 1 181 ? 2.474   14.167  13.008  1.00 28.21 ? 181 LEU A CB  1 
ATOM   1320 C CG  . LEU A 1 181 ? 2.882   15.369  13.856  1.00 31.37 ? 181 LEU A CG  1 
ATOM   1321 C CD1 . LEU A 1 181 ? 2.291   16.637  13.256  1.00 31.46 ? 181 LEU A CD1 1 
ATOM   1322 C CD2 . LEU A 1 181 ? 2.417   15.183  15.286  1.00 31.38 ? 181 LEU A CD2 1 
ATOM   1323 N N   . PHE A 1 182 ? 2.952   11.359  11.447  1.00 23.87 ? 182 PHE A N   1 
ATOM   1324 C CA  . PHE A 1 182 ? 2.418   10.321  10.575  1.00 22.17 ? 182 PHE A CA  1 
ATOM   1325 C C   . PHE A 1 182 ? 2.671   8.958   11.213  1.00 21.76 ? 182 PHE A C   1 
ATOM   1326 O O   . PHE A 1 182 ? 3.817   8.579   11.431  1.00 20.62 ? 182 PHE A O   1 
ATOM   1327 C CB  . PHE A 1 182 ? 3.065   10.418  9.184   1.00 22.49 ? 182 PHE A CB  1 
ATOM   1328 C CG  . PHE A 1 182 ? 2.651   9.329   8.232   1.00 22.75 ? 182 PHE A CG  1 
ATOM   1329 C CD1 . PHE A 1 182 ? 1.321   8.974   8.093   1.00 20.56 ? 182 PHE A CD1 1 
ATOM   1330 C CD2 . PHE A 1 182 ? 3.601   8.674   7.466   1.00 21.24 ? 182 PHE A CD2 1 
ATOM   1331 C CE1 . PHE A 1 182 ? 0.943   7.983   7.204   1.00 22.42 ? 182 PHE A CE1 1 
ATOM   1332 C CE2 . PHE A 1 182 ? 3.230   7.674   6.580   1.00 19.05 ? 182 PHE A CE2 1 
ATOM   1333 C CZ  . PHE A 1 182 ? 1.908   7.334   6.453   1.00 19.40 ? 182 PHE A CZ  1 
ATOM   1334 N N   . GLN A 1 183 ? 1.602   8.241   11.539  1.00 21.27 ? 183 GLN A N   1 
ATOM   1335 C CA  . GLN A 1 183 ? 1.737   6.990   12.281  1.00 19.20 ? 183 GLN A CA  1 
ATOM   1336 C C   . GLN A 1 183 ? 1.025   5.853   11.579  1.00 19.08 ? 183 GLN A C   1 
ATOM   1337 O O   . GLN A 1 183 ? -0.011  5.365   12.031  1.00 20.26 ? 183 GLN A O   1 
ATOM   1338 C CB  . GLN A 1 183 ? 1.214   7.155   13.714  1.00 24.05 ? 183 GLN A CB  1 
ATOM   1339 C CG  . GLN A 1 183 ? 2.027   8.151   14.520  1.00 24.79 ? 183 GLN A CG  1 
ATOM   1340 C CD  . GLN A 1 183 ? 1.656   8.120   15.997  1.00 31.85 ? 183 GLN A CD  1 
ATOM   1341 O OE1 . GLN A 1 183 ? 0.537   7.762   16.352  1.00 34.51 ? 183 GLN A OE1 1 
ATOM   1342 N NE2 . GLN A 1 183 ? 2.600   8.478   16.859  1.00 36.36 ? 183 GLN A NE2 1 
ATOM   1343 N N   . PRO A 1 184 ? 1.612   5.393   10.472  1.00 19.09 ? 184 PRO A N   1 
ATOM   1344 C CA  . PRO A 1 184 ? 0.975   4.292   9.746   1.00 18.24 ? 184 PRO A CA  1 
ATOM   1345 C C   . PRO A 1 184 ? 1.024   2.965   10.508  1.00 18.51 ? 184 PRO A C   1 
ATOM   1346 O O   . PRO A 1 184 ? 1.875   2.767   11.379  1.00 19.64 ? 184 PRO A O   1 
ATOM   1347 C CB  . PRO A 1 184 ? 1.794   4.207   8.454   1.00 17.19 ? 184 PRO A CB  1 
ATOM   1348 C CG  . PRO A 1 184 ? 3.154   4.721   8.843   1.00 18.51 ? 184 PRO A CG  1 
ATOM   1349 C CD  . PRO A 1 184 ? 2.875   5.823   9.851   1.00 18.85 ? 184 PRO A CD  1 
ATOM   1350 N N   . TYR A 1 185 ? 0.093   2.078   10.170  1.00 18.84 ? 185 TYR A N   1 
ATOM   1351 C CA  . TYR A 1 185 ? 0.087   0.688   10.635  1.00 17.66 ? 185 TYR A CA  1 
ATOM   1352 C C   . TYR A 1 185 ? 0.942   -0.173  9.716   1.00 16.82 ? 185 TYR A C   1 
ATOM   1353 O O   . TYR A 1 185 ? 0.794   -0.089  8.502   1.00 19.48 ? 185 TYR A O   1 
ATOM   1354 C CB  . TYR A 1 185 ? -1.328  0.107   10.622  1.00 18.50 ? 185 TYR A CB  1 
ATOM   1355 C CG  . TYR A 1 185 ? -2.176  0.461   11.813  1.00 18.24 ? 185 TYR A CG  1 
ATOM   1356 C CD1 . TYR A 1 185 ? -2.078  1.710   12.412  1.00 21.66 ? 185 TYR A CD1 1 
ATOM   1357 C CD2 . TYR A 1 185 ? -3.086  -0.455  12.323  1.00 23.15 ? 185 TYR A CD2 1 
ATOM   1358 C CE1 . TYR A 1 185 ? -2.867  2.035   13.510  1.00 23.58 ? 185 TYR A CE1 1 
ATOM   1359 C CE2 . TYR A 1 185 ? -3.867  -0.142  13.417  1.00 24.01 ? 185 TYR A CE2 1 
ATOM   1360 C CZ  . TYR A 1 185 ? -3.752  1.098   14.002  1.00 27.70 ? 185 TYR A CZ  1 
ATOM   1361 O OH  . TYR A 1 185 ? -4.540  1.405   15.088  1.00 30.69 ? 185 TYR A OH  1 
ATOM   1362 N N   . GLY A 1 186 ? 1.785   -1.027  10.280  1.00 18.47 ? 186 GLY A N   1 
ATOM   1363 C CA  . GLY A 1 186 ? 2.491   -2.011  9.474   1.00 17.28 ? 186 GLY A CA  1 
ATOM   1364 C C   . GLY A 1 186 ? 1.869   -3.385  9.627   1.00 19.37 ? 186 GLY A C   1 
ATOM   1365 O O   . GLY A 1 186 ? 1.325   -3.702  10.676  1.00 19.74 ? 186 GLY A O   1 
ATOM   1366 N N   . ARG A 1 187 ? 1.934   -4.204  8.581   1.00 15.75 ? 187 ARG A N   1 
ATOM   1367 C CA  . ARG A 1 187 ? 1.409   -5.567  8.667   1.00 16.72 ? 187 ARG A CA  1 
ATOM   1368 C C   . ARG A 1 187 ? 2.485   -6.533  9.127   1.00 16.92 ? 187 ARG A C   1 
ATOM   1369 O O   . ARG A 1 187 ? 3.612   -6.501  8.626   1.00 16.95 ? 187 ARG A O   1 
ATOM   1370 C CB  . ARG A 1 187 ? 0.871   -6.020  7.309   1.00 17.42 ? 187 ARG A CB  1 
ATOM   1371 C CG  . ARG A 1 187 ? 0.330   -7.436  7.272   1.00 18.84 ? 187 ARG A CG  1 
ATOM   1372 C CD  . ARG A 1 187 ? -0.937  -7.558  8.084   1.00 17.15 ? 187 ARG A CD  1 
ATOM   1373 N NE  . ARG A 1 187 ? -1.422  -8.934  8.080   1.00 19.45 ? 187 ARG A NE  1 
ATOM   1374 C CZ  . ARG A 1 187 ? -2.105  -9.484  7.081   1.00 24.67 ? 187 ARG A CZ  1 
ATOM   1375 N NH1 . ARG A 1 187 ? -2.387  -8.784  5.978   1.00 22.69 1 187 ARG A NH1 1 
ATOM   1376 N NH2 . ARG A 1 187 ? -2.514  -10.738 7.183   1.00 24.64 ? 187 ARG A NH2 1 
ATOM   1377 N N   . LEU A 1 188 ? 2.113   -7.415  10.053  1.00 16.38 ? 188 LEU A N   1 
ATOM   1378 C CA  . LEU A 1 188 ? 2.975   -8.509  10.490  1.00 14.79 ? 188 LEU A CA  1 
ATOM   1379 C C   . LEU A 1 188 ? 2.345   -9.841  10.072  1.00 18.48 ? 188 LEU A C   1 
ATOM   1380 O O   . LEU A 1 188 ? 1.304   -9.867  9.408   1.00 19.16 ? 188 LEU A O   1 
ATOM   1381 C CB  . LEU A 1 188 ? 3.177   -8.471  12.012  1.00 19.78 ? 188 LEU A CB  1 
ATOM   1382 C CG  . LEU A 1 188 ? 3.905   -7.244  12.559  1.00 21.87 ? 188 LEU A CG  1 
ATOM   1383 C CD1 . LEU A 1 188 ? 3.793   -7.224  14.078  1.00 21.99 ? 188 LEU A CD1 1 
ATOM   1384 C CD2 . LEU A 1 188 ? 5.364   -7.285  12.123  1.00 20.05 ? 188 LEU A CD2 1 
ATOM   1385 N N   . GLY A 1 189 ? 2.970   -10.940 10.461  1.00 19.83 ? 189 GLY A N   1 
ATOM   1386 C CA  . GLY A 1 189 ? 2.406   -12.248 10.163  1.00 20.25 ? 189 GLY A CA  1 
ATOM   1387 C C   . GLY A 1 189 ? 1.062   -12.451 10.838  1.00 21.26 ? 189 GLY A C   1 
ATOM   1388 O O   . GLY A 1 189 ? 0.813   -11.914 11.914  1.00 22.01 ? 189 GLY A O   1 
ATOM   1389 N N   . GLY A 1 190 ? 0.190   -13.225 10.200  1.00 22.32 ? 190 GLY A N   1 
ATOM   1390 C CA  . GLY A 1 190 ? -1.151  -13.399 10.718  1.00 23.30 ? 190 GLY A CA  1 
ATOM   1391 C C   . GLY A 1 190 ? -1.942  -12.108 10.643  1.00 23.60 ? 190 GLY A C   1 
ATOM   1392 O O   . GLY A 1 190 ? -1.573  -11.175 9.920   1.00 21.14 ? 190 GLY A O   1 
ATOM   1393 N N   . PRO A 1 191 ? -3.051  -12.042 11.384  1.00 23.96 ? 191 PRO A N   1 
ATOM   1394 C CA  . PRO A 1 191 ? -3.908  -10.857 11.378  1.00 20.69 ? 191 PRO A CA  1 
ATOM   1395 C C   . PRO A 1 191 ? -3.406  -9.792  12.346  1.00 23.07 ? 191 PRO A C   1 
ATOM   1396 O O   . PRO A 1 191 ? -4.181  -9.213  13.094  1.00 24.20 ? 191 PRO A O   1 
ATOM   1397 C CB  . PRO A 1 191 ? -5.262  -11.417 11.835  1.00 26.92 ? 191 PRO A CB  1 
ATOM   1398 C CG  . PRO A 1 191 ? -4.879  -12.480 12.787  1.00 25.88 ? 191 PRO A CG  1 
ATOM   1399 C CD  . PRO A 1 191 ? -3.624  -13.127 12.205  1.00 25.36 ? 191 PRO A CD  1 
ATOM   1400 N N   . ASN A 1 192 ? -2.102  -9.529  12.317  1.00 21.87 ? 192 ASN A N   1 
ATOM   1401 C CA  . ASN A 1 192 ? -1.490  -8.656  13.305  1.00 22.68 ? 192 ASN A CA  1 
ATOM   1402 C C   . ASN A 1 192 ? -0.903  -7.410  12.672  1.00 20.21 ? 192 ASN A C   1 
ATOM   1403 O O   . ASN A 1 192 ? -0.384  -7.473  11.554  1.00 20.09 ? 192 ASN A O   1 
ATOM   1404 C CB  . ASN A 1 192 ? -0.425  -9.437  14.065  1.00 20.06 ? 192 ASN A CB  1 
ATOM   1405 C CG  . ASN A 1 192 ? -1.020  -10.614 14.811  1.00 24.56 ? 192 ASN A CG  1 
ATOM   1406 O OD1 . ASN A 1 192 ? -1.720  -10.429 15.803  1.00 25.79 ? 192 ASN A OD1 1 
ATOM   1407 N ND2 . ASN A 1 192 ? -0.791  -11.817 14.312  1.00 24.49 ? 192 ASN A ND2 1 
ATOM   1408 N N   . TYR A 1 193 ? -1.007  -6.292  13.384  1.00 17.52 ? 193 TYR A N   1 
ATOM   1409 C CA  . TYR A 1 193 ? -0.551  -4.996  12.902  1.00 19.87 ? 193 TYR A CA  1 
ATOM   1410 C C   . TYR A 1 193 ? 0.332   -4.340  13.944  1.00 19.38 ? 193 TYR A C   1 
ATOM   1411 O O   . TYR A 1 193 ? 0.054   -4.421  15.132  1.00 19.56 ? 193 TYR A O   1 
ATOM   1412 C CB  . TYR A 1 193 ? -1.758  -4.102  12.566  1.00 18.21 ? 193 TYR A CB  1 
ATOM   1413 C CG  . TYR A 1 193 ? -2.552  -4.724  11.465  1.00 18.19 ? 193 TYR A CG  1 
ATOM   1414 C CD1 . TYR A 1 193 ? -3.489  -5.729  11.726  1.00 17.49 ? 193 TYR A CD1 1 
ATOM   1415 C CD2 . TYR A 1 193 ? -2.326  -4.364  10.144  1.00 19.07 ? 193 TYR A CD2 1 
ATOM   1416 C CE1 . TYR A 1 193 ? -4.179  -6.340  10.701  1.00 19.37 ? 193 TYR A CE1 1 
ATOM   1417 C CE2 . TYR A 1 193 ? -3.023  -4.960  9.124   1.00 18.30 ? 193 TYR A CE2 1 
ATOM   1418 C CZ  . TYR A 1 193 ? -3.937  -5.946  9.400   1.00 21.59 ? 193 TYR A CZ  1 
ATOM   1419 O OH  . TYR A 1 193 ? -4.596  -6.537  8.351   1.00 22.47 ? 193 TYR A OH  1 
ATOM   1420 N N   . CYS A 1 194 ? 1.404   -3.697  13.494  1.00 16.86 ? 194 CYS A N   1 
ATOM   1421 C CA  . CYS A 1 194 ? 2.277   -2.946  14.372  1.00 19.60 ? 194 CYS A CA  1 
ATOM   1422 C C   . CYS A 1 194 ? 1.977   -1.462  14.249  1.00 18.71 ? 194 CYS A C   1 
ATOM   1423 O O   . CYS A 1 194 ? 2.031   -0.893  13.163  1.00 17.18 ? 194 CYS A O   1 
ATOM   1424 C CB  . CYS A 1 194 ? 3.745   -3.232  14.033  1.00 22.21 ? 194 CYS A CB  1 
ATOM   1425 N N   . ARG A 1 195 ? 1.629   -0.826  15.362  1.00 18.57 ? 195 ARG A N   1 
ATOM   1426 C CA  . ARG A 1 195 ? 1.459   0.615   15.351  1.00 17.06 ? 195 ARG A CA  1 
ATOM   1427 C C   . ARG A 1 195 ? 2.839   1.256   15.426  1.00 19.12 ? 195 ARG A C   1 
ATOM   1428 O O   . ARG A 1 195 ? 3.730   0.720   16.082  1.00 22.09 ? 195 ARG A O   1 
ATOM   1429 C CB  . ARG A 1 195 ? 0.602   1.064   16.534  1.00 19.01 ? 195 ARG A CB  1 
ATOM   1430 C CG  . ARG A 1 195 ? -0.783  0.442   16.623  1.00 23.89 ? 195 ARG A CG  1 
ATOM   1431 C CD  . ARG A 1 195 ? -1.303  0.765   18.013  1.00 26.32 ? 195 ARG A CD  1 
ATOM   1432 N NE  . ARG A 1 195 ? -2.697  0.432   18.213  1.00 38.93 ? 195 ARG A NE  1 
ATOM   1433 C CZ  . ARG A 1 195 ? -3.275  0.397   19.406  1.00 42.43 ? 195 ARG A CZ  1 
ATOM   1434 N NH1 . ARG A 1 195 ? -2.566  0.650   20.504  1.00 41.20 1 195 ARG A NH1 1 
ATOM   1435 N NH2 . ARG A 1 195 ? -4.560  0.084   19.504  1.00 47.26 ? 195 ARG A NH2 1 
ATOM   1436 N N   . THR A 1 196 ? 3.028   2.389   14.761  1.00 18.72 ? 196 THR A N   1 
ATOM   1437 C CA  . THR A 1 196 ? 4.348   3.008   14.731  1.00 17.35 ? 196 THR A CA  1 
ATOM   1438 C C   . THR A 1 196 ? 4.493   4.053   15.841  1.00 21.09 ? 196 THR A C   1 
ATOM   1439 O O   . THR A 1 196 ? 4.830   5.204   15.602  1.00 23.34 ? 196 THR A O   1 
ATOM   1440 C CB  . THR A 1 196 ? 4.636   3.616   13.345  1.00 21.56 ? 196 THR A CB  1 
ATOM   1441 O OG1 . THR A 1 196 ? 3.516   4.395   12.915  1.00 20.95 ? 196 THR A OG1 1 
ATOM   1442 C CG2 . THR A 1 196 ? 4.858   2.494   12.327  1.00 19.00 ? 196 THR A CG2 1 
ATOM   1443 N N   . THR A 1 197 ? 4.264   3.601   17.066  1.00 20.56 ? 197 THR A N   1 
ATOM   1444 C CA  . THR A 1 197 ? 4.267   4.473   18.240  1.00 22.90 ? 197 THR A CA  1 
ATOM   1445 C C   . THR A 1 197 ? 5.516   4.334   19.112  1.00 25.41 ? 197 THR A C   1 
ATOM   1446 O O   . THR A 1 197 ? 5.687   5.077   20.080  1.00 26.04 ? 197 THR A O   1 
ATOM   1447 C CB  . THR A 1 197 ? 3.049   4.167   19.109  1.00 22.55 ? 197 THR A CB  1 
ATOM   1448 O OG1 . THR A 1 197 ? 3.086   2.781   19.469  1.00 26.62 ? 197 THR A OG1 1 
ATOM   1449 C CG2 . THR A 1 197 ? 1.773   4.444   18.335  1.00 22.16 ? 197 THR A CG2 1 
ATOM   1450 N N   . ASP A 1 198 ? 6.374   3.372   18.791  1.00 21.56 ? 198 ASP A N   1 
ATOM   1451 C CA  . ASP A 1 198 ? 7.563   3.113   19.603  1.00 22.95 ? 198 ASP A CA  1 
ATOM   1452 C C   . ASP A 1 198 ? 8.797   3.210   18.711  1.00 23.06 ? 198 ASP A C   1 
ATOM   1453 O O   . ASP A 1 198 ? 9.191   2.229   18.070  1.00 21.90 ? 198 ASP A O   1 
ATOM   1454 C CB  . ASP A 1 198 ? 7.462   1.741   20.274  1.00 23.75 ? 198 ASP A CB  1 
ATOM   1455 C CG  . ASP A 1 198 ? 8.689   1.392   21.103  1.00 26.80 ? 198 ASP A CG  1 
ATOM   1456 O OD1 . ASP A 1 198 ? 9.481   2.304   21.421  1.00 29.17 ? 198 ASP A OD1 1 
ATOM   1457 O OD2 . ASP A 1 198 ? 8.852   0.200   21.446  1.00 26.75 ? 198 ASP A OD2 1 
ATOM   1458 N N   . ARG A 1 199 ? 9.374   4.401   18.637  1.00 23.23 ? 199 ARG A N   1 
ATOM   1459 C CA  . ARG A 1 199 ? 10.400  4.657   17.628  1.00 21.43 ? 199 ARG A CA  1 
ATOM   1460 C C   . ARG A 1 199 ? 11.758  4.932   18.221  1.00 26.38 ? 199 ARG A C   1 
ATOM   1461 O O   . ARG A 1 199 ? 11.883  5.307   19.393  1.00 25.65 ? 199 ARG A O   1 
ATOM   1462 C CB  . ARG A 1 199 ? 10.007  5.842   16.756  1.00 23.08 ? 199 ARG A CB  1 
ATOM   1463 C CG  . ARG A 1 199 ? 8.640   5.714   16.183  1.00 23.78 ? 199 ARG A CG  1 
ATOM   1464 C CD  . ARG A 1 199 ? 8.310   6.903   15.344  1.00 26.64 ? 199 ARG A CD  1 
ATOM   1465 N NE  . ARG A 1 199 ? 6.986   6.742   14.758  1.00 24.12 ? 199 ARG A NE  1 
ATOM   1466 C CZ  . ARG A 1 199 ? 6.471   7.569   13.856  1.00 25.28 ? 199 ARG A CZ  1 
ATOM   1467 N NH1 . ARG A 1 199 ? 7.179   8.609   13.428  1.00 24.86 ? 199 ARG A NH1 1 
ATOM   1468 N NH2 . ARG A 1 199 ? 5.254   7.341   13.369  1.00 24.95 ? 199 ARG A NH2 1 
ATOM   1469 N N   . VAL A 1 200 ? 12.777  4.726   17.397  1.00 21.96 ? 200 VAL A N   1 
ATOM   1470 C CA  . VAL A 1 200 ? 14.125  5.156   17.738  1.00 20.22 ? 200 VAL A CA  1 
ATOM   1471 C C   . VAL A 1 200 ? 14.775  5.784   16.525  1.00 23.78 ? 200 VAL A C   1 
ATOM   1472 O O   . VAL A 1 200 ? 14.519  5.423   15.372  1.00 23.64 ? 200 VAL A O   1 
ATOM   1473 C CB  . VAL A 1 200 ? 15.024  4.015   18.238  1.00 22.49 ? 200 VAL A CB  1 
ATOM   1474 C CG1 . VAL A 1 200 ? 14.500  3.455   19.537  1.00 29.82 ? 200 VAL A CG1 1 
ATOM   1475 C CG2 . VAL A 1 200 ? 15.178  2.917   17.187  1.00 24.41 ? 200 VAL A CG2 1 
ATOM   1476 N N   . ARG A 1 201 ? 15.623  6.750   16.814  1.00 22.58 ? 201 ARG A N   1 
ATOM   1477 C CA  . ARG A 1 201 ? 16.418  7.415   15.814  1.00 27.52 ? 201 ARG A CA  1 
ATOM   1478 C C   . ARG A 1 201 ? 17.781  6.751   15.801  1.00 28.37 ? 201 ARG A C   1 
ATOM   1479 O O   . ARG A 1 201 ? 18.437  6.656   16.841  1.00 27.73 ? 201 ARG A O   1 
ATOM   1480 C CB  . ARG A 1 201 ? 16.536  8.896   16.141  1.00 31.43 ? 201 ARG A CB  1 
ATOM   1481 C CG  . ARG A 1 201 ? 17.249  9.729   15.116  1.00 32.79 ? 201 ARG A CG  1 
ATOM   1482 C CD  . ARG A 1 201 ? 17.093  11.190  15.504  1.00 34.64 ? 201 ARG A CD  1 
ATOM   1483 N NE  . ARG A 1 201 ? 16.909  12.042  14.336  1.00 43.87 ? 201 ARG A NE  1 
ATOM   1484 C CZ  . ARG A 1 201 ? 17.899  12.657  13.705  1.00 44.21 ? 201 ARG A CZ  1 
ATOM   1485 N NH1 . ARG A 1 201 ? 19.136  12.537  14.156  1.00 49.86 ? 201 ARG A NH1 1 
ATOM   1486 N NH2 . ARG A 1 201 ? 17.645  13.412  12.645  1.00 51.03 ? 201 ARG A NH2 1 
ATOM   1487 N N   . LEU A 1 202 ? 18.187  6.257   14.642  1.00 24.72 ? 202 LEU A N   1 
ATOM   1488 C CA  . LEU A 1 202 ? 19.500  5.657   14.485  1.00 25.73 ? 202 LEU A CA  1 
ATOM   1489 C C   . LEU A 1 202 ? 20.131  6.273   13.249  1.00 31.68 ? 202 LEU A C   1 
ATOM   1490 O O   . LEU A 1 202 ? 19.681  6.034   12.134  1.00 27.10 ? 202 LEU A O   1 
ATOM   1491 C CB  . LEU A 1 202 ? 19.413  4.133   14.380  1.00 26.41 ? 202 LEU A CB  1 
ATOM   1492 C CG  . LEU A 1 202 ? 18.799  3.359   15.556  1.00 25.52 ? 202 LEU A CG  1 
ATOM   1493 C CD1 . LEU A 1 202 ? 18.647  1.886   15.213  1.00 29.09 ? 202 LEU A CD1 1 
ATOM   1494 C CD2 . LEU A 1 202 ? 19.655  3.507   16.804  1.00 26.70 ? 202 LEU A CD2 1 
ATOM   1495 N N   . THR A 1 203 ? 21.156  7.101   13.438  1.00 28.85 ? 203 THR A N   1 
ATOM   1496 C CA  . THR A 1 203 ? 21.719  7.815   12.302  1.00 28.23 ? 203 THR A CA  1 
ATOM   1497 C C   . THR A 1 203 ? 22.917  7.074   11.726  1.00 27.29 ? 203 THR A C   1 
ATOM   1498 O O   . THR A 1 203 ? 23.640  6.361   12.428  1.00 29.32 ? 203 THR A O   1 
ATOM   1499 C CB  . THR A 1 203 ? 22.138  9.250   12.672  1.00 39.34 ? 203 THR A CB  1 
ATOM   1500 O OG1 . THR A 1 203 ? 23.179  9.202   13.648  1.00 38.91 ? 203 THR A OG1 1 
ATOM   1501 C CG2 . THR A 1 203 ? 20.959  10.017  13.236  1.00 39.42 ? 203 THR A CG2 1 
ATOM   1502 N N   . VAL A 1 204 ? 23.099  7.226   10.421  1.00 29.00 ? 204 VAL A N   1 
ATOM   1503 C CA  . VAL A 1 204 ? 24.244  6.650   9.749   1.00 29.98 ? 204 VAL A CA  1 
ATOM   1504 C C   . VAL A 1 204 ? 25.416  7.577   10.006  1.00 27.57 ? 204 VAL A C   1 
ATOM   1505 O O   . VAL A 1 204 ? 25.384  8.734   9.606   1.00 30.95 ? 204 VAL A O   1 
ATOM   1506 C CB  . VAL A 1 204 ? 23.996  6.491   8.236   1.00 29.40 ? 204 VAL A CB  1 
ATOM   1507 C CG1 . VAL A 1 204 ? 25.268  6.067   7.536   1.00 32.63 ? 204 VAL A CG1 1 
ATOM   1508 C CG2 . VAL A 1 204 ? 22.886  5.477   7.991   1.00 30.49 ? 204 VAL A CG2 1 
ATOM   1509 N N   . PRO A 1 205 ? 26.438  7.090   10.717  1.00 28.11 ? 205 PRO A N   1 
ATOM   1510 C CA  . PRO A 1 205 ? 27.539  8.008   11.015  1.00 30.99 ? 205 PRO A CA  1 
ATOM   1511 C C   . PRO A 1 205 ? 28.388  8.327   9.788   1.00 30.95 ? 205 PRO A C   1 
ATOM   1512 O O   . PRO A 1 205 ? 28.459  7.519   8.856   1.00 31.59 ? 205 PRO A O   1 
ATOM   1513 C CB  . PRO A 1 205 ? 28.356  7.242   12.054  1.00 27.31 ? 205 PRO A CB  1 
ATOM   1514 C CG  . PRO A 1 205 ? 28.098  5.810   11.740  1.00 31.01 ? 205 PRO A CG  1 
ATOM   1515 C CD  . PRO A 1 205 ? 26.664  5.747   11.273  1.00 27.21 ? 205 PRO A CD  1 
ATOM   1516 N N   . THR A 1 206 ? 29.019  9.498   9.817   1.00 29.48 ? 206 THR A N   1 
ATOM   1517 C CA  . THR A 1 206 ? 30.023  9.931   8.849   1.00 31.79 ? 206 THR A CA  1 
ATOM   1518 C C   . THR A 1 206 ? 31.386  9.367   9.245   1.00 33.07 ? 206 THR A C   1 
ATOM   1519 O O   . THR A 1 206 ? 32.232  9.059   8.403   1.00 32.11 ? 206 THR A O   1 
ATOM   1520 C CB  . THR A 1 206 ? 30.113  11.467  8.799   1.00 30.57 ? 206 THR A CB  1 
ATOM   1521 O OG1 . THR A 1 206 ? 28.793  12.028  8.799   1.00 42.86 ? 206 THR A OG1 1 
ATOM   1522 C CG2 . THR A 1 206 ? 30.872  11.930  7.577   1.00 35.95 ? 206 THR A CG2 1 
ATOM   1523 N N   . PHE A 1 207 ? 31.578  9.262   10.556  1.00 30.57 ? 207 PHE A N   1 
ATOM   1524 C CA  . PHE A 1 207 ? 32.754  8.651   11.159  1.00 33.58 ? 207 PHE A CA  1 
ATOM   1525 C C   . PHE A 1 207 ? 32.622  7.139   11.069  1.00 29.33 ? 207 PHE A C   1 
ATOM   1526 O O   . PHE A 1 207 ? 31.856  6.526   11.814  1.00 29.08 ? 207 PHE A O   1 
ATOM   1527 C CB  . PHE A 1 207 ? 32.889  9.128   12.615  1.00 29.03 ? 207 PHE A CB  1 
ATOM   1528 C CG  . PHE A 1 207 ? 34.119  8.632   13.333  1.00 29.81 ? 207 PHE A CG  1 
ATOM   1529 C CD1 . PHE A 1 207 ? 35.385  8.882   12.835  1.00 33.03 ? 207 PHE A CD1 1 
ATOM   1530 C CD2 . PHE A 1 207 ? 34.002  7.982   14.554  1.00 26.31 ? 207 PHE A CD2 1 
ATOM   1531 C CE1 . PHE A 1 207 ? 36.519  8.449   13.521  1.00 30.49 ? 207 PHE A CE1 1 
ATOM   1532 C CE2 . PHE A 1 207 ? 35.128  7.546   15.250  1.00 25.47 ? 207 PHE A CE2 1 
ATOM   1533 C CZ  . PHE A 1 207 ? 36.386  7.777   14.733  1.00 25.77 ? 207 PHE A CZ  1 
ATOM   1534 N N   . LEU A 1 208 ? 33.371  6.547   10.145  1.00 31.93 ? 208 LEU A N   1 
ATOM   1535 C CA  . LEU A 1 208 ? 33.233  5.135   9.805   1.00 33.55 ? 208 LEU A CA  1 
ATOM   1536 C C   . LEU A 1 208 ? 33.854  4.197   10.820  1.00 29.50 ? 208 LEU A C   1 
ATOM   1537 O O   . LEU A 1 208 ? 34.989  4.405   11.253  1.00 28.62 ? 208 LEU A O   1 
ATOM   1538 C CB  . LEU A 1 208 ? 33.872  4.843   8.441   1.00 32.84 ? 208 LEU A CB  1 
ATOM   1539 C CG  . LEU A 1 208 ? 33.367  5.566   7.194   1.00 37.54 ? 208 LEU A CG  1 
ATOM   1540 C CD1 . LEU A 1 208 ? 34.264  5.235   6.011   1.00 37.54 ? 208 LEU A CD1 1 
ATOM   1541 C CD2 . LEU A 1 208 ? 31.935  5.165   6.897   1.00 39.19 ? 208 LEU A CD2 1 
ATOM   1542 N N   . PRO A 1 209 ? 33.128  3.135   11.173  1.00 25.98 ? 209 PRO A N   1 
ATOM   1543 C CA  . PRO A 1 209 ? 33.704  2.064   11.981  1.00 28.15 ? 209 PRO A CA  1 
ATOM   1544 C C   . PRO A 1 209 ? 34.747  1.282   11.202  1.00 30.57 ? 209 PRO A C   1 
ATOM   1545 O O   . PRO A 1 209 ? 34.660  1.158   9.976   1.00 27.43 ? 209 PRO A O   1 
ATOM   1546 C CB  . PRO A 1 209 ? 32.503  1.177   12.309  1.00 30.60 ? 209 PRO A CB  1 
ATOM   1547 C CG  . PRO A 1 209 ? 31.577  1.386   11.193  1.00 27.16 ? 209 PRO A CG  1 
ATOM   1548 C CD  . PRO A 1 209 ? 31.749  2.824   10.753  1.00 32.63 ? 209 PRO A CD  1 
ATOM   1549 N N   . SER A 1 210 ? 35.742  0.786   11.920  1.00 27.53 ? 210 SER A N   1 
ATOM   1550 C CA  . SER A 1 210 ? 36.718  -0.130  11.356  1.00 29.01 ? 210 SER A CA  1 
ATOM   1551 C C   . SER A 1 210 ? 37.156  -1.015  12.509  1.00 32.82 ? 210 SER A C   1 
ATOM   1552 O O   . SER A 1 210 ? 38.257  -0.862  13.045  1.00 32.85 ? 210 SER A O   1 
ATOM   1553 C CB  . SER A 1 210 ? 37.890  0.621   10.721  1.00 33.28 ? 210 SER A CB  1 
ATOM   1554 O OG  . SER A 1 210 ? 38.735  -0.265  10.002  1.00 34.63 ? 210 SER A OG  1 
ATOM   1555 N N   . ALA A 1 211 ? 36.266  -1.916  12.916  1.00 30.13 ? 211 ALA A N   1 
ATOM   1556 C CA  . ALA A 1 211 ? 36.490  -2.727  14.102  1.00 30.98 ? 211 ALA A CA  1 
ATOM   1557 C C   . ALA A 1 211 ? 37.521  -3.815  13.822  1.00 34.16 ? 211 ALA A C   1 
ATOM   1558 O O   . ALA A 1 211 ? 38.321  -4.166  14.689  1.00 33.63 ? 211 ALA A O   1 
ATOM   1559 C CB  . ALA A 1 211 ? 35.184  -3.339  14.582  1.00 33.84 ? 211 ALA A CB  1 
ATOM   1560 N N   . GLY A 1 212 ? 37.492  -4.347  12.605  1.00 36.44 ? 212 GLY A N   1 
ATOM   1561 C CA  . GLY A 1 212 ? 38.449  -5.359  12.198  1.00 38.98 ? 212 GLY A CA  1 
ATOM   1562 C C   . GLY A 1 212 ? 39.607  -4.738  11.444  1.00 41.00 ? 212 GLY A C   1 
ATOM   1563 O O   . GLY A 1 212 ? 40.496  -5.441  10.969  1.00 50.21 ? 212 GLY A O   1 
HETATM 1564 O O   . HOH B 2 .   ? -10.148 14.077  -10.371 1.00 36.48 ? 301 HOH A O   1 
HETATM 1565 O O   . HOH B 2 .   ? -5.960  9.833   8.727   1.00 29.64 ? 302 HOH A O   1 
HETATM 1566 O O   . HOH B 2 .   ? -4.671  -5.911  6.165   1.00 37.05 ? 303 HOH A O   1 
HETATM 1567 O O   . HOH B 2 .   ? 25.524  8.862   13.744  1.00 38.48 ? 304 HOH A O   1 
HETATM 1568 O O   . HOH B 2 .   ? -21.625 3.099   2.813   1.00 39.71 ? 305 HOH A O   1 
HETATM 1569 O O   . HOH B 2 .   ? -10.868 7.734   -15.986 1.00 46.91 ? 306 HOH A O   1 
HETATM 1570 O O   . HOH B 2 .   ? 18.027  9.832   -11.318 1.00 42.40 ? 307 HOH A O   1 
HETATM 1571 O O   . HOH B 2 .   ? 13.020  17.937  0.727   1.00 36.70 ? 308 HOH A O   1 
HETATM 1572 O O   . HOH B 2 .   ? -7.664  11.325  -15.427 1.00 40.74 ? 309 HOH A O   1 
HETATM 1573 O O   . HOH B 2 .   ? -18.247 5.216   7.723   1.00 43.27 ? 310 HOH A O   1 
HETATM 1574 O O   . HOH B 2 .   ? 10.623  4.507   21.691  1.00 33.12 ? 311 HOH A O   1 
HETATM 1575 O O   . HOH B 2 .   ? 7.103   -22.816 -5.404  1.00 31.46 ? 312 HOH A O   1 
HETATM 1576 O O   . HOH B 2 .   ? -9.162  -1.282  -5.851  1.00 27.93 ? 313 HOH A O   1 
HETATM 1577 O O   . HOH B 2 .   ? 6.555   -27.370 -2.805  1.00 37.20 ? 314 HOH A O   1 
HETATM 1578 O O   . HOH B 2 .   ? 12.900  9.804   -15.379 1.00 33.23 ? 315 HOH A O   1 
HETATM 1579 O O   . HOH B 2 .   ? 14.317  -28.691 8.499   1.00 41.07 ? 316 HOH A O   1 
HETATM 1580 O O   . HOH B 2 .   ? 11.224  -28.436 3.798   1.00 35.03 ? 317 HOH A O   1 
HETATM 1581 O O   . HOH B 2 .   ? -7.777  12.803  5.029   1.00 31.11 ? 318 HOH A O   1 
HETATM 1582 O O   . HOH B 2 .   ? 40.532  0.266   13.574  1.00 31.29 ? 319 HOH A O   1 
HETATM 1583 O O   . HOH B 2 .   ? 40.733  -5.041  15.173  1.00 33.87 ? 320 HOH A O   1 
HETATM 1584 O O   . HOH B 2 .   ? 2.935   -30.210 4.687   1.00 49.63 ? 321 HOH A O   1 
HETATM 1585 O O   . HOH B 2 .   ? 28.545  14.496  7.950   1.00 42.80 ? 322 HOH A O   1 
HETATM 1586 O O   . HOH B 2 .   ? -12.558 0.564   -15.193 1.00 37.35 ? 323 HOH A O   1 
HETATM 1587 O O   . HOH B 2 .   ? 1.486   1.082   6.229   1.00 16.24 ? 324 HOH A O   1 
HETATM 1588 O O   . HOH B 2 .   ? -7.453  -7.953  -8.723  1.00 35.28 ? 325 HOH A O   1 
HETATM 1589 O O   . HOH B 2 .   ? -0.744  -8.622  17.481  1.00 30.14 ? 326 HOH A O   1 
HETATM 1590 O O   . HOH B 2 .   ? 0.639   -14.756 7.888   1.00 29.99 ? 327 HOH A O   1 
HETATM 1591 O O   . HOH B 2 .   ? -9.874  2.294   12.660  1.00 30.18 ? 328 HOH A O   1 
HETATM 1592 O O   . HOH B 2 .   ? -11.689 13.486  -12.377 1.00 44.29 ? 329 HOH A O   1 
HETATM 1593 O O   . HOH B 2 .   ? 4.745   -1.520  17.130  1.00 21.88 ? 330 HOH A O   1 
HETATM 1594 O O   . HOH B 2 .   ? -2.099  5.838   13.642  1.00 21.36 ? 331 HOH A O   1 
HETATM 1595 O O   . HOH B 2 .   ? 19.175  5.500   9.542   1.00 27.12 ? 332 HOH A O   1 
HETATM 1596 O O   . HOH B 2 .   ? 5.572   11.169  -11.773 1.00 30.39 ? 333 HOH A O   1 
HETATM 1597 O O   . HOH B 2 .   ? -4.055  11.490  10.304  1.00 40.42 ? 334 HOH A O   1 
HETATM 1598 O O   . HOH B 2 .   ? 24.459  11.248  10.012  1.00 38.50 ? 335 HOH A O   1 
HETATM 1599 O O   . HOH B 2 .   ? 1.236   12.415  -15.836 1.00 36.54 ? 336 HOH A O   1 
HETATM 1600 O O   . HOH B 2 .   ? 0.179   -13.368 6.626   1.00 38.50 ? 337 HOH A O   1 
HETATM 1601 O O   . HOH B 2 .   ? -8.883  2.400   -11.739 1.00 29.05 ? 338 HOH A O   1 
HETATM 1602 O O   . HOH B 2 .   ? 0.718   -11.438 7.252   1.00 22.31 ? 339 HOH A O   1 
HETATM 1603 O O   . HOH B 2 .   ? -2.770  -12.285 17.523  1.00 36.19 ? 340 HOH A O   1 
HETATM 1604 O O   . HOH B 2 .   ? -0.536  -26.792 4.002   1.00 35.46 ? 341 HOH A O   1 
HETATM 1605 O O   . HOH B 2 .   ? 3.220   15.388  -11.546 1.00 34.73 ? 342 HOH A O   1 
HETATM 1606 O O   . HOH B 2 .   ? -6.332  12.196  -4.184  1.00 28.19 ? 343 HOH A O   1 
HETATM 1607 O O   . HOH B 2 .   ? 4.306   -18.008 10.139  1.00 31.89 ? 344 HOH A O   1 
HETATM 1608 O O   . HOH B 2 .   ? 4.675   -30.014 3.309   1.00 37.87 ? 345 HOH A O   1 
HETATM 1609 O O   . HOH B 2 .   ? -4.796  8.874   12.794  1.00 38.92 ? 346 HOH A O   1 
HETATM 1610 O O   . HOH B 2 .   ? 0.046   2.692   4.689   1.00 17.99 ? 347 HOH A O   1 
HETATM 1611 O O   . HOH B 2 .   ? 3.649   -9.650  -18.132 1.00 31.85 ? 348 HOH A O   1 
HETATM 1612 O O   . HOH B 2 .   ? -18.025 1.966   8.877   1.00 38.12 ? 349 HOH A O   1 
HETATM 1613 O O   . HOH B 2 .   ? 14.742  3.704   1.993   1.00 27.27 ? 350 HOH A O   1 
HETATM 1614 O O   . HOH B 2 .   ? 15.879  4.928   -2.434  1.00 25.94 ? 351 HOH A O   1 
HETATM 1615 O O   . HOH B 2 .   ? 5.764   -11.647 -17.146 1.00 35.42 ? 352 HOH A O   1 
HETATM 1616 O O   . HOH B 2 .   ? 0.310   5.766   -17.406 1.00 36.14 ? 353 HOH A O   1 
HETATM 1617 O O   . HOH B 2 .   ? -0.994  9.255   11.209  1.00 27.38 ? 354 HOH A O   1 
HETATM 1618 O O   . HOH B 2 .   ? -11.434 12.334  -8.864  1.00 36.84 ? 355 HOH A O   1 
HETATM 1619 O O   . HOH B 2 .   ? 22.701  -20.562 8.566   1.00 34.29 ? 356 HOH A O   1 
HETATM 1620 O O   . HOH B 2 .   ? 6.272   8.420   9.960   1.00 25.46 ? 357 HOH A O   1 
HETATM 1621 O O   . HOH B 2 .   ? 4.377   2.456   21.980  1.00 28.00 ? 358 HOH A O   1 
HETATM 1622 O O   . HOH B 2 .   ? -3.870  -11.298 4.740   1.00 37.09 ? 359 HOH A O   1 
HETATM 1623 O O   . HOH B 2 .   ? 35.672  7.489   8.737   1.00 38.72 ? 360 HOH A O   1 
HETATM 1624 O O   . HOH B 2 .   ? -7.372  3.777   -20.473 1.00 43.17 ? 361 HOH A O   1 
HETATM 1625 O O   . HOH B 2 .   ? -1.342  -8.293  2.241   1.00 33.25 ? 362 HOH A O   1 
HETATM 1626 O O   . HOH B 2 .   ? 28.843  7.346   6.017   1.00 34.23 ? 363 HOH A O   1 
HETATM 1627 O O   . HOH B 2 .   ? -1.733  -13.868 7.039   1.00 34.28 ? 364 HOH A O   1 
HETATM 1628 O O   . HOH B 2 .   ? 7.651   -3.832  -21.870 1.00 39.96 ? 365 HOH A O   1 
HETATM 1629 O O   . HOH B 2 .   ? 11.510  -8.937  8.685   1.00 17.91 ? 366 HOH A O   1 
HETATM 1630 O O   . HOH B 2 .   ? -6.756  -0.410  15.445  1.00 34.15 ? 367 HOH A O   1 
HETATM 1631 O O   . HOH B 2 .   ? -1.024  -9.713  -2.522  1.00 33.03 ? 368 HOH A O   1 
HETATM 1632 O O   . HOH B 2 .   ? 0.399   3.496   14.202  1.00 21.27 ? 369 HOH A O   1 
HETATM 1633 O O   . HOH B 2 .   ? -0.301  -7.659  -1.702  1.00 31.02 ? 370 HOH A O   1 
HETATM 1634 O O   . HOH B 2 .   ? -8.547  6.781   -17.575 1.00 42.46 ? 371 HOH A O   1 
HETATM 1635 O O   . HOH B 2 .   ? 21.434  9.012   8.817   1.00 31.43 ? 372 HOH A O   1 
HETATM 1636 O O   . HOH B 2 .   ? -6.277  -9.006  -5.645  1.00 32.84 ? 373 HOH A O   1 
HETATM 1637 O O   . HOH B 2 .   ? 5.635   -11.373 11.681  1.00 23.42 ? 374 HOH A O   1 
HETATM 1638 O O   . HOH B 2 .   ? -3.563  3.492   17.217  1.00 43.52 ? 375 HOH A O   1 
HETATM 1639 O O   . HOH B 2 .   ? -1.098  -25.048 -0.180  1.00 28.93 ? 376 HOH A O   1 
HETATM 1640 O O   . HOH B 2 .   ? 8.203   6.834   19.878  1.00 27.65 ? 377 HOH A O   1 
HETATM 1641 O O   . HOH B 2 .   ? 6.112   -9.898  9.480   1.00 26.04 ? 378 HOH A O   1 
HETATM 1642 O O   . HOH B 2 .   ? -2.215  -6.079  4.692   1.00 23.78 ? 379 HOH A O   1 
HETATM 1643 O O   . HOH B 2 .   ? 9.732   9.817   14.525  1.00 30.70 ? 380 HOH A O   1 
HETATM 1644 O O   . HOH B 2 .   ? 9.776   15.214  10.218  1.00 41.10 ? 381 HOH A O   1 
HETATM 1645 O O   . HOH B 2 .   ? 20.316  -23.730 12.637  1.00 38.23 ? 382 HOH A O   1 
HETATM 1646 O O   . HOH B 2 .   ? 14.254  -28.621 5.865   1.00 40.95 ? 383 HOH A O   1 
HETATM 1647 O O   . HOH B 2 .   ? -11.768 2.710   10.380  1.00 21.39 ? 384 HOH A O   1 
HETATM 1648 O O   . HOH B 2 .   ? 17.210  -27.553 11.553  1.00 39.17 ? 385 HOH A O   1 
HETATM 1649 O O   . HOH B 2 .   ? -9.130  15.182  -11.973 1.00 44.02 ? 386 HOH A O   1 
HETATM 1650 O O   . HOH B 2 .   ? -13.506 8.110   4.830   1.00 25.33 ? 387 HOH A O   1 
HETATM 1651 O O   . HOH B 2 .   ? 0.579   -26.619 -2.518  1.00 19.82 ? 388 HOH A O   1 
HETATM 1652 O O   . HOH B 2 .   ? -1.829  -14.618 15.325  1.00 41.90 ? 389 HOH A O   1 
HETATM 1653 O O   . HOH B 2 .   ? -11.745 15.909  -9.775  1.00 40.60 ? 390 HOH A O   1 
HETATM 1654 O O   . HOH B 2 .   ? 15.598  6.311   -8.634  1.00 21.52 ? 391 HOH A O   1 
HETATM 1655 O O   . HOH B 2 .   ? -3.310  -10.399 -3.458  1.00 36.30 ? 392 HOH A O   1 
HETATM 1656 O O   . HOH B 2 .   ? -0.998  -8.553  0.018   1.00 31.13 ? 393 HOH A O   1 
HETATM 1657 O O   . HOH B 2 .   ? 41.067  -1.868  11.844  1.00 43.93 ? 394 HOH A O   1 
HETATM 1658 O O   . HOH B 2 .   ? 10.432  -5.421  -17.691 1.00 39.28 ? 395 HOH A O   1 
HETATM 1659 O O   . HOH B 2 .   ? -18.743 3.948   -5.388  1.00 39.87 ? 396 HOH A O   1 
HETATM 1660 O O   . HOH B 2 .   ? -12.052 -0.992  15.914  1.00 34.26 ? 397 HOH A O   1 
HETATM 1661 O O   . HOH B 2 .   ? -3.964  -13.595 8.503   1.00 26.06 ? 398 HOH A O   1 
HETATM 1662 O O   . HOH B 2 .   ? -3.809  -7.542  3.025   1.00 37.55 ? 399 HOH A O   1 
HETATM 1663 O O   . HOH B 2 .   ? -6.015  -11.415 7.979   1.00 28.60 ? 400 HOH A O   1 
HETATM 1664 O O   . HOH B 2 .   ? 35.800  9.558   9.136   1.00 41.75 ? 401 HOH A O   1 
HETATM 1665 O O   . HOH B 2 .   ? -2.371  8.584   14.235  1.00 38.95 ? 402 HOH A O   1 
HETATM 1666 O O   . HOH B 2 .   ? -2.337  -26.557 1.782   1.00 37.19 ? 403 HOH A O   1 
HETATM 1667 O O   . HOH B 2 .   ? -1.447  4.502   16.058  1.00 35.69 ? 404 HOH A O   1 
HETATM 1668 O O   . HOH B 2 .   ? 17.729  -26.318 4.810   1.00 33.37 ? 405 HOH A O   1 
HETATM 1669 O O   . HOH B 2 .   ? -14.241 2.494   11.825  1.00 34.50 ? 406 HOH A O   1 
HETATM 1670 O O   . HOH B 2 .   ? 16.995  -27.246 -0.526  1.00 40.94 ? 407 HOH A O   1 
HETATM 1671 O O   . HOH B 2 .   ? 13.139  -24.962 -4.067  1.00 38.78 ? 408 HOH A O   1 
HETATM 1672 O O   . HOH B 2 .   ? -2.415  -24.388 -15.389 1.00 41.87 ? 409 HOH A O   1 
HETATM 1673 O O   . HOH B 2 .   ? 42.168  -2.279  14.454  1.00 37.57 ? 410 HOH A O   1 
HETATM 1674 O O   . HOH B 2 .   ? -11.509 16.173  -12.689 1.00 54.03 ? 411 HOH A O   1 
# 
loop_
_pdbx_poly_seq_scheme.asym_id 
_pdbx_poly_seq_scheme.entity_id 
_pdbx_poly_seq_scheme.seq_id 
_pdbx_poly_seq_scheme.mon_id 
_pdbx_poly_seq_scheme.ndb_seq_num 
_pdbx_poly_seq_scheme.pdb_seq_num 
_pdbx_poly_seq_scheme.auth_seq_num 
_pdbx_poly_seq_scheme.pdb_mon_id 
_pdbx_poly_seq_scheme.auth_mon_id 
_pdbx_poly_seq_scheme.pdb_strand_id 
_pdbx_poly_seq_scheme.pdb_ins_code 
_pdbx_poly_seq_scheme.hetero 
A 1 1   MET 1   1   ?   ?   ?   A . n 
A 1 2   THR 2   2   2   THR THR A . n 
A 1 3   HIS 3   3   3   HIS HIS A . n 
A 1 4   ILE 4   4   4   ILE ILE A . n 
A 1 5   ALA 5   5   5   ALA ALA A . n 
A 1 6   MET 6   6   6   MET MET A . n 
A 1 7   SER 7   7   7   SER SER A . n 
A 1 8   GLY 8   8   8   GLY GLY A . n 
A 1 9   LEU 9   9   9   LEU LEU A . n 
A 1 10  THR 10  10  10  THR THR A . n 
A 1 11  ASN 11  11  11  ASN ASN A . n 
A 1 12  MET 12  12  12  MET MET A . n 
A 1 13  GLN 13  13  13  GLN GLN A . n 
A 1 14  LYS 14  14  14  LYS LYS A . n 
A 1 15  TYR 15  15  15  TYR TYR A . n 
A 1 16  TRP 16  16  16  TRP TRP A . n 
A 1 17  LEU 17  17  17  LEU LEU A . n 
A 1 18  ILE 18  18  18  ILE ILE A . n 
A 1 19  THR 19  19  19  THR THR A . n 
A 1 20  GLY 20  20  20  GLY GLY A . n 
A 1 21  SER 21  21  21  SER SER A . n 
A 1 22  VAL 22  22  22  VAL VAL A . n 
A 1 23  GLY 23  23  23  GLY GLY A . n 
A 1 24  PRO 24  24  24  PRO PRO A . n 
A 1 25  ARG 25  25  25  ARG ARG A . n 
A 1 26  PRO 26  26  26  PRO PRO A . n 
A 1 27  ILE 27  27  27  ILE ILE A . n 
A 1 28  ALA 28  28  28  ALA ALA A . n 
A 1 29  LEU 29  29  29  LEU LEU A . n 
A 1 30  VAL 30  30  30  VAL VAL A . n 
A 1 31  THR 31  31  31  THR THR A . n 
A 1 32  SER 32  32  32  SER SER A . n 
A 1 33  LEU 33  33  33  LEU LEU A . n 
A 1 34  ASN 34  34  34  ASN ASN A . n 
A 1 35  SER 35  35  35  SER SER A . n 
A 1 36  GLU 36  36  36  GLU GLU A . n 
A 1 37  GLY 37  37  37  GLY GLY A . n 
A 1 38  LEU 38  38  38  LEU LEU A . n 
A 1 39  CYS 39  39  39  CYS CYS A . n 
A 1 40  ASN 40  40  40  ASN ASN A . n 
A 1 41  ALA 41  41  41  ALA ALA A . n 
A 1 42  ALA 42  42  42  ALA ALA A . n 
A 1 43  PRO 43  43  43  PRO PRO A . n 
A 1 44  TYR 44  44  44  TYR TYR A . n 
A 1 45  SER 45  45  45  SER SER A . n 
A 1 46  ALA 46  46  46  ALA ALA A . n 
A 1 47  PHE 47  47  47  PHE PHE A . n 
A 1 48  ASN 48  48  48  ASN ASN A . n 
A 1 49  TYR 49  49  49  TYR TYR A . n 
A 1 50  MET 50  50  50  MET MET A . n 
A 1 51  GLY 51  51  51  GLY GLY A . n 
A 1 52  GLU 52  52  52  GLU GLU A . n 
A 1 53  ASP 53  53  53  ASP ASP A . n 
A 1 54  PRO 54  54  54  PRO PRO A . n 
A 1 55  PRO 55  55  55  PRO PRO A . n 
A 1 56  LEU 56  56  56  LEU LEU A . n 
A 1 57  PHE 57  57  57  PHE PHE A . n 
A 1 58  VAL 58  58  58  VAL VAL A . n 
A 1 59  ILE 59  59  59  ILE ILE A . n 
A 1 60  ALA 60  60  60  ALA ALA A . n 
A 1 61  VAL 61  61  61  VAL VAL A . n 
A 1 62  ASP 62  62  62  ASP ASP A . n 
A 1 63  HIS 63  63  63  HIS HIS A . n 
A 1 64  TYR 64  64  ?   ?   ?   A . n 
A 1 65  GLY 65  65  ?   ?   ?   A . n 
A 1 66  GLU 66  66  ?   ?   ?   A . n 
A 1 67  GLU 67  67  ?   ?   ?   A . n 
A 1 68  SER 68  68  ?   ?   ?   A . n 
A 1 69  HIS 69  69  ?   ?   ?   A . n 
A 1 70  ARG 70  70  ?   ?   ?   A . n 
A 1 71  PRO 71  71  ?   ?   ?   A . n 
A 1 72  GLY 72  72  ?   ?   ?   A . n 
A 1 73  GLU 73  73  ?   ?   ?   A . n 
A 1 74  GLN 74  74  ?   ?   ?   A . n 
A 1 75  LYS 75  75  75  LYS LYS A . n 
A 1 76  ASP 76  76  76  ASP ASP A . n 
A 1 77  THR 77  77  77  THR THR A . n 
A 1 78  LEU 78  78  78  LEU LEU A . n 
A 1 79  LYS 79  79  79  LYS LYS A . n 
A 1 80  ASN 80  80  80  ASN ASN A . n 
A 1 81  ILE 81  81  81  ILE ILE A . n 
A 1 82  ILE 82  82  82  ILE ILE A . n 
A 1 83  GLU 83  83  83  GLU GLU A . n 
A 1 84  ARG 84  84  84  ARG ARG A . n 
A 1 85  GLU 85  85  85  GLU GLU A . n 
A 1 86  GLN 86  86  86  GLN GLN A . n 
A 1 87  PHE 87  87  87  PHE PHE A . n 
A 1 88  VAL 88  88  88  VAL VAL A . n 
A 1 89  VAL 89  89  89  VAL VAL A . n 
A 1 90  ASN 90  90  90  ASN ASN A . n 
A 1 91  MET 91  91  91  MET MET A . n 
A 1 92  VAL 92  92  92  VAL VAL A . n 
A 1 93  ASP 93  93  93  ASP ASP A . n 
A 1 94  GLU 94  94  94  GLU GLU A . n 
A 1 95  ARG 95  95  95  ARG ARG A . n 
A 1 96  ILE 96  96  96  ILE ILE A . n 
A 1 97  ALA 97  97  97  ALA ALA A . n 
A 1 98  GLU 98  98  98  GLU GLU A . n 
A 1 99  ARG 99  99  99  ARG ARG A . n 
A 1 100 MET 100 100 100 MET MET A . n 
A 1 101 VAL 101 101 101 VAL VAL A . n 
A 1 102 LEU 102 102 102 LEU LEU A . n 
A 1 103 CYS 103 103 103 CYS CYS A . n 
A 1 104 GLY 104 104 104 GLY GLY A . n 
A 1 105 SER 105 105 105 SER SER A . n 
A 1 106 ASP 106 106 106 ASP ASP A . n 
A 1 107 PHE 107 107 107 PHE PHE A . n 
A 1 108 PRO 108 108 ?   ?   ?   A . n 
A 1 109 SER 109 109 ?   ?   ?   A . n 
A 1 110 HIS 110 110 ?   ?   ?   A . n 
A 1 111 ILE 111 111 111 ILE ILE A . n 
A 1 112 SER 112 112 112 SER SER A . n 
A 1 113 GLU 113 113 113 GLU GLU A . n 
A 1 114 ALA 114 114 114 ALA ALA A . n 
A 1 115 GLU 115 115 115 GLU GLU A . n 
A 1 116 ALA 116 116 116 ALA ALA A . n 
A 1 117 VAL 117 117 117 VAL VAL A . n 
A 1 118 GLY 118 118 118 GLY GLY A . n 
A 1 119 PHE 119 119 119 PHE PHE A . n 
A 1 120 ASP 120 120 120 ASP ASP A . n 
A 1 121 LEU 121 121 121 LEU LEU A . n 
A 1 122 THR 122 122 122 THR THR A . n 
A 1 123 PRO 123 123 123 PRO PRO A . n 
A 1 124 SER 124 124 124 SER SER A . n 
A 1 125 THR 125 125 125 THR THR A . n 
A 1 126 THR 126 126 126 THR THR A . n 
A 1 127 ILE 127 127 127 ILE ILE A . n 
A 1 128 ASP 128 128 128 ASP ASP A . n 
A 1 129 VAL 129 129 129 VAL VAL A . n 
A 1 130 PRO 130 130 130 PRO PRO A . n 
A 1 131 ARG 131 131 131 ARG ARG A . n 
A 1 132 ILE 132 132 132 ILE ILE A . n 
A 1 133 THR 133 133 133 THR THR A . n 
A 1 134 ASP 134 134 134 ASP ASP A . n 
A 1 135 ALA 135 135 135 ALA ALA A . n 
A 1 136 PRO 136 136 136 PRO PRO A . n 
A 1 137 ILE 137 137 137 ILE ILE A . n 
A 1 138 ALA 138 138 138 ALA ALA A . n 
A 1 139 TRP 139 139 139 TRP TRP A . n 
A 1 140 GLU 140 140 140 GLU GLU A . n 
A 1 141 CYS 141 141 141 CYS CYS A . n 
A 1 142 LYS 142 142 142 LYS LYS A . n 
A 1 143 LEU 143 143 143 LEU LEU A . n 
A 1 144 TYR 144 144 144 TYR TYR A . n 
A 1 145 LYS 145 145 145 LYS LYS A . n 
A 1 146 ILE 146 146 146 ILE ILE A . n 
A 1 147 ILE 147 147 147 ILE ILE A . n 
A 1 148 ASP 148 148 148 ASP ASP A . n 
A 1 149 PHE 149 149 149 PHE PHE A . n 
A 1 150 SER 150 150 150 SER SER A . n 
A 1 151 LYS 151 151 151 LYS LYS A . n 
A 1 152 GLN 152 152 152 GLN GLN A . n 
A 1 153 ARG 153 153 153 ARG ARG A . n 
A 1 154 SER 154 154 154 SER SER A . n 
A 1 155 MET 155 155 155 MET MET A . n 
A 1 156 VAL 156 156 156 VAL VAL A . n 
A 1 157 PHE 157 157 157 PHE PHE A . n 
A 1 158 GLY 158 158 158 GLY GLY A . n 
A 1 159 GLU 159 159 159 GLU GLU A . n 
A 1 160 ILE 160 160 160 ILE ILE A . n 
A 1 161 VAL 161 161 161 VAL VAL A . n 
A 1 162 ALA 162 162 162 ALA ALA A . n 
A 1 163 MET 163 163 163 MET MET A . n 
A 1 164 TYR 164 164 164 TYR TYR A . n 
A 1 165 PHE 165 165 165 PHE PHE A . n 
A 1 166 ARG 166 166 166 ARG ARG A . n 
A 1 167 GLU 167 167 167 GLU GLU A . n 
A 1 168 GLU 168 168 168 GLU GLU A . n 
A 1 169 LEU 169 169 169 LEU LEU A . n 
A 1 170 ILE 170 170 170 ILE ILE A . n 
A 1 171 ASP 171 171 171 ASP ASP A . n 
A 1 172 GLU 172 172 172 GLU GLU A . n 
A 1 173 GLU 173 173 173 GLU GLU A . n 
A 1 174 LYS 174 174 174 LYS LYS A . n 
A 1 175 LEU 175 175 175 LEU LEU A . n 
A 1 176 ARG 176 176 176 ARG ARG A . n 
A 1 177 VAL 177 177 177 VAL VAL A . n 
A 1 178 ARG 178 178 178 ARG ARG A . n 
A 1 179 VAL 179 179 179 VAL VAL A . n 
A 1 180 ASP 180 180 180 ASP ASP A . n 
A 1 181 LEU 181 181 181 LEU LEU A . n 
A 1 182 PHE 182 182 182 PHE PHE A . n 
A 1 183 GLN 183 183 183 GLN GLN A . n 
A 1 184 PRO 184 184 184 PRO PRO A . n 
A 1 185 TYR 185 185 185 TYR TYR A . n 
A 1 186 GLY 186 186 186 GLY GLY A . n 
A 1 187 ARG 187 187 187 ARG ARG A . n 
A 1 188 LEU 188 188 188 LEU LEU A . n 
A 1 189 GLY 189 189 189 GLY GLY A . n 
A 1 190 GLY 190 190 190 GLY GLY A . n 
A 1 191 PRO 191 191 191 PRO PRO A . n 
A 1 192 ASN 192 192 192 ASN ASN A . n 
A 1 193 TYR 193 193 193 TYR TYR A . n 
A 1 194 CYS 194 194 194 CYS ALA A . n 
A 1 195 ARG 195 195 195 ARG ARG A . n 
A 1 196 THR 196 196 196 THR THR A . n 
A 1 197 THR 197 197 197 THR THR A . n 
A 1 198 ASP 198 198 198 ASP ASP A . n 
A 1 199 ARG 199 199 199 ARG ARG A . n 
A 1 200 VAL 200 200 200 VAL VAL A . n 
A 1 201 ARG 201 201 201 ARG ARG A . n 
A 1 202 LEU 202 202 202 LEU LEU A . n 
A 1 203 THR 203 203 203 THR THR A . n 
A 1 204 VAL 204 204 204 VAL VAL A . n 
A 1 205 PRO 205 205 205 PRO PRO A . n 
A 1 206 THR 206 206 206 THR THR A . n 
A 1 207 PHE 207 207 207 PHE PHE A . n 
A 1 208 LEU 208 208 208 LEU LEU A . n 
A 1 209 PRO 209 209 209 PRO PRO A . n 
A 1 210 SER 210 210 210 SER SER A . n 
A 1 211 ALA 211 211 211 ALA ALA A . n 
A 1 212 GLY 212 212 212 GLY GLY A . n 
A 1 213 LYS 213 213 ?   ?   ?   A . n 
A 1 214 PRO 214 214 ?   ?   ?   A . n 
A 1 215 ARG 215 215 ?   ?   ?   A . n 
A 1 216 GLU 216 216 ?   ?   ?   A . n 
# 
loop_
_pdbx_nonpoly_scheme.asym_id 
_pdbx_nonpoly_scheme.entity_id 
_pdbx_nonpoly_scheme.mon_id 
_pdbx_nonpoly_scheme.ndb_seq_num 
_pdbx_nonpoly_scheme.pdb_seq_num 
_pdbx_nonpoly_scheme.auth_seq_num 
_pdbx_nonpoly_scheme.pdb_mon_id 
_pdbx_nonpoly_scheme.auth_mon_id 
_pdbx_nonpoly_scheme.pdb_strand_id 
_pdbx_nonpoly_scheme.pdb_ins_code 
B 2 HOH 1   301 123 HOH HOH A . 
B 2 HOH 2   302 55  HOH HOH A . 
B 2 HOH 3   303 166 HOH HOH A . 
B 2 HOH 4   304 186 HOH HOH A . 
B 2 HOH 5   305 111 HOH HOH A . 
B 2 HOH 6   306 145 HOH HOH A . 
B 2 HOH 7   307 144 HOH HOH A . 
B 2 HOH 8   308 160 HOH HOH A . 
B 2 HOH 9   309 171 HOH HOH A . 
B 2 HOH 10  310 178 HOH HOH A . 
B 2 HOH 11  311 93  HOH HOH A . 
B 2 HOH 12  312 50  HOH HOH A . 
B 2 HOH 13  313 14  HOH HOH A . 
B 2 HOH 14  314 159 HOH HOH A . 
B 2 HOH 15  315 62  HOH HOH A . 
B 2 HOH 16  316 154 HOH HOH A . 
B 2 HOH 17  317 67  HOH HOH A . 
B 2 HOH 18  318 18  HOH HOH A . 
B 2 HOH 19  319 180 HOH HOH A . 
B 2 HOH 20  320 126 HOH HOH A . 
B 2 HOH 21  321 120 HOH HOH A . 
B 2 HOH 22  322 182 HOH HOH A . 
B 2 HOH 23  323 70  HOH HOH A . 
B 2 HOH 24  324 2   HOH HOH A . 
B 2 HOH 25  325 43  HOH HOH A . 
B 2 HOH 26  326 30  HOH HOH A . 
B 2 HOH 27  327 32  HOH HOH A . 
B 2 HOH 28  328 36  HOH HOH A . 
B 2 HOH 29  329 148 HOH HOH A . 
B 2 HOH 30  330 12  HOH HOH A . 
B 2 HOH 31  331 7   HOH HOH A . 
B 2 HOH 32  332 23  HOH HOH A . 
B 2 HOH 33  333 44  HOH HOH A . 
B 2 HOH 34  334 172 HOH HOH A . 
B 2 HOH 35  335 52  HOH HOH A . 
B 2 HOH 36  336 38  HOH HOH A . 
B 2 HOH 37  337 163 HOH HOH A . 
B 2 HOH 38  338 27  HOH HOH A . 
B 2 HOH 39  339 16  HOH HOH A . 
B 2 HOH 40  340 92  HOH HOH A . 
B 2 HOH 41  341 31  HOH HOH A . 
B 2 HOH 42  342 45  HOH HOH A . 
B 2 HOH 43  343 15  HOH HOH A . 
B 2 HOH 44  344 57  HOH HOH A . 
B 2 HOH 45  345 60  HOH HOH A . 
B 2 HOH 46  346 173 HOH HOH A . 
B 2 HOH 47  347 5   HOH HOH A . 
B 2 HOH 48  348 58  HOH HOH A . 
B 2 HOH 49  349 137 HOH HOH A . 
B 2 HOH 50  350 19  HOH HOH A . 
B 2 HOH 51  351 8   HOH HOH A . 
B 2 HOH 52  352 187 HOH HOH A . 
B 2 HOH 53  353 149 HOH HOH A . 
B 2 HOH 54  354 39  HOH HOH A . 
B 2 HOH 55  355 139 HOH HOH A . 
B 2 HOH 56  356 24  HOH HOH A . 
B 2 HOH 57  357 17  HOH HOH A . 
B 2 HOH 58  358 34  HOH HOH A . 
B 2 HOH 59  359 161 HOH HOH A . 
B 2 HOH 60  360 116 HOH HOH A . 
B 2 HOH 61  361 78  HOH HOH A . 
B 2 HOH 62  362 41  HOH HOH A . 
B 2 HOH 63  363 40  HOH HOH A . 
B 2 HOH 64  364 83  HOH HOH A . 
B 2 HOH 65  365 54  HOH HOH A . 
B 2 HOH 66  366 3   HOH HOH A . 
B 2 HOH 67  367 64  HOH HOH A . 
B 2 HOH 68  368 26  HOH HOH A . 
B 2 HOH 69  369 11  HOH HOH A . 
B 2 HOH 70  370 168 HOH HOH A . 
B 2 HOH 71  371 63  HOH HOH A . 
B 2 HOH 72  372 21  HOH HOH A . 
B 2 HOH 73  373 76  HOH HOH A . 
B 2 HOH 74  374 9   HOH HOH A . 
B 2 HOH 75  375 158 HOH HOH A . 
B 2 HOH 76  376 20  HOH HOH A . 
B 2 HOH 77  377 28  HOH HOH A . 
B 2 HOH 78  378 71  HOH HOH A . 
B 2 HOH 79  379 164 HOH HOH A . 
B 2 HOH 80  380 46  HOH HOH A . 
B 2 HOH 81  381 185 HOH HOH A . 
B 2 HOH 82  382 151 HOH HOH A . 
B 2 HOH 83  383 156 HOH HOH A . 
B 2 HOH 84  384 175 HOH HOH A . 
B 2 HOH 85  385 153 HOH HOH A . 
B 2 HOH 86  386 146 HOH HOH A . 
B 2 HOH 87  387 176 HOH HOH A . 
B 2 HOH 88  388 136 HOH HOH A . 
B 2 HOH 89  389 184 HOH HOH A . 
B 2 HOH 90  390 147 HOH HOH A . 
B 2 HOH 91  391 170 HOH HOH A . 
B 2 HOH 92  392 33  HOH HOH A . 
B 2 HOH 93  393 29  HOH HOH A . 
B 2 HOH 94  394 181 HOH HOH A . 
B 2 HOH 95  395 103 HOH HOH A . 
B 2 HOH 96  396 90  HOH HOH A . 
B 2 HOH 97  397 107 HOH HOH A . 
B 2 HOH 98  398 10  HOH HOH A . 
B 2 HOH 99  399 167 HOH HOH A . 
B 2 HOH 100 400 25  HOH HOH A . 
B 2 HOH 101 401 188 HOH HOH A . 
B 2 HOH 102 402 174 HOH HOH A . 
B 2 HOH 103 403 69  HOH HOH A . 
B 2 HOH 104 404 106 HOH HOH A . 
B 2 HOH 105 405 155 HOH HOH A . 
B 2 HOH 106 406 42  HOH HOH A . 
B 2 HOH 107 407 183 HOH HOH A . 
B 2 HOH 108 408 157 HOH HOH A . 
B 2 HOH 109 409 162 HOH HOH A . 
B 2 HOH 110 410 89  HOH HOH A . 
B 2 HOH 111 411 179 HOH HOH A . 
# 
_pdbx_struct_assembly.id                   1 
_pdbx_struct_assembly.details              author_and_software_defined_assembly 
_pdbx_struct_assembly.method_details       PISA 
_pdbx_struct_assembly.oligomeric_details   dimeric 
_pdbx_struct_assembly.oligomeric_count     2 
# 
_pdbx_struct_assembly_gen.assembly_id       1 
_pdbx_struct_assembly_gen.oper_expression   1,2 
_pdbx_struct_assembly_gen.asym_id_list      A,B 
# 
loop_
_pdbx_struct_assembly_prop.biol_id 
_pdbx_struct_assembly_prop.type 
_pdbx_struct_assembly_prop.value 
_pdbx_struct_assembly_prop.details 
1 'ABSA (A^2)' 9000  ? 
1 MORE         -71   ? 
1 'SSA (A^2)'  16250 ? 
# 
loop_
_pdbx_struct_oper_list.id 
_pdbx_struct_oper_list.type 
_pdbx_struct_oper_list.name 
_pdbx_struct_oper_list.symmetry_operation 
_pdbx_struct_oper_list.matrix[1][1] 
_pdbx_struct_oper_list.matrix[1][2] 
_pdbx_struct_oper_list.matrix[1][3] 
_pdbx_struct_oper_list.vector[1] 
_pdbx_struct_oper_list.matrix[2][1] 
_pdbx_struct_oper_list.matrix[2][2] 
_pdbx_struct_oper_list.matrix[2][3] 
_pdbx_struct_oper_list.vector[2] 
_pdbx_struct_oper_list.matrix[3][1] 
_pdbx_struct_oper_list.matrix[3][2] 
_pdbx_struct_oper_list.matrix[3][3] 
_pdbx_struct_oper_list.vector[3] 
1 'identity operation'         1_555 x,y,z     1.0000000000  0.0000000000  0.0000000000  0.0000000000  0.0000000000  1.0000000000  0.0000000000 0.0000000000  0.0000000000  0.0000000000 1.0000000000 0.0000000000 
2 'crystal symmetry operation' 4_565 -x,-y+1,z -0.9638704163 -0.0561633438 -0.2603833700 15.3613814740 -0.0561633438 -0.9126942282 0.4047652710 -6.6781337766 -0.2603833700 0.4047652710 0.8765646445 3.5719126032 
# 
loop_
_pdbx_audit_revision_history.ordinal 
_pdbx_audit_revision_history.data_content_type 
_pdbx_audit_revision_history.major_revision 
_pdbx_audit_revision_history.minor_revision 
_pdbx_audit_revision_history.revision_date 
1 'Structure model' 1 0 2016-01-20 
2 'Structure model' 1 1 2023-11-08 
# 
_pdbx_audit_revision_details.ordinal             1 
_pdbx_audit_revision_details.revision_ordinal    1 
_pdbx_audit_revision_details.data_content_type   'Structure model' 
_pdbx_audit_revision_details.provider            repository 
_pdbx_audit_revision_details.type                'Initial release' 
_pdbx_audit_revision_details.description         ? 
_pdbx_audit_revision_details.details             ? 
# 
loop_
_pdbx_audit_revision_group.ordinal 
_pdbx_audit_revision_group.revision_ordinal 
_pdbx_audit_revision_group.data_content_type 
_pdbx_audit_revision_group.group 
1 2 'Structure model' 'Data collection'        
2 2 'Structure model' 'Database references'    
3 2 'Structure model' 'Derived calculations'   
4 2 'Structure model' 'Refinement description' 
# 
loop_
_pdbx_audit_revision_category.ordinal 
_pdbx_audit_revision_category.revision_ordinal 
_pdbx_audit_revision_category.data_content_type 
_pdbx_audit_revision_category.category 
1 2 'Structure model' chem_comp_atom                
2 2 'Structure model' chem_comp_bond                
3 2 'Structure model' citation                      
4 2 'Structure model' database_2                    
5 2 'Structure model' pdbx_initial_refinement_model 
6 2 'Structure model' pdbx_struct_oper_list         
# 
loop_
_pdbx_audit_revision_item.ordinal 
_pdbx_audit_revision_item.revision_ordinal 
_pdbx_audit_revision_item.data_content_type 
_pdbx_audit_revision_item.item 
1 2 'Structure model' '_citation.journal_id_CSD'                  
2 2 'Structure model' '_database_2.pdbx_DOI'                      
3 2 'Structure model' '_database_2.pdbx_database_accession'       
4 2 'Structure model' '_pdbx_struct_oper_list.symmetry_operation' 
# 
loop_
_software.citation_id 
_software.classification 
_software.compiler_name 
_software.compiler_version 
_software.contact_author 
_software.contact_author_email 
_software.date 
_software.description 
_software.dependencies 
_software.hardware 
_software.language 
_software.location 
_software.mods 
_software.name 
_software.os 
_software.os_version 
_software.type 
_software.version 
_software.pdbx_ordinal 
? refinement       ? ? ? ? ? ? ? ? ? ? ? PHENIX   ? ? ? 1.8.4_1496 1 
? 'data reduction' ? ? ? ? ? ? ? ? ? ? ? HKL-2000 ? ? ? .          2 
? 'data scaling'   ? ? ? ? ? ? ? ? ? ? ? HKL-2000 ? ? ? .          3 
? phasing          ? ? ? ? ? ? ? ? ? ? ? MOLREP   ? ? ? .          4 
# 
loop_
_pdbx_validate_close_contact.id 
_pdbx_validate_close_contact.PDB_model_num 
_pdbx_validate_close_contact.auth_atom_id_1 
_pdbx_validate_close_contact.auth_asym_id_1 
_pdbx_validate_close_contact.auth_comp_id_1 
_pdbx_validate_close_contact.auth_seq_id_1 
_pdbx_validate_close_contact.PDB_ins_code_1 
_pdbx_validate_close_contact.label_alt_id_1 
_pdbx_validate_close_contact.auth_atom_id_2 
_pdbx_validate_close_contact.auth_asym_id_2 
_pdbx_validate_close_contact.auth_comp_id_2 
_pdbx_validate_close_contact.auth_seq_id_2 
_pdbx_validate_close_contact.PDB_ins_code_2 
_pdbx_validate_close_contact.label_alt_id_2 
_pdbx_validate_close_contact.dist 
1 1 O A HOH 327 ? ? O A HOH 337 ? ? 1.93 
2 1 O A HOH 337 ? ? O A HOH 364 ? ? 2.02 
3 1 O A HOH 370 ? ? O A HOH 393 ? ? 2.06 
4 1 O A HOH 337 ? ? O A HOH 339 ? ? 2.10 
5 1 O A HOH 360 ? ? O A HOH 401 ? ? 2.11 
# 
loop_
_pdbx_validate_torsion.id 
_pdbx_validate_torsion.PDB_model_num 
_pdbx_validate_torsion.auth_comp_id 
_pdbx_validate_torsion.auth_asym_id 
_pdbx_validate_torsion.auth_seq_id 
_pdbx_validate_torsion.PDB_ins_code 
_pdbx_validate_torsion.label_alt_id 
_pdbx_validate_torsion.phi 
_pdbx_validate_torsion.psi 
1 1 ASP A 93  ? ? -126.07 -169.15 
2 1 PRO A 191 ? ? -84.12  45.73   
3 1 THR A 196 ? ? -93.72  56.18   
# 
_pdbx_unobs_or_zero_occ_atoms.id               1 
_pdbx_unobs_or_zero_occ_atoms.PDB_model_num    1 
_pdbx_unobs_or_zero_occ_atoms.polymer_flag     Y 
_pdbx_unobs_or_zero_occ_atoms.occupancy_flag   1 
_pdbx_unobs_or_zero_occ_atoms.auth_asym_id     A 
_pdbx_unobs_or_zero_occ_atoms.auth_comp_id     CYS 
_pdbx_unobs_or_zero_occ_atoms.auth_seq_id      194 
_pdbx_unobs_or_zero_occ_atoms.PDB_ins_code     ? 
_pdbx_unobs_or_zero_occ_atoms.auth_atom_id     SG 
_pdbx_unobs_or_zero_occ_atoms.label_alt_id     ? 
_pdbx_unobs_or_zero_occ_atoms.label_asym_id    A 
_pdbx_unobs_or_zero_occ_atoms.label_comp_id    CYS 
_pdbx_unobs_or_zero_occ_atoms.label_seq_id     194 
_pdbx_unobs_or_zero_occ_atoms.label_atom_id    SG 
# 
loop_
_pdbx_unobs_or_zero_occ_residues.id 
_pdbx_unobs_or_zero_occ_residues.PDB_model_num 
_pdbx_unobs_or_zero_occ_residues.polymer_flag 
_pdbx_unobs_or_zero_occ_residues.occupancy_flag 
_pdbx_unobs_or_zero_occ_residues.auth_asym_id 
_pdbx_unobs_or_zero_occ_residues.auth_comp_id 
_pdbx_unobs_or_zero_occ_residues.auth_seq_id 
_pdbx_unobs_or_zero_occ_residues.PDB_ins_code 
_pdbx_unobs_or_zero_occ_residues.label_asym_id 
_pdbx_unobs_or_zero_occ_residues.label_comp_id 
_pdbx_unobs_or_zero_occ_residues.label_seq_id 
1  1 Y 1 A MET 1   ? A MET 1   
2  1 Y 1 A TYR 64  ? A TYR 64  
3  1 Y 1 A GLY 65  ? A GLY 65  
4  1 Y 1 A GLU 66  ? A GLU 66  
5  1 Y 1 A GLU 67  ? A GLU 67  
6  1 Y 1 A SER 68  ? A SER 68  
7  1 Y 1 A HIS 69  ? A HIS 69  
8  1 Y 1 A ARG 70  ? A ARG 70  
9  1 Y 1 A PRO 71  ? A PRO 71  
10 1 Y 1 A GLY 72  ? A GLY 72  
11 1 Y 1 A GLU 73  ? A GLU 73  
12 1 Y 1 A GLN 74  ? A GLN 74  
13 1 Y 1 A PRO 108 ? A PRO 108 
14 1 Y 1 A SER 109 ? A SER 109 
15 1 Y 1 A HIS 110 ? A HIS 110 
16 1 Y 1 A LYS 213 ? A LYS 213 
17 1 Y 1 A PRO 214 ? A PRO 214 
18 1 Y 1 A ARG 215 ? A ARG 215 
19 1 Y 1 A GLU 216 ? A GLU 216 
# 
loop_
_chem_comp_atom.comp_id 
_chem_comp_atom.atom_id 
_chem_comp_atom.type_symbol 
_chem_comp_atom.pdbx_aromatic_flag 
_chem_comp_atom.pdbx_stereo_config 
_chem_comp_atom.pdbx_ordinal 
ALA N    N N N 1   
ALA CA   C N S 2   
ALA C    C N N 3   
ALA O    O N N 4   
ALA CB   C N N 5   
ALA OXT  O N N 6   
ALA H    H N N 7   
ALA H2   H N N 8   
ALA HA   H N N 9   
ALA HB1  H N N 10  
ALA HB2  H N N 11  
ALA HB3  H N N 12  
ALA HXT  H N N 13  
ARG N    N N N 14  
ARG CA   C N S 15  
ARG C    C N N 16  
ARG O    O N N 17  
ARG CB   C N N 18  
ARG CG   C N N 19  
ARG CD   C N N 20  
ARG NE   N N N 21  
ARG CZ   C N N 22  
ARG NH1  N N N 23  
ARG NH2  N N N 24  
ARG OXT  O N N 25  
ARG H    H N N 26  
ARG H2   H N N 27  
ARG HA   H N N 28  
ARG HB2  H N N 29  
ARG HB3  H N N 30  
ARG HG2  H N N 31  
ARG HG3  H N N 32  
ARG HD2  H N N 33  
ARG HD3  H N N 34  
ARG HE   H N N 35  
ARG HH11 H N N 36  
ARG HH12 H N N 37  
ARG HH21 H N N 38  
ARG HH22 H N N 39  
ARG HXT  H N N 40  
ASN N    N N N 41  
ASN CA   C N S 42  
ASN C    C N N 43  
ASN O    O N N 44  
ASN CB   C N N 45  
ASN CG   C N N 46  
ASN OD1  O N N 47  
ASN ND2  N N N 48  
ASN OXT  O N N 49  
ASN H    H N N 50  
ASN H2   H N N 51  
ASN HA   H N N 52  
ASN HB2  H N N 53  
ASN HB3  H N N 54  
ASN HD21 H N N 55  
ASN HD22 H N N 56  
ASN HXT  H N N 57  
ASP N    N N N 58  
ASP CA   C N S 59  
ASP C    C N N 60  
ASP O    O N N 61  
ASP CB   C N N 62  
ASP CG   C N N 63  
ASP OD1  O N N 64  
ASP OD2  O N N 65  
ASP OXT  O N N 66  
ASP H    H N N 67  
ASP H2   H N N 68  
ASP HA   H N N 69  
ASP HB2  H N N 70  
ASP HB3  H N N 71  
ASP HD2  H N N 72  
ASP HXT  H N N 73  
CYS N    N N N 74  
CYS CA   C N R 75  
CYS C    C N N 76  
CYS O    O N N 77  
CYS CB   C N N 78  
CYS SG   S N N 79  
CYS OXT  O N N 80  
CYS H    H N N 81  
CYS H2   H N N 82  
CYS HA   H N N 83  
CYS HB2  H N N 84  
CYS HB3  H N N 85  
CYS HG   H N N 86  
CYS HXT  H N N 87  
GLN N    N N N 88  
GLN CA   C N S 89  
GLN C    C N N 90  
GLN O    O N N 91  
GLN CB   C N N 92  
GLN CG   C N N 93  
GLN CD   C N N 94  
GLN OE1  O N N 95  
GLN NE2  N N N 96  
GLN OXT  O N N 97  
GLN H    H N N 98  
GLN H2   H N N 99  
GLN HA   H N N 100 
GLN HB2  H N N 101 
GLN HB3  H N N 102 
GLN HG2  H N N 103 
GLN HG3  H N N 104 
GLN HE21 H N N 105 
GLN HE22 H N N 106 
GLN HXT  H N N 107 
GLU N    N N N 108 
GLU CA   C N S 109 
GLU C    C N N 110 
GLU O    O N N 111 
GLU CB   C N N 112 
GLU CG   C N N 113 
GLU CD   C N N 114 
GLU OE1  O N N 115 
GLU OE2  O N N 116 
GLU OXT  O N N 117 
GLU H    H N N 118 
GLU H2   H N N 119 
GLU HA   H N N 120 
GLU HB2  H N N 121 
GLU HB3  H N N 122 
GLU HG2  H N N 123 
GLU HG3  H N N 124 
GLU HE2  H N N 125 
GLU HXT  H N N 126 
GLY N    N N N 127 
GLY CA   C N N 128 
GLY C    C N N 129 
GLY O    O N N 130 
GLY OXT  O N N 131 
GLY H    H N N 132 
GLY H2   H N N 133 
GLY HA2  H N N 134 
GLY HA3  H N N 135 
GLY HXT  H N N 136 
HIS N    N N N 137 
HIS CA   C N S 138 
HIS C    C N N 139 
HIS O    O N N 140 
HIS CB   C N N 141 
HIS CG   C Y N 142 
HIS ND1  N Y N 143 
HIS CD2  C Y N 144 
HIS CE1  C Y N 145 
HIS NE2  N Y N 146 
HIS OXT  O N N 147 
HIS H    H N N 148 
HIS H2   H N N 149 
HIS HA   H N N 150 
HIS HB2  H N N 151 
HIS HB3  H N N 152 
HIS HD1  H N N 153 
HIS HD2  H N N 154 
HIS HE1  H N N 155 
HIS HE2  H N N 156 
HIS HXT  H N N 157 
HOH O    O N N 158 
HOH H1   H N N 159 
HOH H2   H N N 160 
ILE N    N N N 161 
ILE CA   C N S 162 
ILE C    C N N 163 
ILE O    O N N 164 
ILE CB   C N S 165 
ILE CG1  C N N 166 
ILE CG2  C N N 167 
ILE CD1  C N N 168 
ILE OXT  O N N 169 
ILE H    H N N 170 
ILE H2   H N N 171 
ILE HA   H N N 172 
ILE HB   H N N 173 
ILE HG12 H N N 174 
ILE HG13 H N N 175 
ILE HG21 H N N 176 
ILE HG22 H N N 177 
ILE HG23 H N N 178 
ILE HD11 H N N 179 
ILE HD12 H N N 180 
ILE HD13 H N N 181 
ILE HXT  H N N 182 
LEU N    N N N 183 
LEU CA   C N S 184 
LEU C    C N N 185 
LEU O    O N N 186 
LEU CB   C N N 187 
LEU CG   C N N 188 
LEU CD1  C N N 189 
LEU CD2  C N N 190 
LEU OXT  O N N 191 
LEU H    H N N 192 
LEU H2   H N N 193 
LEU HA   H N N 194 
LEU HB2  H N N 195 
LEU HB3  H N N 196 
LEU HG   H N N 197 
LEU HD11 H N N 198 
LEU HD12 H N N 199 
LEU HD13 H N N 200 
LEU HD21 H N N 201 
LEU HD22 H N N 202 
LEU HD23 H N N 203 
LEU HXT  H N N 204 
LYS N    N N N 205 
LYS CA   C N S 206 
LYS C    C N N 207 
LYS O    O N N 208 
LYS CB   C N N 209 
LYS CG   C N N 210 
LYS CD   C N N 211 
LYS CE   C N N 212 
LYS NZ   N N N 213 
LYS OXT  O N N 214 
LYS H    H N N 215 
LYS H2   H N N 216 
LYS HA   H N N 217 
LYS HB2  H N N 218 
LYS HB3  H N N 219 
LYS HG2  H N N 220 
LYS HG3  H N N 221 
LYS HD2  H N N 222 
LYS HD3  H N N 223 
LYS HE2  H N N 224 
LYS HE3  H N N 225 
LYS HZ1  H N N 226 
LYS HZ2  H N N 227 
LYS HZ3  H N N 228 
LYS HXT  H N N 229 
MET N    N N N 230 
MET CA   C N S 231 
MET C    C N N 232 
MET O    O N N 233 
MET CB   C N N 234 
MET CG   C N N 235 
MET SD   S N N 236 
MET CE   C N N 237 
MET OXT  O N N 238 
MET H    H N N 239 
MET H2   H N N 240 
MET HA   H N N 241 
MET HB2  H N N 242 
MET HB3  H N N 243 
MET HG2  H N N 244 
MET HG3  H N N 245 
MET HE1  H N N 246 
MET HE2  H N N 247 
MET HE3  H N N 248 
MET HXT  H N N 249 
PHE N    N N N 250 
PHE CA   C N S 251 
PHE C    C N N 252 
PHE O    O N N 253 
PHE CB   C N N 254 
PHE CG   C Y N 255 
PHE CD1  C Y N 256 
PHE CD2  C Y N 257 
PHE CE1  C Y N 258 
PHE CE2  C Y N 259 
PHE CZ   C Y N 260 
PHE OXT  O N N 261 
PHE H    H N N 262 
PHE H2   H N N 263 
PHE HA   H N N 264 
PHE HB2  H N N 265 
PHE HB3  H N N 266 
PHE HD1  H N N 267 
PHE HD2  H N N 268 
PHE HE1  H N N 269 
PHE HE2  H N N 270 
PHE HZ   H N N 271 
PHE HXT  H N N 272 
PRO N    N N N 273 
PRO CA   C N S 274 
PRO C    C N N 275 
PRO O    O N N 276 
PRO CB   C N N 277 
PRO CG   C N N 278 
PRO CD   C N N 279 
PRO OXT  O N N 280 
PRO H    H N N 281 
PRO HA   H N N 282 
PRO HB2  H N N 283 
PRO HB3  H N N 284 
PRO HG2  H N N 285 
PRO HG3  H N N 286 
PRO HD2  H N N 287 
PRO HD3  H N N 288 
PRO HXT  H N N 289 
SER N    N N N 290 
SER CA   C N S 291 
SER C    C N N 292 
SER O    O N N 293 
SER CB   C N N 294 
SER OG   O N N 295 
SER OXT  O N N 296 
SER H    H N N 297 
SER H2   H N N 298 
SER HA   H N N 299 
SER HB2  H N N 300 
SER HB3  H N N 301 
SER HG   H N N 302 
SER HXT  H N N 303 
THR N    N N N 304 
THR CA   C N S 305 
THR C    C N N 306 
THR O    O N N 307 
THR CB   C N R 308 
THR OG1  O N N 309 
THR CG2  C N N 310 
THR OXT  O N N 311 
THR H    H N N 312 
THR H2   H N N 313 
THR HA   H N N 314 
THR HB   H N N 315 
THR HG1  H N N 316 
THR HG21 H N N 317 
THR HG22 H N N 318 
THR HG23 H N N 319 
THR HXT  H N N 320 
TRP N    N N N 321 
TRP CA   C N S 322 
TRP C    C N N 323 
TRP O    O N N 324 
TRP CB   C N N 325 
TRP CG   C Y N 326 
TRP CD1  C Y N 327 
TRP CD2  C Y N 328 
TRP NE1  N Y N 329 
TRP CE2  C Y N 330 
TRP CE3  C Y N 331 
TRP CZ2  C Y N 332 
TRP CZ3  C Y N 333 
TRP CH2  C Y N 334 
TRP OXT  O N N 335 
TRP H    H N N 336 
TRP H2   H N N 337 
TRP HA   H N N 338 
TRP HB2  H N N 339 
TRP HB3  H N N 340 
TRP HD1  H N N 341 
TRP HE1  H N N 342 
TRP HE3  H N N 343 
TRP HZ2  H N N 344 
TRP HZ3  H N N 345 
TRP HH2  H N N 346 
TRP HXT  H N N 347 
TYR N    N N N 348 
TYR CA   C N S 349 
TYR C    C N N 350 
TYR O    O N N 351 
TYR CB   C N N 352 
TYR CG   C Y N 353 
TYR CD1  C Y N 354 
TYR CD2  C Y N 355 
TYR CE1  C Y N 356 
TYR CE2  C Y N 357 
TYR CZ   C Y N 358 
TYR OH   O N N 359 
TYR OXT  O N N 360 
TYR H    H N N 361 
TYR H2   H N N 362 
TYR HA   H N N 363 
TYR HB2  H N N 364 
TYR HB3  H N N 365 
TYR HD1  H N N 366 
TYR HD2  H N N 367 
TYR HE1  H N N 368 
TYR HE2  H N N 369 
TYR HH   H N N 370 
TYR HXT  H N N 371 
VAL N    N N N 372 
VAL CA   C N S 373 
VAL C    C N N 374 
VAL O    O N N 375 
VAL CB   C N N 376 
VAL CG1  C N N 377 
VAL CG2  C N N 378 
VAL OXT  O N N 379 
VAL H    H N N 380 
VAL H2   H N N 381 
VAL HA   H N N 382 
VAL HB   H N N 383 
VAL HG11 H N N 384 
VAL HG12 H N N 385 
VAL HG13 H N N 386 
VAL HG21 H N N 387 
VAL HG22 H N N 388 
VAL HG23 H N N 389 
VAL HXT  H N N 390 
# 
loop_
_chem_comp_bond.comp_id 
_chem_comp_bond.atom_id_1 
_chem_comp_bond.atom_id_2 
_chem_comp_bond.value_order 
_chem_comp_bond.pdbx_aromatic_flag 
_chem_comp_bond.pdbx_stereo_config 
_chem_comp_bond.pdbx_ordinal 
ALA N   CA   sing N N 1   
ALA N   H    sing N N 2   
ALA N   H2   sing N N 3   
ALA CA  C    sing N N 4   
ALA CA  CB   sing N N 5   
ALA CA  HA   sing N N 6   
ALA C   O    doub N N 7   
ALA C   OXT  sing N N 8   
ALA CB  HB1  sing N N 9   
ALA CB  HB2  sing N N 10  
ALA CB  HB3  sing N N 11  
ALA OXT HXT  sing N N 12  
ARG N   CA   sing N N 13  
ARG N   H    sing N N 14  
ARG N   H2   sing N N 15  
ARG CA  C    sing N N 16  
ARG CA  CB   sing N N 17  
ARG CA  HA   sing N N 18  
ARG C   O    doub N N 19  
ARG C   OXT  sing N N 20  
ARG CB  CG   sing N N 21  
ARG CB  HB2  sing N N 22  
ARG CB  HB3  sing N N 23  
ARG CG  CD   sing N N 24  
ARG CG  HG2  sing N N 25  
ARG CG  HG3  sing N N 26  
ARG CD  NE   sing N N 27  
ARG CD  HD2  sing N N 28  
ARG CD  HD3  sing N N 29  
ARG NE  CZ   sing N N 30  
ARG NE  HE   sing N N 31  
ARG CZ  NH1  sing N N 32  
ARG CZ  NH2  doub N N 33  
ARG NH1 HH11 sing N N 34  
ARG NH1 HH12 sing N N 35  
ARG NH2 HH21 sing N N 36  
ARG NH2 HH22 sing N N 37  
ARG OXT HXT  sing N N 38  
ASN N   CA   sing N N 39  
ASN N   H    sing N N 40  
ASN N   H2   sing N N 41  
ASN CA  C    sing N N 42  
ASN CA  CB   sing N N 43  
ASN CA  HA   sing N N 44  
ASN C   O    doub N N 45  
ASN C   OXT  sing N N 46  
ASN CB  CG   sing N N 47  
ASN CB  HB2  sing N N 48  
ASN CB  HB3  sing N N 49  
ASN CG  OD1  doub N N 50  
ASN CG  ND2  sing N N 51  
ASN ND2 HD21 sing N N 52  
ASN ND2 HD22 sing N N 53  
ASN OXT HXT  sing N N 54  
ASP N   CA   sing N N 55  
ASP N   H    sing N N 56  
ASP N   H2   sing N N 57  
ASP CA  C    sing N N 58  
ASP CA  CB   sing N N 59  
ASP CA  HA   sing N N 60  
ASP C   O    doub N N 61  
ASP C   OXT  sing N N 62  
ASP CB  CG   sing N N 63  
ASP CB  HB2  sing N N 64  
ASP CB  HB3  sing N N 65  
ASP CG  OD1  doub N N 66  
ASP CG  OD2  sing N N 67  
ASP OD2 HD2  sing N N 68  
ASP OXT HXT  sing N N 69  
CYS N   CA   sing N N 70  
CYS N   H    sing N N 71  
CYS N   H2   sing N N 72  
CYS CA  C    sing N N 73  
CYS CA  CB   sing N N 74  
CYS CA  HA   sing N N 75  
CYS C   O    doub N N 76  
CYS C   OXT  sing N N 77  
CYS CB  SG   sing N N 78  
CYS CB  HB2  sing N N 79  
CYS CB  HB3  sing N N 80  
CYS SG  HG   sing N N 81  
CYS OXT HXT  sing N N 82  
GLN N   CA   sing N N 83  
GLN N   H    sing N N 84  
GLN N   H2   sing N N 85  
GLN CA  C    sing N N 86  
GLN CA  CB   sing N N 87  
GLN CA  HA   sing N N 88  
GLN C   O    doub N N 89  
GLN C   OXT  sing N N 90  
GLN CB  CG   sing N N 91  
GLN CB  HB2  sing N N 92  
GLN CB  HB3  sing N N 93  
GLN CG  CD   sing N N 94  
GLN CG  HG2  sing N N 95  
GLN CG  HG3  sing N N 96  
GLN CD  OE1  doub N N 97  
GLN CD  NE2  sing N N 98  
GLN NE2 HE21 sing N N 99  
GLN NE2 HE22 sing N N 100 
GLN OXT HXT  sing N N 101 
GLU N   CA   sing N N 102 
GLU N   H    sing N N 103 
GLU N   H2   sing N N 104 
GLU CA  C    sing N N 105 
GLU CA  CB   sing N N 106 
GLU CA  HA   sing N N 107 
GLU C   O    doub N N 108 
GLU C   OXT  sing N N 109 
GLU CB  CG   sing N N 110 
GLU CB  HB2  sing N N 111 
GLU CB  HB3  sing N N 112 
GLU CG  CD   sing N N 113 
GLU CG  HG2  sing N N 114 
GLU CG  HG3  sing N N 115 
GLU CD  OE1  doub N N 116 
GLU CD  OE2  sing N N 117 
GLU OE2 HE2  sing N N 118 
GLU OXT HXT  sing N N 119 
GLY N   CA   sing N N 120 
GLY N   H    sing N N 121 
GLY N   H2   sing N N 122 
GLY CA  C    sing N N 123 
GLY CA  HA2  sing N N 124 
GLY CA  HA3  sing N N 125 
GLY C   O    doub N N 126 
GLY C   OXT  sing N N 127 
GLY OXT HXT  sing N N 128 
HIS N   CA   sing N N 129 
HIS N   H    sing N N 130 
HIS N   H2   sing N N 131 
HIS CA  C    sing N N 132 
HIS CA  CB   sing N N 133 
HIS CA  HA   sing N N 134 
HIS C   O    doub N N 135 
HIS C   OXT  sing N N 136 
HIS CB  CG   sing N N 137 
HIS CB  HB2  sing N N 138 
HIS CB  HB3  sing N N 139 
HIS CG  ND1  sing Y N 140 
HIS CG  CD2  doub Y N 141 
HIS ND1 CE1  doub Y N 142 
HIS ND1 HD1  sing N N 143 
HIS CD2 NE2  sing Y N 144 
HIS CD2 HD2  sing N N 145 
HIS CE1 NE2  sing Y N 146 
HIS CE1 HE1  sing N N 147 
HIS NE2 HE2  sing N N 148 
HIS OXT HXT  sing N N 149 
HOH O   H1   sing N N 150 
HOH O   H2   sing N N 151 
ILE N   CA   sing N N 152 
ILE N   H    sing N N 153 
ILE N   H2   sing N N 154 
ILE CA  C    sing N N 155 
ILE CA  CB   sing N N 156 
ILE CA  HA   sing N N 157 
ILE C   O    doub N N 158 
ILE C   OXT  sing N N 159 
ILE CB  CG1  sing N N 160 
ILE CB  CG2  sing N N 161 
ILE CB  HB   sing N N 162 
ILE CG1 CD1  sing N N 163 
ILE CG1 HG12 sing N N 164 
ILE CG1 HG13 sing N N 165 
ILE CG2 HG21 sing N N 166 
ILE CG2 HG22 sing N N 167 
ILE CG2 HG23 sing N N 168 
ILE CD1 HD11 sing N N 169 
ILE CD1 HD12 sing N N 170 
ILE CD1 HD13 sing N N 171 
ILE OXT HXT  sing N N 172 
LEU N   CA   sing N N 173 
LEU N   H    sing N N 174 
LEU N   H2   sing N N 175 
LEU CA  C    sing N N 176 
LEU CA  CB   sing N N 177 
LEU CA  HA   sing N N 178 
LEU C   O    doub N N 179 
LEU C   OXT  sing N N 180 
LEU CB  CG   sing N N 181 
LEU CB  HB2  sing N N 182 
LEU CB  HB3  sing N N 183 
LEU CG  CD1  sing N N 184 
LEU CG  CD2  sing N N 185 
LEU CG  HG   sing N N 186 
LEU CD1 HD11 sing N N 187 
LEU CD1 HD12 sing N N 188 
LEU CD1 HD13 sing N N 189 
LEU CD2 HD21 sing N N 190 
LEU CD2 HD22 sing N N 191 
LEU CD2 HD23 sing N N 192 
LEU OXT HXT  sing N N 193 
LYS N   CA   sing N N 194 
LYS N   H    sing N N 195 
LYS N   H2   sing N N 196 
LYS CA  C    sing N N 197 
LYS CA  CB   sing N N 198 
LYS CA  HA   sing N N 199 
LYS C   O    doub N N 200 
LYS C   OXT  sing N N 201 
LYS CB  CG   sing N N 202 
LYS CB  HB2  sing N N 203 
LYS CB  HB3  sing N N 204 
LYS CG  CD   sing N N 205 
LYS CG  HG2  sing N N 206 
LYS CG  HG3  sing N N 207 
LYS CD  CE   sing N N 208 
LYS CD  HD2  sing N N 209 
LYS CD  HD3  sing N N 210 
LYS CE  NZ   sing N N 211 
LYS CE  HE2  sing N N 212 
LYS CE  HE3  sing N N 213 
LYS NZ  HZ1  sing N N 214 
LYS NZ  HZ2  sing N N 215 
LYS NZ  HZ3  sing N N 216 
LYS OXT HXT  sing N N 217 
MET N   CA   sing N N 218 
MET N   H    sing N N 219 
MET N   H2   sing N N 220 
MET CA  C    sing N N 221 
MET CA  CB   sing N N 222 
MET CA  HA   sing N N 223 
MET C   O    doub N N 224 
MET C   OXT  sing N N 225 
MET CB  CG   sing N N 226 
MET CB  HB2  sing N N 227 
MET CB  HB3  sing N N 228 
MET CG  SD   sing N N 229 
MET CG  HG2  sing N N 230 
MET CG  HG3  sing N N 231 
MET SD  CE   sing N N 232 
MET CE  HE1  sing N N 233 
MET CE  HE2  sing N N 234 
MET CE  HE3  sing N N 235 
MET OXT HXT  sing N N 236 
PHE N   CA   sing N N 237 
PHE N   H    sing N N 238 
PHE N   H2   sing N N 239 
PHE CA  C    sing N N 240 
PHE CA  CB   sing N N 241 
PHE CA  HA   sing N N 242 
PHE C   O    doub N N 243 
PHE C   OXT  sing N N 244 
PHE CB  CG   sing N N 245 
PHE CB  HB2  sing N N 246 
PHE CB  HB3  sing N N 247 
PHE CG  CD1  doub Y N 248 
PHE CG  CD2  sing Y N 249 
PHE CD1 CE1  sing Y N 250 
PHE CD1 HD1  sing N N 251 
PHE CD2 CE2  doub Y N 252 
PHE CD2 HD2  sing N N 253 
PHE CE1 CZ   doub Y N 254 
PHE CE1 HE1  sing N N 255 
PHE CE2 CZ   sing Y N 256 
PHE CE2 HE2  sing N N 257 
PHE CZ  HZ   sing N N 258 
PHE OXT HXT  sing N N 259 
PRO N   CA   sing N N 260 
PRO N   CD   sing N N 261 
PRO N   H    sing N N 262 
PRO CA  C    sing N N 263 
PRO CA  CB   sing N N 264 
PRO CA  HA   sing N N 265 
PRO C   O    doub N N 266 
PRO C   OXT  sing N N 267 
PRO CB  CG   sing N N 268 
PRO CB  HB2  sing N N 269 
PRO CB  HB3  sing N N 270 
PRO CG  CD   sing N N 271 
PRO CG  HG2  sing N N 272 
PRO CG  HG3  sing N N 273 
PRO CD  HD2  sing N N 274 
PRO CD  HD3  sing N N 275 
PRO OXT HXT  sing N N 276 
SER N   CA   sing N N 277 
SER N   H    sing N N 278 
SER N   H2   sing N N 279 
SER CA  C    sing N N 280 
SER CA  CB   sing N N 281 
SER CA  HA   sing N N 282 
SER C   O    doub N N 283 
SER C   OXT  sing N N 284 
SER CB  OG   sing N N 285 
SER CB  HB2  sing N N 286 
SER CB  HB3  sing N N 287 
SER OG  HG   sing N N 288 
SER OXT HXT  sing N N 289 
THR N   CA   sing N N 290 
THR N   H    sing N N 291 
THR N   H2   sing N N 292 
THR CA  C    sing N N 293 
THR CA  CB   sing N N 294 
THR CA  HA   sing N N 295 
THR C   O    doub N N 296 
THR C   OXT  sing N N 297 
THR CB  OG1  sing N N 298 
THR CB  CG2  sing N N 299 
THR CB  HB   sing N N 300 
THR OG1 HG1  sing N N 301 
THR CG2 HG21 sing N N 302 
THR CG2 HG22 sing N N 303 
THR CG2 HG23 sing N N 304 
THR OXT HXT  sing N N 305 
TRP N   CA   sing N N 306 
TRP N   H    sing N N 307 
TRP N   H2   sing N N 308 
TRP CA  C    sing N N 309 
TRP CA  CB   sing N N 310 
TRP CA  HA   sing N N 311 
TRP C   O    doub N N 312 
TRP C   OXT  sing N N 313 
TRP CB  CG   sing N N 314 
TRP CB  HB2  sing N N 315 
TRP CB  HB3  sing N N 316 
TRP CG  CD1  doub Y N 317 
TRP CG  CD2  sing Y N 318 
TRP CD1 NE1  sing Y N 319 
TRP CD1 HD1  sing N N 320 
TRP CD2 CE2  doub Y N 321 
TRP CD2 CE3  sing Y N 322 
TRP NE1 CE2  sing Y N 323 
TRP NE1 HE1  sing N N 324 
TRP CE2 CZ2  sing Y N 325 
TRP CE3 CZ3  doub Y N 326 
TRP CE3 HE3  sing N N 327 
TRP CZ2 CH2  doub Y N 328 
TRP CZ2 HZ2  sing N N 329 
TRP CZ3 CH2  sing Y N 330 
TRP CZ3 HZ3  sing N N 331 
TRP CH2 HH2  sing N N 332 
TRP OXT HXT  sing N N 333 
TYR N   CA   sing N N 334 
TYR N   H    sing N N 335 
TYR N   H2   sing N N 336 
TYR CA  C    sing N N 337 
TYR CA  CB   sing N N 338 
TYR CA  HA   sing N N 339 
TYR C   O    doub N N 340 
TYR C   OXT  sing N N 341 
TYR CB  CG   sing N N 342 
TYR CB  HB2  sing N N 343 
TYR CB  HB3  sing N N 344 
TYR CG  CD1  doub Y N 345 
TYR CG  CD2  sing Y N 346 
TYR CD1 CE1  sing Y N 347 
TYR CD1 HD1  sing N N 348 
TYR CD2 CE2  doub Y N 349 
TYR CD2 HD2  sing N N 350 
TYR CE1 CZ   doub Y N 351 
TYR CE1 HE1  sing N N 352 
TYR CE2 CZ   sing Y N 353 
TYR CE2 HE2  sing N N 354 
TYR CZ  OH   sing N N 355 
TYR OH  HH   sing N N 356 
TYR OXT HXT  sing N N 357 
VAL N   CA   sing N N 358 
VAL N   H    sing N N 359 
VAL N   H2   sing N N 360 
VAL CA  C    sing N N 361 
VAL CA  CB   sing N N 362 
VAL CA  HA   sing N N 363 
VAL C   O    doub N N 364 
VAL C   OXT  sing N N 365 
VAL CB  CG1  sing N N 366 
VAL CB  CG2  sing N N 367 
VAL CB  HB   sing N N 368 
VAL CG1 HG11 sing N N 369 
VAL CG1 HG12 sing N N 370 
VAL CG1 HG13 sing N N 371 
VAL CG2 HG21 sing N N 372 
VAL CG2 HG22 sing N N 373 
VAL CG2 HG23 sing N N 374 
VAL OXT HXT  sing N N 375 
# 
_pdbx_entity_nonpoly.entity_id   2 
_pdbx_entity_nonpoly.name        water 
_pdbx_entity_nonpoly.comp_id     HOH 
# 
_pdbx_initial_refinement_model.id               1 
_pdbx_initial_refinement_model.entity_id_list   ? 
_pdbx_initial_refinement_model.type             'experimental model' 
_pdbx_initial_refinement_model.source_name      PDB 
_pdbx_initial_refinement_model.accession_code   1EJE 
_pdbx_initial_refinement_model.details          ? 
# 
